data_8SQZ
#
_entry.id   8SQZ
#
_cell.length_a   1.00
_cell.length_b   1.00
_cell.length_c   1.00
_cell.angle_alpha   90.00
_cell.angle_beta   90.00
_cell.angle_gamma   90.00
#
_symmetry.space_group_name_H-M   'P 1'
#
loop_
_entity.id
_entity.type
_entity.pdbx_description
1 polymer 'RB1-inducible coiled-coil protein 1'
2 polymer 'Serine/threonine-protein kinase ULK1'
3 polymer 'Autophagy-related protein 13'
#
loop_
_entity_poly.entity_id
_entity_poly.type
_entity_poly.pdbx_seq_one_letter_code
_entity_poly.pdbx_strand_id
1 'polypeptide(L)'
;MKLYVFLVNTGTTLTFDTELTVQTVADLKHAIQSKYKIAIQHQVLVVNGGECMAADRRVCTYSAGTDTNPIFLFNKEMIL
CDRPPAIPKTTFSTENDMEIKVEESLMMPAVFHTVASRTQLALEMYEVAKKLCSFCEGLVHDEHLQHQGWAAIMANLEDC
SNSYQKLLFKFESIYSNYLQSIEDIKLKLTHLGTAVSVMAKIPLLECLTRHSYRECLGRLDSLPEHEDSEKAEMKRSTEL
VLSPDMPRTTNESLLTSFPKSVEHVSPDTADAESGKEIRESCQSTVHQQDETTIDTKDGDLPFFNVSLLDWINVQDRPND
VESLVRKCFDSMSRLDPRIIRPFIAECRQTIAKLDNQNMKAIKGLEDRLYALDQMIASCGRLVNEQKELAQGFLANQKRA
ENLKDASVLPDLCLSHANQLMIMLQNHRKLLDIKQKCTTAKQELANNLHVRLKWCCFVMLHADQDGEKLQALLRLVIELL
ERVKIVEALSTVPQMYCLAVVEVVRRKMFIKHYREWAGALVKDGKRLYEAEKSKRESFGKLFRKSFLRNRLFRGLDSWPP
SFCTQKPRKFDCELPDISLKDLQFLQSFCPSEVQPFLRVPLLCDFEPLHQHVLALHNLVKAAQSLDEMSQTITDLLSEQK
;
A,B
2 'polypeptide(L)'
;MEQEHTEILRGLRFTLLFVQHVLEIAALKGSASEAAGGPEYQLQESVVADQISLLSREWGFAEQLVLYLKVAELLSSGLQ
SAIDQIRAGKLCLSSTVKQVVRRLNELYKASVVSCQGLSLRLQRFFLDKQRLLDRIHSITAERLIFSHAVQMVQSAALDE
MFQHREGCVPRYHKALLLLEGLQHMLSDQADIENVTKCKLCIERRLSALLTGICA
;
C,D
3 'polypeptide(L)'
;HDVLETIFVRKVGAFVNKPINQVTLTSLDIPFAMFAPKNLELEDTDPMVNPPDSPETESPLQGSLHSDGSSGGSSGNTHD
DFVMIDFKPAFSKDDILPMDLGTFYREFQNPPQLSSLSIDIGAQSMAEDLDSLPEKLAVHEKNVREFDAFVETLQ
;
E,F
#
# COMPACT_ATOMS: atom_id res chain seq x y z
N MET A 1 38.39 18.23 42.82
CA MET A 1 39.75 18.59 43.20
C MET A 1 40.70 17.40 43.07
N LYS A 2 42.00 17.70 42.90
CA LYS A 2 42.99 16.66 42.76
C LYS A 2 43.20 15.92 44.09
N LEU A 3 43.72 14.70 43.99
CA LEU A 3 43.86 13.85 45.16
C LEU A 3 45.07 14.26 45.99
N TYR A 4 44.80 14.72 47.22
CA TYR A 4 45.88 14.87 48.18
C TYR A 4 46.47 13.54 48.60
N VAL A 5 45.77 12.44 48.31
CA VAL A 5 46.34 11.11 48.49
C VAL A 5 47.46 10.90 47.48
N PHE A 6 48.57 10.36 47.95
CA PHE A 6 49.76 10.20 47.14
C PHE A 6 49.81 8.82 46.49
N LEU A 7 50.93 8.51 45.84
CA LEU A 7 51.09 7.26 45.11
C LEU A 7 51.66 6.20 46.02
N VAL A 8 50.87 5.16 46.29
CA VAL A 8 51.31 4.09 47.18
C VAL A 8 52.47 3.32 46.58
N ASN A 9 52.39 3.02 45.28
CA ASN A 9 53.41 2.19 44.64
C ASN A 9 54.80 2.75 44.85
N THR A 10 54.94 4.07 44.76
CA THR A 10 56.19 4.73 45.11
C THR A 10 56.22 5.22 46.53
N GLY A 11 55.09 5.19 47.24
CA GLY A 11 55.05 5.69 48.60
C GLY A 11 55.48 7.13 48.71
N THR A 12 55.10 7.96 47.75
CA THR A 12 55.58 9.34 47.68
C THR A 12 54.54 10.19 46.97
N THR A 13 54.69 11.51 47.12
CA THR A 13 53.70 12.46 46.62
C THR A 13 54.04 12.91 45.19
N LEU A 14 52.99 13.26 44.45
CA LEU A 14 53.09 13.79 43.10
C LEU A 14 51.76 14.43 42.75
N THR A 15 51.62 14.89 41.51
CA THR A 15 50.41 15.59 41.12
C THR A 15 50.23 15.53 39.60
N PHE A 16 49.00 15.86 39.17
CA PHE A 16 48.61 15.93 37.77
C PHE A 16 47.26 16.63 37.70
N ASP A 17 46.89 17.07 36.50
CA ASP A 17 45.63 17.77 36.31
C ASP A 17 44.44 16.84 36.57
N THR A 18 43.39 17.39 37.18
CA THR A 18 42.27 16.56 37.64
C THR A 18 41.45 16.00 36.48
N GLU A 19 41.51 16.59 35.30
CA GLU A 19 40.71 16.14 34.18
C GLU A 19 41.32 14.97 33.44
N LEU A 20 42.26 14.26 34.06
CA LEU A 20 42.97 13.18 33.39
C LEU A 20 42.12 11.95 33.15
N THR A 21 40.86 11.94 33.60
CA THR A 21 40.03 10.75 33.47
C THR A 21 39.86 10.32 32.01
N VAL A 22 39.84 11.28 31.09
CA VAL A 22 39.72 10.95 29.68
C VAL A 22 41.01 10.35 29.13
N GLN A 23 42.15 10.64 29.75
CA GLN A 23 43.41 10.07 29.30
C GLN A 23 43.42 8.56 29.50
N THR A 24 43.95 7.86 28.51
CA THR A 24 43.95 6.40 28.53
C THR A 24 44.89 5.86 29.60
N VAL A 25 44.71 4.57 29.92
CA VAL A 25 45.62 3.90 30.83
C VAL A 25 47.02 3.83 30.22
N ALA A 26 47.09 3.58 28.91
CA ALA A 26 48.37 3.73 28.22
C ALA A 26 48.83 5.18 28.21
N ASP A 27 47.88 6.12 28.11
CA ASP A 27 48.22 7.52 28.30
C ASP A 27 48.67 7.77 29.75
N LEU A 28 48.09 7.03 30.70
CA LEU A 28 48.59 7.09 32.07
C LEU A 28 50.02 6.60 32.15
N LYS A 29 50.35 5.57 31.38
CA LYS A 29 51.73 5.10 31.31
C LYS A 29 52.64 6.17 30.71
N HIS A 30 52.16 6.88 29.69
CA HIS A 30 52.95 7.97 29.12
C HIS A 30 53.19 9.06 30.16
N ALA A 31 52.16 9.38 30.96
CA ALA A 31 52.30 10.39 32.00
C ALA A 31 53.30 9.95 33.06
N ILE A 32 53.22 8.69 33.51
CA ILE A 32 54.19 8.16 34.46
C ILE A 32 55.49 7.75 33.80
N GLN A 33 55.63 7.98 32.50
CA GLN A 33 56.84 7.69 31.73
C GLN A 33 57.66 8.94 31.44
N SER A 34 57.01 10.08 31.26
CA SER A 34 57.72 11.34 31.03
C SER A 34 58.79 11.50 32.10
N LYS A 35 58.44 11.13 33.33
CA LYS A 35 59.39 10.81 34.38
C LYS A 35 58.87 9.58 35.10
N TYR A 36 59.79 8.84 35.73
CA TYR A 36 59.62 7.54 36.38
C TYR A 36 59.64 6.41 35.37
N LYS A 37 59.73 6.69 34.07
CA LYS A 37 60.09 5.71 33.04
C LYS A 37 59.07 4.57 32.90
N ILE A 38 57.79 4.90 32.87
CA ILE A 38 56.79 3.89 32.55
C ILE A 38 56.88 3.52 31.06
N ALA A 39 56.13 2.48 30.70
CA ALA A 39 56.09 2.05 29.31
C ALA A 39 54.75 1.41 29.02
N ILE A 40 54.42 1.32 27.72
CA ILE A 40 53.20 0.64 27.31
C ILE A 40 53.26 -0.84 27.63
N GLN A 41 54.45 -1.35 27.95
CA GLN A 41 54.66 -2.74 28.35
C GLN A 41 55.57 -2.80 29.58
N HIS A 42 55.24 -2.00 30.60
CA HIS A 42 56.14 -1.79 31.72
C HIS A 42 56.03 -2.85 32.82
N GLN A 43 54.84 -3.37 33.09
CA GLN A 43 54.65 -4.27 34.23
C GLN A 43 53.59 -5.31 33.91
N VAL A 44 53.62 -6.42 34.67
CA VAL A 44 52.67 -7.52 34.49
C VAL A 44 51.33 -7.24 35.12
N LEU A 45 51.13 -6.04 35.66
CA LEU A 45 49.88 -5.72 36.31
C LEU A 45 48.73 -5.75 35.31
N VAL A 46 47.54 -6.11 35.81
CA VAL A 46 46.31 -6.16 35.04
C VAL A 46 45.21 -5.51 35.87
N VAL A 47 43.98 -5.52 35.35
CA VAL A 47 42.87 -4.88 36.03
C VAL A 47 41.91 -5.94 36.56
N ASN A 48 41.30 -5.63 37.70
CA ASN A 48 40.29 -6.48 38.31
C ASN A 48 40.76 -7.91 38.52
N GLY A 49 39.88 -8.88 38.29
CA GLY A 49 40.18 -10.27 38.58
C GLY A 49 41.11 -10.94 37.59
N GLY A 50 42.31 -10.39 37.45
CA GLY A 50 43.32 -11.00 36.58
C GLY A 50 42.97 -10.97 35.11
N GLU A 51 42.76 -9.78 34.55
CA GLU A 51 42.46 -9.65 33.14
C GLU A 51 42.80 -8.24 32.69
N CYS A 52 42.90 -8.08 31.38
CA CYS A 52 43.19 -6.77 30.78
C CYS A 52 41.99 -5.85 30.89
N MET A 53 42.25 -4.55 30.80
CA MET A 53 41.22 -3.53 30.84
C MET A 53 41.01 -2.91 29.45
N ALA A 54 39.89 -2.22 29.29
CA ALA A 54 39.57 -1.51 28.05
C ALA A 54 40.33 -0.18 28.04
N ALA A 55 41.64 -0.29 27.79
CA ALA A 55 42.53 0.87 27.92
C ALA A 55 42.44 1.83 26.75
N ASP A 56 41.88 1.39 25.61
CA ASP A 56 41.92 2.23 24.40
C ASP A 56 41.17 3.53 24.62
N ARG A 57 39.95 3.46 25.15
CA ARG A 57 39.13 4.65 25.33
C ARG A 57 39.57 5.38 26.60
N ARG A 58 38.73 6.30 27.07
CA ARG A 58 39.02 7.01 28.32
C ARG A 58 39.15 6.01 29.47
N VAL A 59 40.23 6.16 30.25
CA VAL A 59 40.50 5.21 31.32
C VAL A 59 39.46 5.33 32.43
N CYS A 60 38.70 6.43 32.44
CA CYS A 60 37.60 6.56 33.39
C CYS A 60 36.59 5.45 33.21
N THR A 61 36.39 4.99 31.97
CA THR A 61 35.48 3.86 31.73
C THR A 61 35.93 2.62 32.48
N TYR A 62 37.24 2.42 32.61
CA TYR A 62 37.80 1.38 33.44
C TYR A 62 38.21 1.91 34.81
N SER A 63 37.68 3.07 35.19
CA SER A 63 37.94 3.69 36.49
C SER A 63 39.42 3.96 36.72
N ALA A 64 40.18 4.15 35.65
CA ALA A 64 41.60 4.47 35.75
C ALA A 64 41.84 5.91 35.32
N GLY A 65 42.98 6.44 35.74
CA GLY A 65 43.40 7.78 35.34
C GLY A 65 42.57 8.91 35.90
N THR A 66 41.69 8.65 36.85
CA THR A 66 40.78 9.68 37.34
C THR A 66 41.51 10.68 38.22
N ASP A 67 40.80 11.78 38.53
CA ASP A 67 41.33 12.74 39.49
C ASP A 67 41.56 12.10 40.85
N THR A 68 40.78 11.07 41.18
CA THR A 68 40.93 10.33 42.43
C THR A 68 41.86 9.14 42.28
N ASN A 69 42.82 9.20 41.36
CA ASN A 69 43.68 8.06 41.03
C ASN A 69 45.15 8.46 41.05
N PRO A 70 45.83 8.25 42.18
CA PRO A 70 47.30 8.36 42.18
C PRO A 70 47.95 7.11 41.63
N ILE A 71 49.27 7.17 41.47
CA ILE A 71 49.99 6.08 40.82
C ILE A 71 50.01 4.84 41.70
N PHE A 72 49.67 3.69 41.10
CA PHE A 72 49.68 2.41 41.79
C PHE A 72 49.67 1.27 40.78
N LEU A 73 50.69 0.42 40.82
CA LEU A 73 50.82 -0.67 39.86
C LEU A 73 51.80 -1.69 40.45
N PHE A 74 52.29 -2.59 39.61
CA PHE A 74 53.23 -3.63 40.05
C PHE A 74 54.50 -3.04 40.63
N ASN A 75 54.73 -1.73 40.51
CA ASN A 75 55.87 -1.04 41.10
C ASN A 75 57.19 -1.64 40.59
N LYS A 76 57.41 -1.50 39.28
CA LYS A 76 58.57 -2.07 38.62
C LYS A 76 59.77 -1.11 38.55
N GLU A 77 59.66 0.09 39.11
CA GLU A 77 60.79 1.01 39.07
C GLU A 77 61.96 0.52 39.90
N MET A 78 61.69 -0.28 40.94
CA MET A 78 62.73 -0.79 41.81
C MET A 78 62.31 -2.14 42.35
N ILE A 79 63.22 -3.12 42.31
CA ILE A 79 62.92 -4.49 42.75
C ILE A 79 63.03 -4.49 44.27
N LEU A 80 61.92 -4.20 44.95
CA LEU A 80 61.88 -4.12 46.40
C LEU A 80 62.96 -3.19 46.94
N CYS A 81 63.10 -2.03 46.29
CA CYS A 81 64.17 -1.10 46.57
C CYS A 81 63.66 0.32 46.70
N ASP A 82 64.36 1.12 47.49
CA ASP A 82 64.04 2.53 47.70
C ASP A 82 65.23 3.19 48.37
N ARG A 83 65.08 4.47 48.68
CA ARG A 83 66.13 5.27 49.31
C ARG A 83 65.53 5.91 50.55
N PRO A 84 65.30 5.14 51.61
CA PRO A 84 64.65 5.68 52.79
C PRO A 84 65.58 6.61 53.55
N PRO A 85 65.22 7.88 53.67
CA PRO A 85 66.06 8.79 54.46
C PRO A 85 65.63 8.85 55.92
N ALA A 86 66.32 9.66 56.70
CA ALA A 86 65.99 9.89 58.11
C ALA A 86 65.98 11.39 58.38
N ILE A 87 65.38 11.76 59.51
CA ILE A 87 65.17 13.16 59.83
C ILE A 87 66.50 13.83 60.12
N PRO A 88 66.90 14.85 59.37
CA PRO A 88 68.03 15.68 59.79
C PRO A 88 67.61 16.58 60.95
N LYS A 89 68.50 16.72 61.93
CA LYS A 89 68.19 17.52 63.10
C LYS A 89 69.36 18.39 63.54
N THR A 90 70.39 18.57 62.70
CA THR A 90 71.54 19.36 63.09
C THR A 90 71.16 20.81 63.35
N THR A 91 70.06 21.28 62.73
CA THR A 91 69.59 22.63 62.99
C THR A 91 69.26 22.82 64.47
N PHE A 92 68.63 21.81 65.07
CA PHE A 92 68.37 21.86 66.50
C PHE A 92 69.67 21.91 67.29
N SER A 93 70.67 21.14 66.86
CA SER A 93 71.96 21.15 67.53
C SER A 93 72.55 22.56 67.53
N THR A 94 72.33 23.32 66.46
CA THR A 94 72.75 24.71 66.46
C THR A 94 72.03 25.48 67.55
N GLU A 95 70.72 25.29 67.68
CA GLU A 95 69.98 25.93 68.76
C GLU A 95 70.48 25.45 70.12
N ASN A 96 70.73 24.15 70.24
CA ASN A 96 71.29 23.63 71.48
C ASN A 96 72.70 24.17 71.72
N ASP A 97 73.46 24.39 70.64
CA ASP A 97 74.82 24.89 70.78
C ASP A 97 74.86 26.33 71.29
N MET A 98 73.73 27.02 71.26
CA MET A 98 73.60 28.38 71.76
C MET A 98 72.35 28.50 72.61
N GLU A 99 72.17 27.58 73.55
CA GLU A 99 70.99 27.53 74.40
C GLU A 99 71.21 28.42 75.62
N ILE A 100 70.99 29.72 75.42
CA ILE A 100 71.15 30.71 76.49
C ILE A 100 70.43 31.98 76.07
N LYS A 101 70.12 32.84 77.04
CA LYS A 101 69.64 34.17 76.71
C LYS A 101 70.68 34.89 75.87
N VAL A 102 70.21 35.65 74.88
CA VAL A 102 71.08 36.20 73.85
C VAL A 102 72.01 37.26 74.44
N GLU A 103 73.03 37.67 73.67
CA GLU A 103 73.99 38.67 74.10
C GLU A 103 73.64 40.08 73.66
N GLU A 104 72.43 40.29 73.12
CA GLU A 104 72.02 41.62 72.69
C GLU A 104 72.06 42.62 73.84
N SER A 105 71.89 42.16 75.07
CA SER A 105 72.09 43.00 76.24
C SER A 105 73.45 42.78 76.91
N LEU A 106 74.04 41.60 76.73
CA LEU A 106 75.41 41.33 77.17
C LEU A 106 75.60 41.64 78.65
N MET A 107 74.80 41.00 79.50
CA MET A 107 74.95 41.09 80.95
C MET A 107 74.82 42.51 81.47
N MET A 108 73.96 43.31 80.85
CA MET A 108 73.71 44.66 81.29
C MET A 108 72.85 44.66 82.55
N PRO A 109 72.50 45.83 83.07
CA PRO A 109 71.53 45.89 84.18
C PRO A 109 70.20 45.29 83.74
N ALA A 110 69.53 44.63 84.67
CA ALA A 110 68.40 43.77 84.33
C ALA A 110 67.25 44.53 83.68
N VAL A 111 67.22 45.87 83.84
CA VAL A 111 66.23 46.65 83.12
C VAL A 111 66.31 46.39 81.64
N PHE A 112 67.51 46.03 81.16
CA PHE A 112 67.70 45.66 79.76
C PHE A 112 66.73 44.57 79.36
N HIS A 113 65.89 44.86 78.38
CA HIS A 113 64.86 43.94 77.92
C HIS A 113 64.01 43.45 79.08
N THR A 114 63.59 44.38 79.94
CA THR A 114 62.76 44.01 81.07
C THR A 114 61.38 43.53 80.65
N VAL A 115 61.01 43.72 79.40
CA VAL A 115 59.74 43.21 78.88
C VAL A 115 59.97 42.41 77.62
N ALA A 116 61.14 41.80 77.49
CA ALA A 116 61.44 40.96 76.33
C ALA A 116 62.47 39.92 76.69
N SER A 117 62.50 38.83 75.94
CA SER A 117 63.44 37.73 76.17
C SER A 117 63.53 36.91 74.90
N ARG A 118 64.21 35.76 75.00
CA ARG A 118 64.39 34.86 73.87
C ARG A 118 63.22 33.91 73.67
N THR A 119 62.03 34.26 74.16
CA THR A 119 60.90 33.35 74.07
C THR A 119 60.55 33.03 72.63
N GLN A 120 60.63 34.01 71.75
CA GLN A 120 60.21 33.81 70.37
C GLN A 120 61.13 32.84 69.64
N LEU A 121 62.44 33.07 69.74
CA LEU A 121 63.38 32.11 69.16
C LEU A 121 63.16 30.74 69.74
N ALA A 122 62.91 30.69 71.04
CA ALA A 122 62.44 29.46 71.65
C ALA A 122 61.08 29.06 71.09
N LEU A 123 60.17 30.03 70.92
CA LEU A 123 58.87 29.70 70.33
C LEU A 123 59.04 29.19 68.92
N GLU A 124 59.93 29.81 68.15
CA GLU A 124 60.20 29.33 66.79
C GLU A 124 60.74 27.91 66.82
N MET A 125 61.68 27.64 67.73
CA MET A 125 62.26 26.30 67.80
C MET A 125 61.20 25.26 68.14
N TYR A 126 60.38 25.52 69.15
CA TYR A 126 59.39 24.53 69.57
C TYR A 126 58.32 24.34 68.49
N GLU A 127 57.87 25.42 67.87
CA GLU A 127 56.88 25.28 66.80
C GLU A 127 57.46 24.49 65.63
N VAL A 128 58.72 24.74 65.28
CA VAL A 128 59.34 23.96 64.21
C VAL A 128 59.47 22.50 64.63
N ALA A 129 59.72 22.26 65.91
CA ALA A 129 59.77 20.89 66.39
C ALA A 129 58.42 20.21 66.19
N LYS A 130 57.35 20.90 66.56
CA LYS A 130 56.02 20.35 66.32
C LYS A 130 55.79 20.16 64.83
N LYS A 131 56.34 21.05 64.01
CA LYS A 131 56.23 20.91 62.56
C LYS A 131 56.87 19.62 62.10
N LEU A 132 58.08 19.34 62.60
CA LEU A 132 58.74 18.09 62.26
C LEU A 132 57.94 16.90 62.76
N CYS A 133 57.30 17.04 63.92
CA CYS A 133 56.47 15.97 64.43
C CYS A 133 55.34 15.66 63.46
N SER A 134 54.60 16.69 63.05
CA SER A 134 53.54 16.48 62.08
C SER A 134 54.09 15.97 60.75
N PHE A 135 55.31 16.38 60.42
CA PHE A 135 55.94 15.90 59.20
C PHE A 135 56.18 14.40 59.27
N CYS A 136 56.68 13.94 60.40
CA CYS A 136 56.85 12.50 60.61
C CYS A 136 55.50 11.81 60.57
N GLU A 137 54.47 12.47 61.11
CA GLU A 137 53.13 11.89 61.03
C GLU A 137 52.73 11.67 59.59
N GLY A 138 52.92 12.70 58.75
CA GLY A 138 52.58 12.56 57.36
C GLY A 138 53.41 11.51 56.67
N LEU A 139 54.69 11.43 57.00
CA LEU A 139 55.56 10.43 56.38
C LEU A 139 55.11 9.03 56.76
N VAL A 140 54.77 8.84 58.03
CA VAL A 140 54.26 7.55 58.47
C VAL A 140 52.96 7.24 57.74
N HIS A 141 52.12 8.26 57.54
CA HIS A 141 50.90 8.06 56.78
C HIS A 141 51.23 7.63 55.36
N ASP A 142 52.29 8.19 54.78
CA ASP A 142 52.70 7.81 53.44
C ASP A 142 53.13 6.35 53.40
N GLU A 143 53.91 5.93 54.39
CA GLU A 143 54.30 4.53 54.46
C GLU A 143 53.08 3.63 54.60
N HIS A 144 52.10 4.07 55.39
CA HIS A 144 50.89 3.29 55.56
C HIS A 144 50.11 3.18 54.25
N LEU A 145 50.01 4.27 53.52
CA LEU A 145 49.36 4.20 52.22
C LEU A 145 50.11 3.26 51.30
N GLN A 146 51.44 3.28 51.38
CA GLN A 146 52.23 2.32 50.64
C GLN A 146 51.88 0.90 51.04
N HIS A 147 51.66 0.68 52.32
CA HIS A 147 51.23 -0.63 52.79
C HIS A 147 49.88 -1.00 52.18
N GLN A 148 48.97 -0.03 52.10
CA GLN A 148 47.68 -0.27 51.48
C GLN A 148 47.86 -0.66 50.02
N GLY A 149 48.76 0.02 49.32
CA GLY A 149 49.04 -0.35 47.95
C GLY A 149 49.61 -1.75 47.86
N TRP A 150 50.48 -2.11 48.80
CA TRP A 150 51.05 -3.45 48.81
C TRP A 150 49.97 -4.49 49.00
N ALA A 151 49.00 -4.17 49.85
CA ALA A 151 47.85 -5.05 49.99
C ALA A 151 47.10 -5.15 48.67
N ALA A 152 46.87 -4.02 48.01
CA ALA A 152 46.23 -4.06 46.70
C ALA A 152 47.02 -4.92 45.74
N ILE A 153 48.33 -4.92 45.89
CA ILE A 153 49.20 -5.71 45.02
C ILE A 153 49.00 -7.18 45.31
N MET A 154 49.01 -7.55 46.59
CA MET A 154 48.75 -8.94 46.94
C MET A 154 47.40 -9.38 46.41
N ALA A 155 46.44 -8.46 46.43
CA ALA A 155 45.12 -8.77 45.89
C ALA A 155 45.20 -9.01 44.40
N ASN A 156 45.92 -8.17 43.68
CA ASN A 156 46.11 -8.38 42.26
C ASN A 156 46.77 -9.72 42.03
N LEU A 157 47.68 -10.09 42.92
CA LEU A 157 48.33 -11.39 42.81
C LEU A 157 47.31 -12.50 42.96
N GLU A 158 46.38 -12.33 43.88
CA GLU A 158 45.32 -13.32 44.04
C GLU A 158 44.48 -13.40 42.76
N ASP A 159 44.12 -12.24 42.21
CA ASP A 159 43.35 -12.22 40.97
C ASP A 159 44.13 -12.92 39.87
N CYS A 160 45.43 -12.71 39.83
CA CYS A 160 46.27 -13.35 38.85
C CYS A 160 46.25 -14.86 39.04
N SER A 161 46.41 -15.31 40.28
CA SER A 161 46.37 -16.74 40.55
C SER A 161 45.03 -17.31 40.14
N ASN A 162 43.98 -16.52 40.24
CA ASN A 162 42.68 -16.95 39.75
C ASN A 162 42.71 -17.13 38.25
N SER A 163 43.23 -16.14 37.54
CA SER A 163 43.38 -16.28 36.10
C SER A 163 44.21 -17.52 35.80
N TYR A 164 45.21 -17.75 36.64
CA TYR A 164 46.05 -18.94 36.50
C TYR A 164 45.21 -20.19 36.67
N GLN A 165 44.32 -20.17 37.64
CA GLN A 165 43.47 -21.33 37.87
C GLN A 165 42.59 -21.57 36.68
N LYS A 166 42.04 -20.51 36.09
CA LYS A 166 41.21 -20.68 34.91
C LYS A 166 42.02 -21.26 33.77
N LEU A 167 43.19 -20.69 33.55
CA LEU A 167 44.07 -21.20 32.52
C LEU A 167 44.47 -22.63 32.82
N LEU A 168 44.51 -23.00 34.10
CA LEU A 168 44.88 -24.34 34.47
C LEU A 168 43.72 -25.30 34.21
N PHE A 169 42.51 -24.83 34.47
CA PHE A 169 41.34 -25.61 34.14
C PHE A 169 41.34 -25.89 32.66
N LYS A 170 41.62 -24.87 31.87
CA LYS A 170 41.93 -25.11 30.48
C LYS A 170 43.05 -26.12 30.36
N PHE A 171 44.09 -25.93 31.17
CA PHE A 171 45.25 -26.80 31.11
C PHE A 171 44.89 -28.18 31.59
N GLU A 172 43.96 -28.27 32.54
CA GLU A 172 43.39 -29.55 32.90
C GLU A 172 42.93 -30.25 31.64
N SER A 173 42.12 -29.57 30.85
CA SER A 173 41.83 -30.07 29.52
C SER A 173 43.10 -30.12 28.68
N ILE A 174 43.88 -29.05 28.69
CA ILE A 174 45.10 -29.00 27.90
C ILE A 174 46.09 -30.00 28.48
N TYR A 175 45.65 -30.70 29.51
CA TYR A 175 46.24 -31.99 29.84
C TYR A 175 45.25 -33.11 29.59
N SER A 176 44.10 -33.13 30.27
CA SER A 176 43.20 -34.25 30.14
C SER A 176 42.63 -34.33 28.74
N ASN A 177 42.04 -33.24 28.26
CA ASN A 177 41.62 -33.21 26.88
C ASN A 177 42.82 -33.40 25.97
N TYR A 178 43.94 -32.81 26.34
CA TYR A 178 45.17 -33.08 25.59
C TYR A 178 45.49 -34.56 25.66
N LEU A 179 45.39 -35.16 26.85
CA LEU A 179 45.52 -36.60 26.93
C LEU A 179 44.45 -37.28 26.12
N GLN A 180 43.22 -36.76 26.19
CA GLN A 180 42.19 -37.23 25.29
C GLN A 180 42.57 -36.96 23.85
N SER A 181 43.28 -35.86 23.61
CA SER A 181 43.72 -35.54 22.25
C SER A 181 44.74 -36.53 21.75
N ILE A 182 45.31 -37.36 22.63
CA ILE A 182 46.36 -38.29 22.21
C ILE A 182 45.81 -39.30 21.21
N GLU A 183 44.50 -39.46 21.12
CA GLU A 183 43.89 -40.38 20.17
C GLU A 183 43.21 -39.67 19.01
N ASP A 184 42.48 -38.60 19.29
CA ASP A 184 41.65 -37.96 18.28
C ASP A 184 42.51 -37.39 17.15
N ILE A 185 43.52 -36.59 17.49
CA ILE A 185 44.35 -35.97 16.46
C ILE A 185 45.08 -37.02 15.66
N LYS A 186 45.59 -38.05 16.33
CA LYS A 186 46.29 -39.13 15.63
C LYS A 186 45.38 -39.74 14.57
N LEU A 187 44.16 -40.09 14.96
CA LEU A 187 43.19 -40.58 13.97
C LEU A 187 42.86 -39.48 12.97
N LYS A 188 42.70 -38.25 13.45
CA LYS A 188 42.52 -37.12 12.54
C LYS A 188 43.71 -37.00 11.60
N LEU A 189 44.89 -37.34 12.09
CA LEU A 189 46.03 -37.46 11.20
C LEU A 189 45.98 -38.77 10.41
N THR A 190 45.23 -39.76 10.89
CA THR A 190 45.33 -41.10 10.32
C THR A 190 44.49 -41.26 9.07
N HIS A 191 43.17 -41.07 9.17
CA HIS A 191 42.28 -41.45 8.08
C HIS A 191 42.09 -40.37 7.03
N LEU A 192 42.67 -39.18 7.23
CA LEU A 192 42.42 -38.07 6.33
C LEU A 192 42.97 -38.32 4.94
N GLY A 193 44.13 -38.96 4.85
CA GLY A 193 44.66 -39.29 3.53
C GLY A 193 43.77 -40.26 2.79
N THR A 194 43.26 -41.27 3.49
CA THR A 194 42.32 -42.21 2.87
C THR A 194 41.07 -41.48 2.39
N ALA A 195 40.57 -40.55 3.20
CA ALA A 195 39.40 -39.77 2.79
C ALA A 195 39.70 -38.92 1.57
N VAL A 196 40.87 -38.29 1.53
CA VAL A 196 41.26 -37.46 0.39
C VAL A 196 41.36 -38.31 -0.86
N SER A 197 41.92 -39.51 -0.74
CA SER A 197 42.02 -40.42 -1.87
C SER A 197 40.64 -40.84 -2.36
N VAL A 198 39.74 -41.18 -1.44
CA VAL A 198 38.38 -41.56 -1.82
C VAL A 198 37.69 -40.41 -2.54
N MET A 199 37.89 -39.19 -2.05
CA MET A 199 37.29 -38.02 -2.69
C MET A 199 37.84 -37.83 -4.10
N ALA A 200 39.16 -37.90 -4.25
CA ALA A 200 39.76 -37.76 -5.57
C ALA A 200 39.40 -38.91 -6.50
N LYS A 201 38.94 -40.04 -5.95
CA LYS A 201 38.64 -41.20 -6.78
C LYS A 201 37.55 -40.91 -7.80
N ILE A 202 36.53 -40.15 -7.40
CA ILE A 202 35.43 -39.83 -8.31
C ILE A 202 35.21 -38.33 -8.30
N PRO A 203 36.19 -37.54 -8.76
CA PRO A 203 35.95 -36.10 -8.91
C PRO A 203 34.92 -35.86 -10.01
N LEU A 204 33.77 -35.31 -9.62
CA LEU A 204 32.64 -35.21 -10.54
C LEU A 204 32.94 -34.27 -11.68
N LEU A 205 32.48 -34.64 -12.88
CA LEU A 205 32.47 -33.69 -13.99
C LEU A 205 31.56 -32.52 -13.66
N GLU A 206 30.52 -32.77 -12.86
CA GLU A 206 29.75 -31.67 -12.29
C GLU A 206 30.65 -30.78 -11.47
N CYS A 207 31.52 -31.39 -10.65
CA CYS A 207 32.54 -30.61 -9.96
C CYS A 207 33.49 -29.95 -10.95
N LEU A 208 33.80 -30.64 -12.04
CA LEU A 208 34.55 -30.00 -13.11
C LEU A 208 33.80 -28.80 -13.65
N THR A 209 32.48 -28.89 -13.70
CA THR A 209 31.66 -27.75 -14.08
C THR A 209 31.29 -26.86 -12.90
N ARG A 210 31.74 -27.19 -11.69
CA ARG A 210 31.25 -26.52 -10.50
C ARG A 210 31.57 -25.03 -10.52
N HIS A 211 32.83 -24.68 -10.78
CA HIS A 211 33.21 -23.27 -10.73
C HIS A 211 32.50 -22.45 -11.79
N SER A 212 31.89 -23.10 -12.77
CA SER A 212 31.09 -22.41 -13.77
C SER A 212 29.70 -22.12 -13.22
N PHE A 304 38.79 -31.13 -18.21
CA PHE A 304 38.43 -30.32 -17.06
C PHE A 304 38.72 -31.07 -15.76
N ASN A 305 39.37 -32.20 -15.87
CA ASN A 305 39.67 -33.02 -14.70
C ASN A 305 40.56 -32.27 -13.72
N VAL A 306 40.41 -32.61 -12.44
CA VAL A 306 41.17 -31.95 -11.38
C VAL A 306 41.08 -32.84 -10.14
N SER A 307 42.03 -32.66 -9.21
CA SER A 307 42.07 -33.49 -8.02
C SER A 307 41.13 -32.94 -6.95
N LEU A 308 40.08 -33.71 -6.64
CA LEU A 308 39.03 -33.24 -5.75
C LEU A 308 39.59 -32.84 -4.39
N LEU A 309 40.41 -33.71 -3.80
CA LEU A 309 41.05 -33.36 -2.54
C LEU A 309 41.91 -32.11 -2.71
N ASP A 310 42.68 -32.05 -3.80
CA ASP A 310 43.36 -30.81 -4.13
C ASP A 310 42.34 -29.72 -4.43
N TRP A 311 41.30 -30.05 -5.18
CA TRP A 311 40.21 -29.11 -5.38
C TRP A 311 39.64 -28.70 -4.04
N ILE A 312 39.51 -29.67 -3.13
CA ILE A 312 39.25 -29.32 -1.74
C ILE A 312 40.41 -28.53 -1.18
N ASN A 313 41.63 -29.01 -1.40
CA ASN A 313 42.80 -28.34 -0.86
C ASN A 313 42.92 -26.93 -1.42
N VAL A 314 43.07 -26.82 -2.74
CA VAL A 314 43.27 -25.53 -3.35
C VAL A 314 42.03 -24.67 -3.24
N GLN A 315 40.91 -25.23 -2.78
CA GLN A 315 39.69 -24.45 -2.61
C GLN A 315 40.00 -23.20 -1.81
N ASP A 316 40.84 -23.36 -0.80
CA ASP A 316 41.54 -22.24 -0.22
C ASP A 316 42.97 -22.29 -0.71
N ARG A 317 43.55 -21.11 -0.94
CA ARG A 317 44.95 -21.06 -1.35
C ARG A 317 45.85 -21.85 -0.42
N PRO A 318 45.79 -21.66 0.91
CA PRO A 318 46.73 -22.35 1.80
C PRO A 318 46.27 -23.71 2.31
N ASN A 319 45.07 -24.15 1.96
CA ASN A 319 44.54 -25.39 2.51
C ASN A 319 45.16 -26.60 1.82
N ASP A 320 45.48 -27.62 2.62
CA ASP A 320 46.08 -28.85 2.12
C ASP A 320 45.08 -30.00 2.21
N VAL A 321 45.06 -30.86 1.19
CA VAL A 321 44.14 -31.99 1.13
C VAL A 321 44.31 -32.92 2.31
N GLU A 322 45.38 -32.73 3.08
CA GLU A 322 45.52 -33.30 4.41
C GLU A 322 46.06 -32.26 5.37
N SER A 323 45.63 -31.01 5.23
CA SER A 323 46.06 -29.97 6.15
C SER A 323 45.65 -30.32 7.58
N LEU A 324 44.43 -30.81 7.75
CA LEU A 324 43.98 -31.21 9.07
C LEU A 324 44.81 -32.37 9.62
N VAL A 325 45.13 -33.34 8.76
CA VAL A 325 45.94 -34.47 9.20
C VAL A 325 47.32 -33.99 9.63
N ARG A 326 47.92 -33.10 8.83
CA ARG A 326 49.25 -32.58 9.15
C ARG A 326 49.23 -31.81 10.47
N LYS A 327 48.21 -30.96 10.66
CA LYS A 327 48.12 -30.19 11.90
C LYS A 327 47.90 -31.10 13.10
N CYS A 328 47.11 -32.17 12.93
CA CYS A 328 46.86 -33.09 14.03
C CYS A 328 48.13 -33.85 14.42
N PHE A 329 48.86 -34.35 13.43
CA PHE A 329 50.12 -35.02 13.73
C PHE A 329 51.13 -34.06 14.35
N ASP A 330 51.15 -32.82 13.86
CA ASP A 330 52.03 -31.81 14.46
C ASP A 330 51.66 -31.54 15.90
N SER A 331 50.36 -31.47 16.19
CA SER A 331 49.91 -31.27 17.57
C SER A 331 50.31 -32.45 18.45
N MET A 332 50.20 -33.67 17.91
CA MET A 332 50.70 -34.83 18.63
C MET A 332 52.18 -34.67 18.95
N SER A 333 52.95 -34.20 17.97
CA SER A 333 54.37 -33.94 18.23
C SER A 333 54.54 -32.90 19.33
N ARG A 334 53.75 -31.83 19.27
CA ARG A 334 53.75 -30.80 20.30
C ARG A 334 53.13 -31.28 21.59
N LEU A 335 52.52 -32.47 21.59
CA LEU A 335 51.97 -33.09 22.77
C LEU A 335 52.96 -33.98 23.50
N ASP A 336 54.25 -33.67 23.42
CA ASP A 336 55.27 -34.50 24.04
C ASP A 336 55.18 -34.42 25.56
N PRO A 337 55.79 -35.38 26.25
CA PRO A 337 55.64 -35.44 27.72
C PRO A 337 56.16 -34.22 28.46
N ARG A 338 57.20 -33.56 27.96
CA ARG A 338 57.70 -32.36 28.63
C ARG A 338 56.60 -31.32 28.74
N ILE A 339 55.74 -31.24 27.73
CA ILE A 339 54.54 -30.44 27.85
C ILE A 339 53.62 -31.03 28.91
N ILE A 340 53.60 -32.36 29.03
CA ILE A 340 52.78 -32.99 30.05
C ILE A 340 53.35 -32.80 31.44
N ARG A 341 54.51 -32.17 31.56
CA ARG A 341 55.10 -31.95 32.86
C ARG A 341 54.14 -31.12 33.72
N PRO A 342 54.05 -31.39 35.02
CA PRO A 342 53.12 -30.64 35.87
C PRO A 342 53.39 -29.15 35.90
N PHE A 343 54.58 -28.73 35.50
CA PHE A 343 54.91 -27.32 35.30
C PHE A 343 55.66 -27.15 34.00
N ILE A 344 55.11 -27.71 32.91
CA ILE A 344 55.68 -27.54 31.58
C ILE A 344 55.96 -26.06 31.38
N ALA A 345 54.90 -25.26 31.41
CA ALA A 345 55.04 -23.88 31.79
C ALA A 345 55.30 -23.89 33.29
N GLU A 346 56.50 -23.50 33.69
CA GLU A 346 56.92 -23.61 35.09
C GLU A 346 55.82 -23.11 36.01
N CYS A 347 55.03 -22.15 35.52
CA CYS A 347 53.85 -21.72 36.25
C CYS A 347 52.92 -22.88 36.56
N ARG A 348 52.87 -23.90 35.69
CA ARG A 348 51.84 -24.92 35.84
C ARG A 348 51.95 -25.66 37.17
N GLN A 349 53.09 -25.57 37.85
CA GLN A 349 53.15 -25.96 39.24
C GLN A 349 53.63 -24.84 40.15
N THR A 350 54.18 -23.76 39.60
CA THR A 350 54.51 -22.60 40.41
C THR A 350 53.27 -22.03 41.05
N ILE A 351 52.17 -21.95 40.30
CA ILE A 351 50.90 -21.53 40.87
C ILE A 351 50.41 -22.57 41.87
N ALA A 352 50.67 -23.84 41.60
CA ALA A 352 50.25 -24.89 42.51
C ALA A 352 50.93 -24.75 43.87
N LYS A 353 52.19 -24.33 43.88
CA LYS A 353 53.00 -24.36 45.08
C LYS A 353 53.20 -22.99 45.74
N LEU A 354 53.75 -22.02 45.02
CA LEU A 354 54.09 -20.74 45.64
C LEU A 354 52.86 -19.89 45.89
N ASP A 355 52.05 -19.66 44.85
CA ASP A 355 50.84 -18.84 44.96
C ASP A 355 49.71 -19.56 45.68
N ASN A 356 50.00 -20.71 46.29
CA ASN A 356 49.01 -21.47 47.04
C ASN A 356 49.77 -22.31 48.07
N GLN A 357 49.12 -23.35 48.58
CA GLN A 357 49.78 -24.41 49.34
C GLN A 357 50.66 -23.86 50.46
N ASN A 358 50.08 -22.98 51.27
CA ASN A 358 50.69 -22.36 52.46
C ASN A 358 51.89 -21.50 52.12
N MET A 359 52.26 -21.36 50.84
CA MET A 359 53.35 -20.51 50.47
C MET A 359 52.91 -19.08 50.15
N LYS A 360 51.61 -18.82 50.12
CA LYS A 360 51.09 -17.47 49.91
C LYS A 360 51.12 -16.72 51.24
N ALA A 361 52.24 -16.04 51.49
CA ALA A 361 52.45 -15.36 52.75
C ALA A 361 51.50 -14.18 52.96
N ILE A 362 50.69 -13.83 51.95
CA ILE A 362 49.76 -12.73 52.09
C ILE A 362 48.83 -12.93 53.27
N LYS A 363 48.68 -14.17 53.72
CA LYS A 363 47.90 -14.42 54.93
C LYS A 363 48.50 -13.70 56.13
N GLY A 364 49.82 -13.59 56.19
CA GLY A 364 50.45 -12.88 57.28
C GLY A 364 50.83 -11.47 56.90
N LEU A 365 50.02 -10.81 56.08
CA LEU A 365 50.40 -9.50 55.55
C LEU A 365 49.69 -8.34 56.26
N GLU A 366 48.37 -8.32 56.27
CA GLU A 366 47.63 -7.10 56.60
C GLU A 366 47.86 -6.65 58.03
N ASP A 367 47.93 -7.59 58.98
CA ASP A 367 47.98 -7.22 60.39
C ASP A 367 49.24 -6.42 60.72
N ARG A 368 50.37 -6.79 60.12
CA ARG A 368 51.59 -6.02 60.33
C ARG A 368 51.42 -4.60 59.83
N LEU A 369 50.76 -4.42 58.68
CA LEU A 369 50.42 -3.08 58.22
C LEU A 369 49.58 -2.37 59.26
N TYR A 370 48.64 -3.09 59.86
CA TYR A 370 47.91 -2.55 60.99
C TYR A 370 48.86 -2.28 62.15
N ALA A 371 49.80 -3.19 62.40
CA ALA A 371 50.79 -2.95 63.44
C ALA A 371 51.61 -1.71 63.13
N LEU A 372 51.92 -1.50 61.86
CA LEU A 372 52.62 -0.28 61.46
C LEU A 372 51.78 0.96 61.75
N ASP A 373 50.49 0.91 61.41
CA ASP A 373 49.61 2.04 61.70
C ASP A 373 49.55 2.30 63.18
N GLN A 374 49.58 1.23 63.97
CA GLN A 374 49.59 1.37 65.42
C GLN A 374 50.87 2.03 65.90
N MET A 375 52.02 1.63 65.36
CA MET A 375 53.27 2.26 65.73
C MET A 375 53.24 3.75 65.40
N ILE A 376 52.70 4.09 64.24
CA ILE A 376 52.59 5.49 63.84
C ILE A 376 51.69 6.25 64.79
N ALA A 377 50.54 5.66 65.14
CA ALA A 377 49.61 6.34 66.03
C ALA A 377 50.23 6.55 67.41
N SER A 378 50.96 5.54 67.91
CA SER A 378 51.63 5.69 69.19
C SER A 378 52.68 6.78 69.13
N CYS A 379 53.44 6.82 68.04
CA CYS A 379 54.42 7.89 67.88
C CYS A 379 53.74 9.25 67.87
N GLY A 380 52.62 9.37 67.16
CA GLY A 380 51.89 10.63 67.15
C GLY A 380 51.40 11.00 68.53
N ARG A 381 50.93 10.01 69.28
CA ARG A 381 50.52 10.26 70.65
C ARG A 381 51.67 10.80 71.47
N LEU A 382 52.86 10.25 71.29
CA LEU A 382 54.01 10.73 72.03
C LEU A 382 54.41 12.14 71.60
N VAL A 383 54.28 12.45 70.32
CA VAL A 383 54.94 13.64 69.76
C VAL A 383 54.01 14.83 69.52
N ASN A 384 52.70 14.66 69.65
CA ASN A 384 51.80 15.79 69.41
C ASN A 384 51.84 16.76 70.59
N GLU A 385 51.98 18.06 70.27
CA GLU A 385 51.94 19.12 71.27
C GLU A 385 53.09 19.02 72.27
N GLN A 386 54.03 18.12 72.03
CA GLN A 386 55.06 17.83 73.03
C GLN A 386 56.08 18.95 73.12
N LYS A 387 56.46 19.55 71.99
CA LYS A 387 57.42 20.65 72.03
C LYS A 387 56.88 21.79 72.88
N GLU A 388 55.60 22.10 72.71
CA GLU A 388 54.94 23.05 73.59
C GLU A 388 54.91 22.55 75.02
N LEU A 389 54.64 21.25 75.19
CA LEU A 389 54.61 20.68 76.54
C LEU A 389 55.93 20.92 77.24
N ALA A 390 57.03 20.90 76.50
CA ALA A 390 58.34 21.23 77.08
C ALA A 390 58.52 22.75 77.14
N GLN A 391 58.32 23.42 76.03
CA GLN A 391 58.50 24.87 75.95
C GLN A 391 57.17 25.54 76.24
N GLY A 392 56.93 25.86 77.50
CA GLY A 392 55.69 26.53 77.90
C GLY A 392 55.80 28.03 77.94
N PHE A 393 56.23 28.63 76.83
CA PHE A 393 56.65 30.04 76.84
C PHE A 393 55.53 30.97 77.27
N LEU A 394 54.31 30.73 76.76
CA LEU A 394 53.20 31.64 77.05
C LEU A 394 53.03 31.85 78.55
N ALA A 395 52.95 30.76 79.30
CA ALA A 395 52.95 30.88 80.75
C ALA A 395 54.33 31.18 81.29
N ASN A 396 55.37 30.57 80.70
CA ASN A 396 56.72 30.79 81.21
C ASN A 396 57.15 32.23 81.09
N GLN A 397 56.57 32.96 80.14
CA GLN A 397 56.85 34.38 80.04
C GLN A 397 56.44 35.09 81.33
N LYS A 398 55.19 34.91 81.74
CA LYS A 398 54.74 35.50 83.00
C LYS A 398 55.48 34.88 84.17
N ARG A 399 55.91 33.63 84.03
CA ARG A 399 56.69 33.00 85.09
C ARG A 399 58.00 33.75 85.30
N ALA A 400 58.69 34.05 84.21
CA ALA A 400 59.91 34.85 84.29
C ALA A 400 59.61 36.24 84.82
N GLU A 401 58.49 36.82 84.39
CA GLU A 401 58.11 38.15 84.88
C GLU A 401 57.94 38.14 86.38
N ASN A 402 57.27 37.13 86.90
CA ASN A 402 57.13 36.98 88.35
C ASN A 402 58.47 36.73 89.02
N LEU A 403 59.35 35.98 88.35
CA LEU A 403 60.67 35.71 88.92
C LEU A 403 61.41 37.02 89.17
N LYS A 404 61.78 37.72 88.10
CA LYS A 404 62.41 39.03 88.18
C LYS A 404 63.51 39.06 89.25
N ASP A 405 64.42 38.10 89.13
CA ASP A 405 65.38 37.85 90.20
C ASP A 405 66.27 39.06 90.43
N ALA A 406 66.41 39.43 91.71
CA ALA A 406 67.37 40.46 92.08
C ALA A 406 68.80 40.05 91.80
N SER A 407 69.03 38.76 91.62
CA SER A 407 70.33 38.23 91.24
C SER A 407 70.16 37.37 89.99
N VAL A 408 69.50 37.92 88.98
CA VAL A 408 69.08 37.17 87.80
C VAL A 408 70.25 36.77 86.90
N LEU A 409 71.49 36.97 87.35
CA LEU A 409 72.66 36.63 86.53
C LEU A 409 72.71 35.16 86.13
N PRO A 410 72.55 34.19 87.04
CA PRO A 410 72.47 32.80 86.59
C PRO A 410 71.25 32.52 85.74
N ASP A 411 70.22 33.37 85.77
CA ASP A 411 68.99 33.14 85.03
C ASP A 411 69.15 33.32 83.52
N LEU A 412 70.29 33.83 83.06
CA LEU A 412 70.55 33.93 81.63
C LEU A 412 70.86 32.58 81.00
N CYS A 413 70.99 31.52 81.79
CA CYS A 413 71.25 30.18 81.31
C CYS A 413 69.97 29.33 81.42
N LEU A 414 70.13 28.03 81.13
CA LEU A 414 68.98 27.12 81.05
C LEU A 414 68.29 26.91 82.39
N SER A 415 68.91 27.29 83.50
CA SER A 415 68.31 27.05 84.81
C SER A 415 66.97 27.75 84.93
N HIS A 416 66.90 29.01 84.49
CA HIS A 416 65.63 29.72 84.51
C HIS A 416 64.67 29.20 83.46
N ALA A 417 65.18 28.79 82.31
CA ALA A 417 64.35 28.40 81.19
C ALA A 417 63.91 26.93 81.23
N ASN A 418 64.27 26.21 82.30
CA ASN A 418 63.71 24.90 82.63
C ASN A 418 63.37 24.02 81.43
N GLN A 419 62.08 23.69 81.29
CA GLN A 419 61.67 22.68 80.31
C GLN A 419 61.73 23.21 78.89
N LEU A 420 61.52 24.50 78.70
CA LEU A 420 61.72 25.07 77.37
C LEU A 420 63.17 24.90 76.93
N MET A 421 64.11 25.22 77.81
CA MET A 421 65.52 24.99 77.53
C MET A 421 65.79 23.52 77.31
N ILE A 422 65.07 22.67 78.02
CA ILE A 422 65.20 21.23 77.78
C ILE A 422 64.79 20.91 76.35
N MET A 423 63.66 21.44 75.90
CA MET A 423 63.23 21.26 74.53
C MET A 423 64.27 21.78 73.55
N LEU A 424 64.99 22.84 73.92
CA LEU A 424 65.97 23.47 73.04
C LEU A 424 67.02 22.48 72.56
N GLN A 425 67.28 21.42 73.32
CA GLN A 425 68.15 20.35 72.87
C GLN A 425 67.42 19.05 72.57
N ASN A 426 66.22 18.85 73.13
CA ASN A 426 65.49 17.61 72.92
C ASN A 426 64.72 17.57 71.60
N HIS A 427 64.63 18.70 70.89
CA HIS A 427 63.92 18.69 69.61
C HIS A 427 64.58 17.74 68.62
N ARG A 428 65.91 17.77 68.55
CA ARG A 428 66.62 16.84 67.68
C ARG A 428 66.37 15.40 68.08
N LYS A 429 66.36 15.13 69.40
CA LYS A 429 66.12 13.78 69.87
C LYS A 429 64.72 13.30 69.48
N LEU A 430 63.72 14.15 69.65
CA LEU A 430 62.37 13.77 69.24
C LEU A 430 62.29 13.56 67.73
N LEU A 431 62.97 14.41 66.96
CA LEU A 431 62.98 14.25 65.52
C LEU A 431 63.60 12.91 65.12
N ASP A 432 64.72 12.56 65.74
CA ASP A 432 65.35 11.28 65.44
C ASP A 432 64.46 10.12 65.88
N ILE A 433 63.79 10.26 67.02
CA ILE A 433 62.91 9.18 67.50
C ILE A 433 61.79 8.94 66.50
N LYS A 434 61.21 10.02 65.97
CA LYS A 434 60.19 9.88 64.94
C LYS A 434 60.79 9.25 63.68
N GLN A 435 61.97 9.72 63.28
CA GLN A 435 62.61 9.16 62.09
C GLN A 435 62.88 7.68 62.24
N LYS A 436 63.08 7.21 63.47
CA LYS A 436 63.32 5.79 63.70
C LYS A 436 62.14 4.97 63.23
N CYS A 437 60.94 5.29 63.71
CA CYS A 437 59.76 4.57 63.28
C CYS A 437 59.48 4.81 61.80
N THR A 438 59.80 6.01 61.30
CA THR A 438 59.56 6.29 59.89
C THR A 438 60.39 5.38 58.99
N THR A 439 61.70 5.34 59.23
CA THR A 439 62.56 4.46 58.46
C THR A 439 62.23 3.00 58.72
N ALA A 440 61.75 2.68 59.92
CA ALA A 440 61.28 1.32 60.18
C ALA A 440 60.12 0.97 59.27
N LYS A 441 59.18 1.91 59.10
CA LYS A 441 58.09 1.70 58.17
C LYS A 441 58.59 1.56 56.74
N GLN A 442 59.56 2.39 56.36
CA GLN A 442 60.10 2.31 55.01
C GLN A 442 60.75 0.95 54.76
N GLU A 443 61.52 0.45 55.73
CA GLU A 443 62.20 -0.83 55.56
C GLU A 443 61.22 -1.99 55.61
N LEU A 444 60.18 -1.90 56.44
CA LEU A 444 59.15 -2.92 56.44
C LEU A 444 58.44 -2.96 55.10
N ALA A 445 58.22 -1.80 54.50
CA ALA A 445 57.66 -1.76 53.15
C ALA A 445 58.63 -2.37 52.15
N ASN A 446 59.93 -2.15 52.34
CA ASN A 446 60.91 -2.81 51.49
C ASN A 446 60.79 -4.32 51.63
N ASN A 447 60.64 -4.82 52.85
CA ASN A 447 60.47 -6.26 53.06
C ASN A 447 59.17 -6.76 52.45
N LEU A 448 58.12 -5.95 52.53
CA LEU A 448 56.85 -6.32 51.92
C LEU A 448 56.99 -6.41 50.40
N HIS A 449 57.67 -5.42 49.81
CA HIS A 449 57.95 -5.49 48.37
C HIS A 449 58.87 -6.65 48.04
N VAL A 450 59.70 -7.05 49.00
CA VAL A 450 60.58 -8.19 48.80
C VAL A 450 59.77 -9.47 48.69
N ARG A 451 58.87 -9.70 49.64
CA ARG A 451 57.98 -10.85 49.52
C ARG A 451 57.09 -10.71 48.30
N LEU A 452 56.78 -9.48 47.93
CA LEU A 452 56.01 -9.23 46.71
C LEU A 452 56.76 -9.73 45.49
N LYS A 453 58.05 -9.45 45.42
CA LYS A 453 58.86 -10.00 44.34
C LYS A 453 59.00 -11.51 44.49
N TRP A 454 59.00 -12.01 45.72
CA TRP A 454 59.08 -13.45 45.93
C TRP A 454 57.90 -14.14 45.27
N CYS A 455 56.72 -13.58 45.45
CA CYS A 455 55.55 -14.07 44.71
C CYS A 455 55.64 -13.69 43.23
N CYS A 456 56.25 -12.55 42.92
CA CYS A 456 56.40 -12.14 41.54
C CYS A 456 57.25 -13.12 40.76
N PHE A 457 58.00 -13.95 41.45
CA PHE A 457 58.68 -15.06 40.81
C PHE A 457 57.67 -15.93 40.07
N VAL A 458 56.77 -16.57 40.82
CA VAL A 458 55.74 -17.38 40.19
C VAL A 458 54.85 -16.50 39.30
N MET A 459 54.74 -15.22 39.64
CA MET A 459 53.99 -14.30 38.77
C MET A 459 54.58 -14.30 37.36
N LEU A 460 55.83 -13.86 37.24
CA LEU A 460 56.49 -13.90 35.94
C LEU A 460 56.44 -15.30 35.33
N HIS A 461 56.53 -16.34 36.16
CA HIS A 461 56.36 -17.69 35.66
C HIS A 461 55.02 -17.85 34.96
N ALA A 462 54.02 -17.10 35.40
CA ALA A 462 52.71 -17.19 34.76
C ALA A 462 52.48 -16.08 33.74
N ASP A 463 52.42 -14.82 34.19
CA ASP A 463 52.37 -13.68 33.30
C ASP A 463 53.58 -13.69 32.40
N GLN A 464 53.35 -13.87 31.11
CA GLN A 464 54.31 -13.88 30.02
C GLN A 464 55.11 -15.18 29.95
N ASP A 465 54.95 -16.13 30.87
CA ASP A 465 55.61 -17.43 30.72
C ASP A 465 54.60 -18.56 30.61
N GLY A 466 53.66 -18.66 31.54
CA GLY A 466 52.62 -19.64 31.42
C GLY A 466 51.49 -19.14 30.54
N GLU A 467 51.40 -17.82 30.38
CA GLU A 467 50.45 -17.29 29.41
C GLU A 467 50.76 -17.83 28.03
N LYS A 468 52.03 -18.17 27.80
CA LYS A 468 52.41 -18.90 26.61
C LYS A 468 51.65 -20.22 26.52
N LEU A 469 51.67 -21.00 27.60
CA LEU A 469 50.90 -22.23 27.61
C LEU A 469 49.42 -21.93 27.46
N GLN A 470 48.99 -20.75 27.90
CA GLN A 470 47.58 -20.39 27.79
C GLN A 470 47.16 -20.26 26.34
N ALA A 471 47.85 -19.41 25.61
CA ALA A 471 47.60 -19.33 24.18
C ALA A 471 47.83 -20.69 23.52
N LEU A 472 48.75 -21.49 24.06
CA LEU A 472 49.01 -22.81 23.50
C LEU A 472 47.79 -23.70 23.66
N LEU A 473 47.12 -23.60 24.79
CA LEU A 473 45.91 -24.38 24.98
C LEU A 473 44.80 -23.87 24.07
N ARG A 474 44.71 -22.56 23.89
CA ARG A 474 43.78 -22.04 22.89
C ARG A 474 44.08 -22.66 21.54
N LEU A 475 45.35 -22.81 21.23
CA LEU A 475 45.77 -23.47 20.01
C LEU A 475 45.35 -24.94 20.02
N VAL A 476 45.44 -25.59 21.16
CA VAL A 476 45.03 -26.98 21.25
C VAL A 476 43.55 -27.10 20.94
N ILE A 477 42.78 -26.12 21.40
CA ILE A 477 41.36 -26.07 21.07
C ILE A 477 41.19 -25.89 19.57
N GLU A 478 41.96 -24.99 18.99
CA GLU A 478 41.94 -24.84 17.54
C GLU A 478 42.30 -26.15 16.85
N LEU A 479 43.18 -26.94 17.46
CA LEU A 479 43.57 -28.22 16.90
C LEU A 479 42.43 -29.22 16.99
N LEU A 480 41.67 -29.16 18.07
CA LEU A 480 40.47 -29.99 18.17
C LEU A 480 39.47 -29.60 17.08
N GLU A 481 39.32 -28.31 16.83
CA GLU A 481 38.46 -27.86 15.73
C GLU A 481 39.00 -28.37 14.40
N ARG A 482 40.31 -28.36 14.24
CA ARG A 482 40.92 -28.89 13.02
C ARG A 482 40.63 -30.37 12.87
N VAL A 483 40.68 -31.12 13.96
CA VAL A 483 40.31 -32.53 13.90
C VAL A 483 38.86 -32.67 13.46
N LYS A 484 38.00 -31.81 14.00
CA LYS A 484 36.59 -31.83 13.58
C LYS A 484 36.49 -31.61 12.08
N ILE A 485 37.27 -30.66 11.56
CA ILE A 485 37.27 -30.43 10.13
C ILE A 485 37.80 -31.63 9.39
N VAL A 486 38.78 -32.31 9.97
CA VAL A 486 39.29 -33.54 9.40
C VAL A 486 38.16 -34.53 9.24
N GLU A 487 37.27 -34.57 10.24
CA GLU A 487 36.07 -35.38 10.11
C GLU A 487 35.25 -34.94 8.91
N ALA A 488 35.16 -33.63 8.68
CA ALA A 488 34.48 -33.16 7.48
C ALA A 488 35.16 -33.72 6.25
N LEU A 489 36.49 -33.79 6.26
CA LEU A 489 37.18 -34.50 5.19
C LEU A 489 36.79 -35.98 5.18
N SER A 490 36.69 -36.59 6.35
CA SER A 490 36.19 -37.95 6.43
C SER A 490 34.74 -38.03 5.96
N THR A 491 33.99 -36.94 6.06
CA THR A 491 32.61 -36.93 5.61
C THR A 491 32.49 -37.07 4.10
N VAL A 492 33.59 -36.96 3.37
CA VAL A 492 33.58 -37.09 1.91
C VAL A 492 33.19 -38.50 1.51
N PRO A 493 33.80 -39.54 2.08
CA PRO A 493 33.62 -40.90 1.54
C PRO A 493 32.17 -41.33 1.46
N GLN A 494 31.35 -40.98 2.44
CA GLN A 494 29.93 -41.28 2.35
C GLN A 494 29.12 -40.10 1.81
N MET A 495 29.59 -38.88 2.06
CA MET A 495 28.82 -37.70 1.67
C MET A 495 28.68 -37.61 0.16
N TYR A 496 29.74 -37.89 -0.58
CA TYR A 496 29.68 -37.79 -2.04
C TYR A 496 28.69 -38.80 -2.60
N CYS A 497 28.81 -40.06 -2.17
CA CYS A 497 27.91 -41.09 -2.66
C CYS A 497 26.47 -40.78 -2.28
N LEU A 498 26.25 -40.31 -1.06
CA LEU A 498 24.91 -39.96 -0.63
C LEU A 498 24.35 -38.83 -1.47
N ALA A 499 25.15 -37.79 -1.73
CA ALA A 499 24.69 -36.69 -2.55
C ALA A 499 24.31 -37.17 -3.93
N VAL A 500 25.16 -38.00 -4.53
CA VAL A 500 24.90 -38.49 -5.88
C VAL A 500 23.60 -39.28 -5.91
N VAL A 501 23.46 -40.25 -5.00
CA VAL A 501 22.31 -41.14 -5.03
C VAL A 501 21.04 -40.37 -4.75
N GLU A 502 21.06 -39.52 -3.71
CA GLU A 502 19.87 -38.78 -3.34
C GLU A 502 19.46 -37.82 -4.45
N VAL A 503 20.42 -37.12 -5.05
CA VAL A 503 20.10 -36.19 -6.12
C VAL A 503 19.52 -36.94 -7.31
N VAL A 504 20.09 -38.10 -7.64
CA VAL A 504 19.61 -38.87 -8.79
C VAL A 504 18.19 -39.35 -8.55
N ARG A 505 17.95 -39.97 -7.40
CA ARG A 505 16.62 -40.48 -7.09
C ARG A 505 15.62 -39.34 -7.00
N ARG A 506 16.04 -38.20 -6.44
CA ARG A 506 15.15 -37.06 -6.31
C ARG A 506 14.80 -36.48 -7.68
N LYS A 507 15.78 -36.37 -8.56
CA LYS A 507 15.50 -35.87 -9.91
C LYS A 507 14.56 -36.82 -10.63
N MET A 508 14.77 -38.13 -10.47
CA MET A 508 13.88 -39.10 -11.09
C MET A 508 12.45 -38.97 -10.58
N PHE A 509 12.29 -38.93 -9.26
CA PHE A 509 10.96 -38.78 -8.68
C PHE A 509 10.33 -37.47 -9.10
N ILE A 510 11.12 -36.40 -9.15
CA ILE A 510 10.61 -35.09 -9.53
C ILE A 510 10.11 -35.13 -10.97
N LYS A 511 10.90 -35.72 -11.86
CA LYS A 511 10.47 -35.82 -13.25
C LYS A 511 9.18 -36.62 -13.37
N HIS A 512 9.14 -37.79 -12.73
CA HIS A 512 7.96 -38.62 -12.81
C HIS A 512 6.74 -37.91 -12.26
N TYR A 513 6.90 -37.26 -11.12
CA TYR A 513 5.78 -36.59 -10.46
C TYR A 513 5.31 -35.39 -11.26
N ARG A 514 6.23 -34.59 -11.81
CA ARG A 514 5.84 -33.44 -12.59
C ARG A 514 5.12 -33.87 -13.85
N GLU A 515 5.60 -34.93 -14.50
CA GLU A 515 4.95 -35.43 -15.70
C GLU A 515 3.54 -35.93 -15.38
N TRP A 516 3.41 -36.72 -14.31
CA TRP A 516 2.09 -37.22 -13.94
C TRP A 516 1.17 -36.07 -13.55
N ALA A 517 1.70 -35.06 -12.87
CA ALA A 517 0.90 -33.91 -12.47
C ALA A 517 0.41 -33.15 -13.70
N GLY A 518 1.28 -32.93 -14.67
CA GLY A 518 0.83 -32.29 -15.89
C GLY A 518 -0.22 -33.10 -16.61
N ALA A 519 -0.02 -34.42 -16.69
CA ALA A 519 -0.99 -35.27 -17.38
C ALA A 519 -2.34 -35.25 -16.69
N LEU A 520 -2.34 -35.32 -15.36
CA LEU A 520 -3.59 -35.29 -14.62
C LEU A 520 -4.26 -33.94 -14.75
N VAL A 521 -3.48 -32.85 -14.68
CA VAL A 521 -4.04 -31.52 -14.86
C VAL A 521 -4.63 -31.41 -16.25
N LYS A 522 -4.04 -32.09 -17.22
CA LYS A 522 -4.56 -32.07 -18.58
C LYS A 522 -5.88 -32.81 -18.66
N ASP A 523 -5.95 -34.01 -18.09
CA ASP A 523 -7.21 -34.73 -18.06
C ASP A 523 -8.28 -33.90 -17.37
N GLY A 524 -7.89 -33.20 -16.31
CA GLY A 524 -8.82 -32.36 -15.59
C GLY A 524 -9.32 -31.20 -16.42
N LYS A 525 -8.41 -30.52 -17.12
CA LYS A 525 -8.82 -29.44 -17.99
C LYS A 525 -9.69 -29.97 -19.12
N ARG A 526 -9.43 -31.20 -19.56
CA ARG A 526 -10.27 -31.82 -20.57
C ARG A 526 -11.68 -31.99 -20.06
N LEU A 527 -11.81 -32.49 -18.83
CA LEU A 527 -13.13 -32.57 -18.22
C LEU A 527 -13.74 -31.18 -18.07
N TYR A 528 -12.92 -30.22 -17.66
CA TYR A 528 -13.36 -28.84 -17.49
C TYR A 528 -14.01 -28.33 -18.76
N GLU A 529 -13.32 -28.47 -19.89
CA GLU A 529 -13.92 -28.13 -21.16
C GLU A 529 -15.21 -28.92 -21.34
N ALA A 530 -15.09 -30.24 -21.51
CA ALA A 530 -16.17 -31.06 -22.02
C ALA A 530 -17.47 -30.84 -21.26
N GLU A 531 -17.42 -30.88 -19.93
CA GLU A 531 -18.65 -30.65 -19.21
C GLU A 531 -18.84 -29.18 -18.85
N LYS A 532 -17.88 -28.60 -18.13
CA LYS A 532 -18.09 -27.30 -17.50
C LYS A 532 -18.20 -26.20 -18.55
N SER A 533 -17.32 -26.20 -19.55
CA SER A 533 -17.38 -25.12 -20.52
C SER A 533 -18.64 -25.24 -21.38
N LYS A 534 -19.03 -26.45 -21.72
CA LYS A 534 -20.28 -26.65 -22.45
C LYS A 534 -21.45 -26.13 -21.63
N ARG A 535 -21.47 -26.44 -20.34
CA ARG A 535 -22.50 -25.93 -19.46
C ARG A 535 -22.44 -24.41 -19.37
N GLU A 536 -21.24 -23.83 -19.35
CA GLU A 536 -21.10 -22.39 -19.27
C GLU A 536 -21.69 -21.73 -20.50
N SER A 537 -21.46 -22.33 -21.67
CA SER A 537 -22.07 -21.81 -22.88
C SER A 537 -23.59 -21.92 -22.83
N PHE A 538 -24.09 -23.08 -22.41
CA PHE A 538 -25.53 -23.27 -22.32
C PHE A 538 -26.15 -22.27 -21.35
N GLY A 539 -25.40 -21.92 -20.30
CA GLY A 539 -25.92 -20.98 -19.32
C GLY A 539 -25.83 -19.54 -19.80
N LYS A 540 -24.75 -19.21 -20.51
CA LYS A 540 -24.68 -17.89 -21.14
C LYS A 540 -25.85 -17.70 -22.08
N LEU A 541 -26.19 -18.76 -22.82
CA LEU A 541 -27.45 -18.77 -23.55
C LEU A 541 -28.62 -18.64 -22.60
N PHE A 542 -28.53 -19.27 -21.43
CA PHE A 542 -29.62 -19.31 -20.47
C PHE A 542 -29.80 -17.95 -19.81
N ARG A 543 -29.07 -16.94 -20.26
CA ARG A 543 -29.41 -15.58 -19.87
C ARG A 543 -30.83 -15.29 -20.30
N LYS A 544 -31.71 -15.11 -19.30
CA LYS A 544 -33.15 -14.87 -19.43
C LYS A 544 -33.93 -16.11 -19.83
N SER A 545 -33.37 -17.32 -19.64
CA SER A 545 -34.14 -18.53 -19.92
C SER A 545 -35.36 -18.63 -19.01
N PHE A 546 -35.29 -18.04 -17.83
CA PHE A 546 -36.44 -17.84 -16.97
C PHE A 546 -36.52 -16.35 -16.66
N LEU A 547 -37.70 -15.91 -16.23
CA LEU A 547 -37.91 -14.48 -16.00
C LEU A 547 -36.99 -13.93 -14.91
N ARG A 548 -36.40 -14.80 -14.10
CA ARG A 548 -35.50 -14.37 -13.04
C ARG A 548 -34.45 -15.45 -12.79
N ASN A 549 -33.38 -15.04 -12.11
CA ASN A 549 -32.23 -15.93 -11.92
C ASN A 549 -32.61 -17.13 -11.08
N ARG A 550 -33.23 -16.90 -9.92
CA ARG A 550 -33.54 -17.99 -9.02
C ARG A 550 -34.50 -19.00 -9.61
N LEU A 551 -35.28 -18.60 -10.62
CA LEU A 551 -36.32 -19.47 -11.14
C LEU A 551 -35.74 -20.77 -11.68
N PHE A 552 -34.66 -20.67 -12.45
CA PHE A 552 -33.97 -21.85 -12.97
C PHE A 552 -32.62 -21.98 -12.31
N ARG A 553 -32.54 -21.64 -11.03
CA ARG A 553 -31.28 -21.65 -10.31
C ARG A 553 -30.66 -23.04 -10.33
N GLY A 554 -29.36 -23.10 -10.64
CA GLY A 554 -28.65 -24.37 -10.67
C GLY A 554 -27.46 -24.37 -11.61
N LEU A 555 -26.38 -25.04 -11.21
CA LEU A 555 -25.15 -25.11 -12.01
C LEU A 555 -24.70 -23.72 -12.44
N ASP A 556 -24.96 -22.73 -11.59
CA ASP A 556 -24.65 -21.36 -11.94
C ASP A 556 -23.17 -21.15 -12.25
N SER A 557 -22.34 -22.18 -12.06
CA SER A 557 -20.93 -22.06 -12.35
C SER A 557 -20.35 -23.45 -12.60
N TRP A 558 -19.08 -23.46 -12.95
CA TRP A 558 -18.34 -24.68 -13.23
C TRP A 558 -17.76 -25.26 -11.95
N PRO A 559 -17.02 -26.35 -12.06
CA PRO A 559 -16.32 -26.89 -10.88
C PRO A 559 -15.18 -25.98 -10.47
N PRO A 560 -14.47 -26.31 -9.37
CA PRO A 560 -13.44 -25.39 -8.86
C PRO A 560 -12.32 -25.10 -9.84
N SER A 561 -11.97 -26.06 -10.69
CA SER A 561 -10.98 -25.94 -11.75
C SER A 561 -9.56 -25.72 -11.24
N PHE A 562 -9.34 -25.69 -9.93
CA PHE A 562 -7.97 -25.62 -9.46
C PHE A 562 -7.25 -26.92 -9.77
N CYS A 563 -5.92 -26.83 -9.84
CA CYS A 563 -5.00 -27.94 -10.11
C CYS A 563 -5.01 -28.37 -11.57
N THR A 564 -5.48 -27.54 -12.48
CA THR A 564 -5.42 -27.87 -13.90
C THR A 564 -4.22 -27.26 -14.61
N GLN A 565 -3.53 -26.30 -13.99
CA GLN A 565 -2.35 -25.72 -14.61
C GLN A 565 -1.21 -26.72 -14.60
N LYS A 566 -0.15 -26.38 -15.30
CA LYS A 566 0.98 -27.29 -15.41
C LYS A 566 1.83 -27.25 -14.14
N PRO A 567 2.53 -28.34 -13.85
CA PRO A 567 3.46 -28.34 -12.72
C PRO A 567 4.70 -27.51 -13.04
N ARG A 568 5.50 -27.26 -12.01
CA ARG A 568 6.76 -26.57 -12.18
C ARG A 568 7.80 -27.52 -12.80
N LYS A 569 9.05 -27.06 -12.84
CA LYS A 569 10.12 -27.86 -13.41
C LYS A 569 10.68 -28.85 -12.38
N PHE A 570 11.03 -30.04 -12.86
CA PHE A 570 11.52 -31.09 -11.97
C PHE A 570 12.84 -30.68 -11.32
N ASP A 571 13.07 -31.17 -10.11
CA ASP A 571 14.22 -30.87 -9.28
C ASP A 571 14.29 -29.40 -8.90
N CYS A 572 13.31 -28.59 -9.29
CA CYS A 572 13.13 -27.23 -8.77
C CYS A 572 14.39 -26.37 -8.94
N GLU A 573 14.99 -26.42 -10.13
CA GLU A 573 16.11 -25.56 -10.50
C GLU A 573 17.30 -25.75 -9.55
N LEU A 574 17.82 -26.97 -9.55
CA LEU A 574 18.93 -27.31 -8.69
C LEU A 574 20.20 -26.61 -9.16
N PRO A 575 21.30 -26.74 -8.41
CA PRO A 575 22.57 -26.21 -8.89
C PRO A 575 23.06 -26.99 -10.09
N ASP A 576 23.90 -26.33 -10.89
CA ASP A 576 24.32 -26.84 -12.20
C ASP A 576 25.03 -28.18 -12.13
N ILE A 577 25.30 -28.69 -10.94
CA ILE A 577 25.93 -30.00 -10.83
C ILE A 577 25.03 -31.04 -11.47
N SER A 578 25.50 -31.64 -12.57
CA SER A 578 24.73 -32.65 -13.25
C SER A 578 24.94 -34.00 -12.58
N LEU A 579 23.83 -34.69 -12.29
CA LEU A 579 23.91 -35.96 -11.60
C LEU A 579 24.68 -36.98 -12.43
N LYS A 580 24.42 -37.00 -13.74
CA LYS A 580 25.22 -37.84 -14.61
C LYS A 580 26.68 -37.40 -14.56
N ASP A 581 26.92 -36.10 -14.60
CA ASP A 581 28.27 -35.60 -14.43
C ASP A 581 28.80 -35.92 -13.04
N LEU A 582 27.90 -36.11 -12.07
CA LEU A 582 28.31 -36.69 -10.81
C LEU A 582 28.54 -38.19 -10.96
N GLN A 583 27.74 -38.85 -11.79
CA GLN A 583 27.84 -40.29 -11.96
C GLN A 583 29.16 -40.70 -12.58
N MET B 1 -30.74 41.51 -26.51
CA MET B 1 -31.31 41.23 -25.21
C MET B 1 -32.69 40.58 -25.35
N LYS B 2 -33.21 40.08 -24.24
CA LYS B 2 -34.53 39.49 -24.25
C LYS B 2 -35.60 40.57 -24.44
N LEU B 3 -36.74 40.17 -24.98
CA LEU B 3 -37.85 41.07 -25.20
C LEU B 3 -39.13 40.25 -25.25
N TYR B 4 -40.27 40.94 -25.28
CA TYR B 4 -41.54 40.25 -25.25
C TYR B 4 -41.88 39.69 -26.62
N VAL B 5 -43.03 39.01 -26.69
CA VAL B 5 -43.39 38.28 -27.90
C VAL B 5 -44.04 39.21 -28.92
N PHE B 6 -44.16 38.70 -30.14
CA PHE B 6 -44.95 39.39 -31.14
C PHE B 6 -46.44 39.24 -30.91
N LEU B 7 -46.84 38.40 -29.96
CA LEU B 7 -48.23 37.96 -29.87
C LEU B 7 -48.67 37.42 -31.22
N VAL B 8 -47.83 36.55 -31.76
CA VAL B 8 -47.81 36.33 -33.20
C VAL B 8 -49.17 35.96 -33.75
N ASN B 9 -49.85 34.99 -33.14
CA ASN B 9 -51.07 34.45 -33.73
C ASN B 9 -52.00 35.57 -34.16
N THR B 10 -52.08 36.63 -33.36
CA THR B 10 -52.67 37.87 -33.85
C THR B 10 -51.62 38.89 -34.23
N GLY B 11 -50.58 39.02 -33.43
CA GLY B 11 -49.53 39.96 -33.76
C GLY B 11 -49.72 41.24 -32.98
N THR B 12 -48.98 41.37 -31.89
CA THR B 12 -48.98 42.58 -31.09
C THR B 12 -47.58 42.90 -30.58
N THR B 13 -46.58 42.85 -31.46
CA THR B 13 -45.19 42.88 -31.07
C THR B 13 -44.89 43.90 -29.99
N LEU B 14 -44.11 43.47 -28.99
CA LEU B 14 -43.68 44.32 -27.90
C LEU B 14 -42.41 43.75 -27.28
N THR B 15 -41.69 44.59 -26.55
CA THR B 15 -40.45 44.18 -25.90
C THR B 15 -40.69 43.94 -24.40
N PHE B 16 -39.61 43.60 -23.69
CA PHE B 16 -39.71 43.24 -22.29
C PHE B 16 -38.52 43.84 -21.53
N ASP B 17 -38.33 43.35 -20.30
CA ASP B 17 -37.31 43.91 -19.41
C ASP B 17 -36.05 43.04 -19.40
N THR B 18 -35.10 43.42 -18.55
CA THR B 18 -33.81 42.75 -18.51
C THR B 18 -33.91 41.38 -17.85
N GLU B 19 -34.87 41.22 -16.95
CA GLU B 19 -35.00 39.96 -16.19
C GLU B 19 -35.13 38.76 -17.11
N LEU B 20 -35.77 38.94 -18.27
CA LEU B 20 -36.03 37.82 -19.16
C LEU B 20 -34.77 37.29 -19.83
N THR B 21 -33.64 38.00 -19.74
CA THR B 21 -32.42 37.53 -20.38
C THR B 21 -32.02 36.14 -19.89
N VAL B 22 -32.34 35.80 -18.64
CA VAL B 22 -32.13 34.45 -18.13
C VAL B 22 -33.39 33.85 -17.52
N GLN B 23 -34.47 34.61 -17.39
CA GLN B 23 -35.71 34.09 -16.83
C GLN B 23 -36.22 32.92 -17.66
N THR B 24 -36.61 31.84 -16.96
CA THR B 24 -36.95 30.60 -17.65
C THR B 24 -38.19 30.77 -18.51
N VAL B 25 -38.42 29.78 -19.37
CA VAL B 25 -39.64 29.78 -20.18
C VAL B 25 -40.86 29.77 -19.27
N ALA B 26 -40.72 29.19 -18.09
CA ALA B 26 -41.76 29.36 -17.08
C ALA B 26 -41.94 30.83 -16.76
N ASP B 27 -40.83 31.54 -16.55
CA ASP B 27 -40.93 32.98 -16.34
C ASP B 27 -41.43 33.68 -17.60
N LEU B 28 -41.21 33.07 -18.76
CA LEU B 28 -41.77 33.62 -19.98
C LEU B 28 -43.29 33.59 -19.94
N LYS B 29 -43.86 32.43 -19.62
CA LYS B 29 -45.31 32.35 -19.47
C LYS B 29 -45.79 33.24 -18.33
N HIS B 30 -44.93 33.45 -17.33
CA HIS B 30 -45.26 34.39 -16.27
C HIS B 30 -45.42 35.80 -16.81
N ALA B 31 -44.46 36.24 -17.63
CA ALA B 31 -44.59 37.55 -18.27
C ALA B 31 -45.82 37.58 -19.16
N ILE B 32 -46.15 36.44 -19.78
CA ILE B 32 -47.35 36.34 -20.59
C ILE B 32 -48.58 36.64 -19.73
N GLN B 33 -48.61 36.06 -18.54
CA GLN B 33 -49.63 36.40 -17.57
C GLN B 33 -49.58 37.87 -17.18
N SER B 34 -48.37 38.45 -17.12
CA SER B 34 -48.16 39.70 -16.40
C SER B 34 -49.05 40.82 -16.90
N LYS B 35 -49.50 40.76 -18.16
CA LYS B 35 -50.39 41.78 -18.68
C LYS B 35 -51.53 41.17 -19.51
N TYR B 36 -51.74 39.85 -19.41
CA TYR B 36 -52.77 39.22 -20.23
C TYR B 36 -53.09 37.80 -19.75
N LYS B 37 -54.11 37.21 -20.34
CA LYS B 37 -54.41 35.81 -20.11
C LYS B 37 -53.45 34.91 -20.81
N ILE B 38 -52.38 35.49 -21.31
CA ILE B 38 -51.42 34.80 -22.17
C ILE B 38 -50.70 33.71 -21.39
N ALA B 39 -50.98 33.59 -20.09
CA ALA B 39 -50.52 32.42 -19.36
C ALA B 39 -51.37 31.20 -19.61
N ILE B 40 -52.50 31.33 -20.31
CA ILE B 40 -53.44 30.22 -20.45
C ILE B 40 -52.79 29.06 -21.20
N GLN B 41 -53.44 27.90 -21.10
CA GLN B 41 -53.03 26.76 -21.91
C GLN B 41 -53.15 27.12 -23.39
N HIS B 42 -52.20 26.64 -24.18
CA HIS B 42 -52.06 27.16 -25.54
C HIS B 42 -51.40 26.14 -26.46
N GLN B 43 -51.57 26.37 -27.76
CA GLN B 43 -50.98 25.54 -28.80
C GLN B 43 -49.46 25.57 -28.76
N VAL B 44 -48.86 26.74 -28.98
CA VAL B 44 -47.41 26.86 -28.96
C VAL B 44 -47.03 28.32 -28.87
N LEU B 45 -45.88 28.59 -28.25
CA LEU B 45 -45.17 29.85 -28.37
C LEU B 45 -43.75 29.52 -28.82
N VAL B 46 -43.23 30.28 -29.78
CA VAL B 46 -42.10 29.81 -30.54
C VAL B 46 -41.18 30.95 -30.93
N VAL B 47 -39.98 30.58 -31.36
CA VAL B 47 -38.98 31.54 -31.79
C VAL B 47 -38.70 31.33 -33.27
N ASN B 48 -37.80 32.13 -33.82
CA ASN B 48 -37.27 31.88 -35.15
C ASN B 48 -36.86 30.41 -35.25
N GLY B 49 -37.02 29.81 -36.42
CA GLY B 49 -36.83 28.39 -36.56
C GLY B 49 -37.86 27.53 -35.87
N GLY B 50 -38.68 28.10 -34.98
CA GLY B 50 -39.80 27.38 -34.41
C GLY B 50 -39.46 26.71 -33.09
N GLU B 51 -39.91 27.29 -31.98
CA GLU B 51 -39.60 26.71 -30.67
C GLU B 51 -40.70 25.74 -30.22
N CYS B 52 -41.92 26.25 -30.07
CA CYS B 52 -43.00 25.47 -29.45
C CYS B 52 -42.55 24.89 -28.12
N MET B 53 -41.91 25.73 -27.33
CA MET B 53 -41.12 25.28 -26.18
C MET B 53 -42.02 24.90 -25.00
N ALA B 54 -41.38 24.67 -23.86
CA ALA B 54 -42.05 24.31 -22.62
C ALA B 54 -41.44 25.11 -21.46
N ALA B 55 -42.22 25.24 -20.39
CA ALA B 55 -41.89 26.18 -19.31
C ALA B 55 -40.58 25.82 -18.62
N ASP B 56 -40.22 24.54 -18.61
CA ASP B 56 -39.03 24.11 -17.88
C ASP B 56 -37.78 24.81 -18.39
N ARG B 57 -37.71 25.06 -19.70
CA ARG B 57 -36.51 25.63 -20.28
C ARG B 57 -36.20 27.00 -19.70
N ARG B 58 -34.92 27.23 -19.42
CA ARG B 58 -34.47 28.57 -19.13
C ARG B 58 -34.53 29.43 -20.39
N VAL B 59 -34.22 30.72 -20.22
CA VAL B 59 -34.25 31.64 -21.36
C VAL B 59 -33.27 31.17 -22.43
N CYS B 60 -32.02 30.93 -22.02
CA CYS B 60 -31.03 30.46 -22.97
C CYS B 60 -31.30 29.03 -23.40
N THR B 61 -32.02 28.25 -22.59
CA THR B 61 -32.37 26.90 -22.98
C THR B 61 -33.13 26.91 -24.29
N TYR B 62 -33.91 27.96 -24.53
CA TYR B 62 -34.51 28.20 -25.84
C TYR B 62 -33.67 29.21 -26.62
N SER B 63 -33.90 29.25 -27.93
CA SER B 63 -33.22 30.22 -28.77
C SER B 63 -33.74 31.63 -28.48
N ALA B 64 -32.93 32.62 -28.82
CA ALA B 64 -33.21 33.99 -28.44
C ALA B 64 -34.31 34.61 -29.30
N GLY B 65 -34.97 35.62 -28.73
CA GLY B 65 -35.85 36.49 -29.46
C GLY B 65 -35.78 37.87 -28.86
N THR B 66 -36.10 38.89 -29.66
CA THR B 66 -35.85 40.25 -29.22
C THR B 66 -36.73 41.22 -29.99
N ASP B 67 -36.64 42.49 -29.58
CA ASP B 67 -37.26 43.57 -30.33
C ASP B 67 -36.71 43.66 -31.75
N THR B 68 -35.70 42.86 -32.07
CA THR B 68 -35.31 42.67 -33.46
C THR B 68 -35.13 41.20 -33.79
N ASN B 69 -35.48 40.28 -32.88
CA ASN B 69 -35.25 38.87 -33.11
C ASN B 69 -36.54 38.09 -32.92
N PRO B 70 -36.68 36.94 -33.59
CA PRO B 70 -37.98 36.27 -33.63
C PRO B 70 -38.22 35.31 -32.48
N ILE B 71 -39.23 35.62 -31.65
CA ILE B 71 -39.81 34.71 -30.68
C ILE B 71 -41.19 35.23 -30.31
N PHE B 72 -42.19 34.35 -30.31
CA PHE B 72 -43.56 34.80 -30.12
C PHE B 72 -44.46 33.61 -29.85
N LEU B 73 -45.76 33.90 -29.72
CA LEU B 73 -46.75 32.85 -29.53
C LEU B 73 -47.75 32.84 -30.69
N PHE B 74 -48.16 31.64 -31.08
CA PHE B 74 -49.08 31.44 -32.21
C PHE B 74 -50.18 30.47 -31.81
N ASN B 75 -50.85 30.75 -30.70
CA ASN B 75 -51.72 29.78 -30.05
C ASN B 75 -53.07 30.39 -29.71
N LYS B 76 -54.07 29.51 -29.56
CA LYS B 76 -55.46 29.93 -29.39
C LYS B 76 -55.70 30.70 -28.11
N GLU B 77 -54.79 30.61 -27.14
CA GLU B 77 -54.99 31.19 -25.81
C GLU B 77 -55.31 32.67 -25.91
N MET B 78 -54.79 33.31 -26.95
CA MET B 78 -55.29 34.61 -27.38
C MET B 78 -55.96 34.40 -28.72
N ILE B 79 -57.22 34.84 -28.82
CA ILE B 79 -57.97 34.77 -30.06
C ILE B 79 -57.99 33.34 -30.59
N LEU B 80 -58.63 32.43 -29.84
CA LEU B 80 -58.85 31.09 -30.37
C LEU B 80 -59.65 31.12 -31.66
N CYS B 81 -60.40 32.19 -31.90
CA CYS B 81 -61.05 32.45 -33.19
C CYS B 81 -60.56 33.78 -33.74
N ASP B 82 -61.04 34.13 -34.92
CA ASP B 82 -60.66 35.39 -35.55
C ASP B 82 -61.06 36.58 -34.70
N ARG B 83 -60.12 37.49 -34.49
CA ARG B 83 -60.35 38.60 -33.57
C ARG B 83 -59.57 39.83 -34.02
N PRO B 84 -59.86 40.35 -35.21
CA PRO B 84 -59.09 41.48 -35.71
C PRO B 84 -59.35 42.72 -34.90
N PRO B 85 -58.45 43.09 -34.00
CA PRO B 85 -58.53 44.42 -33.40
C PRO B 85 -58.45 45.46 -34.49
N ALA B 86 -59.28 46.50 -34.37
CA ALA B 86 -59.43 47.46 -35.45
C ALA B 86 -58.36 48.54 -35.33
N ILE B 87 -58.50 49.60 -36.14
CA ILE B 87 -57.49 50.65 -36.21
C ILE B 87 -57.44 51.39 -34.88
N PRO B 88 -56.43 51.14 -34.05
CA PRO B 88 -56.29 51.95 -32.84
C PRO B 88 -56.06 53.41 -33.13
N LYS B 89 -55.43 53.72 -34.26
CA LYS B 89 -55.00 55.07 -34.54
C LYS B 89 -56.18 55.95 -34.98
N THR B 90 -55.98 57.25 -34.86
CA THR B 90 -57.00 58.23 -35.22
C THR B 90 -57.18 58.31 -36.73
N THR B 91 -58.41 58.59 -37.16
CA THR B 91 -58.64 58.87 -38.56
C THR B 91 -58.03 60.22 -38.92
N PHE B 92 -57.95 60.48 -40.22
CA PHE B 92 -57.26 61.65 -40.74
C PHE B 92 -58.20 62.79 -41.10
N SER B 93 -59.47 62.70 -40.71
CA SER B 93 -60.40 63.77 -41.06
C SER B 93 -59.98 65.10 -40.46
N THR B 94 -59.16 65.08 -39.41
CA THR B 94 -58.58 66.32 -38.91
C THR B 94 -57.82 67.02 -40.02
N GLU B 95 -57.12 66.24 -40.85
CA GLU B 95 -56.53 66.80 -42.06
C GLU B 95 -57.62 67.25 -43.02
N ASN B 96 -58.68 66.45 -43.15
CA ASN B 96 -59.84 66.93 -43.91
C ASN B 96 -60.41 68.17 -43.23
N ASP B 97 -60.46 68.17 -41.91
CA ASP B 97 -60.73 69.41 -41.18
C ASP B 97 -59.67 70.43 -41.49
N MET B 98 -58.40 70.01 -41.49
CA MET B 98 -57.35 70.90 -41.94
C MET B 98 -57.50 71.23 -43.42
N GLU B 99 -58.08 70.31 -44.19
CA GLU B 99 -58.34 70.63 -45.60
C GLU B 99 -59.26 71.82 -45.69
N ILE B 100 -60.32 71.83 -44.89
CA ILE B 100 -61.18 73.00 -44.81
C ILE B 100 -60.39 74.21 -44.31
N LYS B 101 -59.58 74.00 -43.27
CA LYS B 101 -58.88 75.12 -42.64
C LYS B 101 -57.99 75.84 -43.65
N VAL B 102 -57.29 75.08 -44.47
CA VAL B 102 -56.50 75.67 -45.55
C VAL B 102 -57.43 76.29 -46.59
N GLU B 103 -58.48 75.54 -46.97
CA GLU B 103 -59.36 76.00 -48.04
C GLU B 103 -60.08 77.27 -47.64
N GLU B 104 -60.53 77.37 -46.41
CA GLU B 104 -61.29 78.55 -46.01
C GLU B 104 -60.74 79.26 -44.79
N SER B 105 -60.33 78.52 -43.75
CA SER B 105 -59.89 79.19 -42.53
C SER B 105 -58.60 79.96 -42.73
N LEU B 106 -57.91 79.75 -43.87
CA LEU B 106 -56.82 80.62 -44.24
C LEU B 106 -57.26 82.03 -44.57
N MET B 107 -58.56 82.32 -44.44
CA MET B 107 -59.10 83.63 -44.77
C MET B 107 -58.50 84.71 -43.85
N MET B 108 -58.86 85.95 -44.12
CA MET B 108 -58.23 87.11 -43.51
C MET B 108 -56.72 87.00 -43.72
N PRO B 109 -56.26 87.00 -44.96
CA PRO B 109 -54.83 86.71 -45.22
C PRO B 109 -53.89 87.71 -44.56
N ALA B 110 -54.38 88.90 -44.20
CA ALA B 110 -53.53 89.89 -43.56
C ALA B 110 -52.94 89.39 -42.24
N VAL B 111 -53.55 88.37 -41.64
CA VAL B 111 -52.97 87.74 -40.43
C VAL B 111 -52.04 86.65 -40.95
N PHE B 112 -50.83 87.08 -41.30
CA PHE B 112 -49.84 86.13 -41.82
C PHE B 112 -49.43 85.14 -40.76
N HIS B 113 -49.35 85.59 -39.50
CA HIS B 113 -48.95 84.70 -38.43
C HIS B 113 -49.91 83.54 -38.27
N THR B 114 -51.22 83.83 -38.27
CA THR B 114 -52.20 82.76 -38.14
C THR B 114 -52.15 81.83 -39.33
N VAL B 115 -51.92 82.38 -40.52
CA VAL B 115 -51.81 81.54 -41.71
C VAL B 115 -50.63 80.59 -41.58
N ALA B 116 -49.49 81.10 -41.11
CA ALA B 116 -48.33 80.25 -40.89
C ALA B 116 -48.63 79.19 -39.86
N SER B 117 -49.30 79.58 -38.78
CA SER B 117 -49.74 78.61 -37.79
C SER B 117 -50.53 77.50 -38.44
N ARG B 118 -51.50 77.88 -39.28
CA ARG B 118 -52.26 76.89 -40.02
C ARG B 118 -51.32 75.98 -40.80
N THR B 119 -50.40 76.58 -41.55
CA THR B 119 -49.39 75.79 -42.24
C THR B 119 -48.58 74.99 -41.24
N GLN B 120 -48.15 75.64 -40.17
CA GLN B 120 -47.52 74.89 -39.10
C GLN B 120 -48.47 73.84 -38.57
N LEU B 121 -49.72 74.25 -38.34
CA LEU B 121 -50.73 73.27 -38.00
C LEU B 121 -50.86 72.26 -39.12
N ALA B 122 -50.80 72.73 -40.36
CA ALA B 122 -50.69 71.78 -41.45
C ALA B 122 -49.42 70.98 -41.30
N LEU B 123 -48.33 71.64 -40.94
CA LEU B 123 -47.09 70.92 -40.70
C LEU B 123 -47.23 70.00 -39.50
N GLU B 124 -47.98 70.45 -38.50
CA GLU B 124 -48.29 69.57 -37.40
C GLU B 124 -48.94 68.31 -37.93
N MET B 125 -49.97 68.48 -38.74
CA MET B 125 -50.65 67.35 -39.36
C MET B 125 -49.67 66.53 -40.17
N TYR B 126 -48.72 67.19 -40.78
CA TYR B 126 -47.70 66.49 -41.52
C TYR B 126 -47.01 65.50 -40.60
N GLU B 127 -46.36 66.02 -39.58
CA GLU B 127 -45.66 65.14 -38.65
C GLU B 127 -46.62 64.10 -38.10
N VAL B 128 -47.88 64.47 -37.98
CA VAL B 128 -48.86 63.53 -37.46
C VAL B 128 -48.98 62.35 -38.41
N ALA B 129 -49.18 62.66 -39.67
CA ALA B 129 -49.22 61.61 -40.65
C ALA B 129 -47.91 60.87 -40.67
N LYS B 130 -46.83 61.55 -40.33
CA LYS B 130 -45.54 60.89 -40.29
C LYS B 130 -45.59 59.79 -39.26
N LYS B 131 -46.11 60.11 -38.10
CA LYS B 131 -46.32 59.10 -37.10
C LYS B 131 -47.23 58.01 -37.62
N LEU B 132 -48.27 58.41 -38.33
CA LEU B 132 -49.17 57.42 -38.89
C LEU B 132 -48.40 56.48 -39.77
N CYS B 133 -47.54 57.02 -40.59
CA CYS B 133 -46.74 56.21 -41.48
C CYS B 133 -45.85 55.31 -40.70
N SER B 134 -45.26 55.83 -39.65
CA SER B 134 -44.45 54.99 -38.81
C SER B 134 -45.26 53.82 -38.32
N PHE B 135 -46.48 54.10 -37.89
CA PHE B 135 -47.37 53.04 -37.45
C PHE B 135 -47.60 52.08 -38.59
N CYS B 136 -47.73 52.61 -39.78
CA CYS B 136 -47.90 51.74 -40.91
C CYS B 136 -46.71 50.83 -41.03
N GLU B 137 -45.52 51.40 -40.91
CA GLU B 137 -44.32 50.59 -40.92
C GLU B 137 -44.40 49.54 -39.84
N GLY B 138 -44.98 49.92 -38.72
CA GLY B 138 -45.22 48.94 -37.69
C GLY B 138 -46.06 47.82 -38.23
N LEU B 139 -47.12 48.18 -38.93
CA LEU B 139 -47.98 47.16 -39.51
C LEU B 139 -47.17 46.32 -40.48
N VAL B 140 -46.21 46.95 -41.14
CA VAL B 140 -45.38 46.23 -42.08
C VAL B 140 -44.63 45.15 -41.35
N HIS B 141 -43.91 45.56 -40.32
CA HIS B 141 -43.20 44.61 -39.48
C HIS B 141 -44.17 43.59 -38.93
N ASP B 142 -45.41 44.00 -38.74
CA ASP B 142 -46.42 43.08 -38.26
C ASP B 142 -46.62 41.98 -39.27
N GLU B 143 -46.80 42.36 -40.52
CA GLU B 143 -46.94 41.37 -41.57
C GLU B 143 -45.72 40.51 -41.62
N HIS B 144 -44.56 41.12 -41.42
CA HIS B 144 -43.32 40.40 -41.41
C HIS B 144 -43.38 39.28 -40.39
N LEU B 145 -43.49 39.67 -39.14
CA LEU B 145 -43.53 38.69 -38.07
C LEU B 145 -44.71 37.77 -38.24
N GLN B 146 -45.73 38.20 -38.97
CA GLN B 146 -46.88 37.37 -39.19
C GLN B 146 -46.50 36.19 -40.05
N HIS B 147 -45.95 36.47 -41.21
CA HIS B 147 -45.41 35.41 -42.03
C HIS B 147 -44.41 34.60 -41.24
N GLN B 148 -43.66 35.27 -40.38
CA GLN B 148 -42.67 34.58 -39.56
C GLN B 148 -43.34 33.50 -38.73
N GLY B 149 -44.38 33.87 -38.00
CA GLY B 149 -45.09 32.89 -37.22
C GLY B 149 -45.69 31.83 -38.09
N TRP B 150 -46.21 32.21 -39.24
CA TRP B 150 -46.79 31.22 -40.14
C TRP B 150 -45.77 30.16 -40.44
N ALA B 151 -44.57 30.61 -40.76
CA ALA B 151 -43.49 29.68 -41.03
C ALA B 151 -43.15 28.87 -39.80
N ALA B 152 -43.20 29.50 -38.63
CA ALA B 152 -42.85 28.77 -37.41
C ALA B 152 -43.84 27.64 -37.20
N ILE B 153 -45.10 27.93 -37.36
CA ILE B 153 -46.13 26.91 -37.28
C ILE B 153 -45.84 25.84 -38.31
N MET B 154 -45.46 26.27 -39.50
CA MET B 154 -45.11 25.33 -40.54
C MET B 154 -44.05 24.39 -40.01
N ALA B 155 -43.05 24.97 -39.35
CA ALA B 155 -41.96 24.20 -38.81
C ALA B 155 -42.52 23.14 -37.88
N ASN B 156 -43.38 23.60 -36.99
CA ASN B 156 -44.03 22.68 -36.06
C ASN B 156 -44.67 21.55 -36.84
N LEU B 157 -45.39 21.89 -37.89
CA LEU B 157 -46.11 20.94 -38.69
C LEU B 157 -45.11 19.90 -39.19
N GLU B 158 -44.00 20.38 -39.72
CA GLU B 158 -42.97 19.47 -40.18
C GLU B 158 -42.51 18.60 -39.04
N ASP B 159 -42.30 19.20 -37.88
CA ASP B 159 -42.02 18.39 -36.71
C ASP B 159 -43.15 17.42 -36.47
N CYS B 160 -44.38 17.91 -36.54
CA CYS B 160 -45.50 16.99 -36.52
C CYS B 160 -45.42 16.05 -37.71
N SER B 161 -45.10 16.60 -38.88
CA SER B 161 -44.90 15.74 -40.04
C SER B 161 -43.79 14.75 -39.77
N ASN B 162 -42.76 15.18 -39.06
CA ASN B 162 -41.78 14.22 -38.59
C ASN B 162 -42.44 13.21 -37.67
N SER B 163 -43.22 13.72 -36.71
CA SER B 163 -43.98 12.82 -35.88
C SER B 163 -44.91 11.97 -36.71
N TYR B 164 -45.45 12.57 -37.77
CA TYR B 164 -46.27 11.80 -38.68
C TYR B 164 -45.50 10.62 -39.21
N GLN B 165 -44.30 10.87 -39.71
CA GLN B 165 -43.52 9.78 -40.26
C GLN B 165 -43.15 8.78 -39.19
N LYS B 166 -43.01 9.25 -37.96
CA LYS B 166 -42.79 8.32 -36.87
C LYS B 166 -43.97 7.39 -36.73
N LEU B 167 -45.16 7.96 -36.76
CA LEU B 167 -46.36 7.16 -36.78
C LEU B 167 -46.35 6.23 -37.97
N LEU B 168 -45.79 6.69 -39.08
CA LEU B 168 -45.70 5.85 -40.26
C LEU B 168 -44.82 4.64 -39.97
N PHE B 169 -43.71 4.87 -39.29
CA PHE B 169 -42.84 3.78 -38.91
C PHE B 169 -43.61 2.80 -38.06
N LYS B 170 -44.36 3.32 -37.11
CA LYS B 170 -45.25 2.50 -36.32
C LYS B 170 -46.15 1.69 -37.23
N PHE B 171 -46.69 2.33 -38.25
CA PHE B 171 -47.59 1.65 -39.16
C PHE B 171 -46.88 0.47 -39.80
N GLU B 172 -45.71 0.71 -40.38
CA GLU B 172 -44.91 -0.38 -40.89
C GLU B 172 -44.70 -1.41 -39.81
N SER B 173 -44.38 -0.95 -38.60
CA SER B 173 -44.38 -1.85 -37.47
C SER B 173 -45.77 -2.42 -37.25
N ILE B 174 -46.80 -1.59 -37.32
CA ILE B 174 -48.16 -2.07 -37.03
C ILE B 174 -48.53 -3.16 -38.01
N TYR B 175 -48.26 -2.94 -39.28
CA TYR B 175 -48.45 -4.00 -40.26
C TYR B 175 -47.56 -5.18 -39.91
N SER B 176 -46.31 -4.90 -39.57
CA SER B 176 -45.46 -5.95 -39.04
C SER B 176 -46.08 -6.52 -37.78
N ASN B 177 -46.61 -5.64 -36.93
CA ASN B 177 -47.34 -6.11 -35.76
C ASN B 177 -48.53 -6.95 -36.19
N TYR B 178 -49.24 -6.49 -37.20
CA TYR B 178 -50.21 -7.37 -37.84
C TYR B 178 -49.51 -8.59 -38.40
N LEU B 179 -48.37 -8.39 -39.07
CA LEU B 179 -47.68 -9.51 -39.68
C LEU B 179 -47.16 -10.48 -38.61
N GLN B 180 -46.50 -9.95 -37.59
CA GLN B 180 -45.98 -10.82 -36.54
C GLN B 180 -47.11 -11.54 -35.83
N SER B 181 -48.31 -10.94 -35.81
CA SER B 181 -49.44 -11.59 -35.16
C SER B 181 -49.82 -12.88 -35.85
N ILE B 182 -49.33 -13.12 -37.08
CA ILE B 182 -49.70 -14.32 -37.80
C ILE B 182 -49.39 -15.56 -36.99
N GLU B 183 -48.17 -15.63 -36.45
CA GLU B 183 -47.79 -16.75 -35.61
C GLU B 183 -47.94 -16.46 -34.12
N ASP B 184 -48.19 -15.21 -33.75
CA ASP B 184 -48.35 -14.88 -32.33
C ASP B 184 -49.48 -15.67 -31.70
N ILE B 185 -50.57 -15.83 -32.45
CA ILE B 185 -51.64 -16.70 -31.98
C ILE B 185 -51.13 -18.12 -31.80
N LYS B 186 -50.45 -18.65 -32.82
CA LYS B 186 -49.80 -19.94 -32.67
C LYS B 186 -48.83 -19.91 -31.51
N LEU B 187 -48.12 -18.79 -31.37
CA LEU B 187 -47.29 -18.59 -30.18
C LEU B 187 -48.16 -18.61 -28.94
N LYS B 188 -49.33 -17.97 -28.99
CA LYS B 188 -50.28 -18.11 -27.89
C LYS B 188 -50.84 -19.52 -27.86
N LEU B 189 -51.10 -20.09 -29.03
CA LEU B 189 -51.58 -21.47 -29.10
C LEU B 189 -50.57 -22.41 -28.46
N THR B 190 -49.29 -22.22 -28.80
CA THR B 190 -48.26 -23.01 -28.14
C THR B 190 -48.20 -22.69 -26.66
N HIS B 191 -48.43 -21.43 -26.30
CA HIS B 191 -48.42 -21.01 -24.91
C HIS B 191 -49.48 -21.73 -24.10
N LEU B 192 -50.53 -22.18 -24.76
CA LEU B 192 -51.50 -23.05 -24.09
C LEU B 192 -50.83 -24.31 -23.55
N GLY B 193 -50.23 -25.10 -24.44
CA GLY B 193 -49.52 -26.29 -23.99
C GLY B 193 -48.34 -25.95 -23.10
N THR B 194 -47.82 -24.73 -23.22
CA THR B 194 -46.71 -24.31 -22.37
C THR B 194 -47.16 -24.12 -20.93
N ALA B 195 -48.28 -23.43 -20.73
CA ALA B 195 -48.86 -23.35 -19.40
C ALA B 195 -49.29 -24.72 -18.93
N VAL B 196 -49.65 -25.61 -19.85
CA VAL B 196 -49.91 -27.00 -19.49
C VAL B 196 -48.65 -27.63 -18.91
N SER B 197 -47.51 -27.37 -19.54
CA SER B 197 -46.25 -27.89 -19.04
C SER B 197 -45.87 -27.22 -17.72
N VAL B 198 -46.25 -25.95 -17.56
CA VAL B 198 -46.08 -25.28 -16.27
C VAL B 198 -46.85 -26.04 -15.21
N MET B 199 -48.08 -26.40 -15.53
CA MET B 199 -48.79 -27.43 -14.77
C MET B 199 -47.98 -28.72 -14.86
N ALA B 200 -48.04 -29.51 -13.80
CA ALA B 200 -47.07 -30.59 -13.59
C ALA B 200 -45.66 -30.03 -13.55
N LYS B 201 -45.48 -28.92 -12.84
CA LYS B 201 -44.15 -28.33 -12.64
C LYS B 201 -43.25 -29.35 -11.97
N ILE B 202 -41.95 -29.07 -11.92
CA ILE B 202 -40.97 -29.99 -11.36
C ILE B 202 -41.48 -30.48 -10.01
N PRO B 203 -41.91 -31.74 -9.90
CA PRO B 203 -42.58 -32.19 -8.67
C PRO B 203 -41.70 -32.06 -7.45
N LEU B 204 -40.39 -32.19 -7.62
CA LEU B 204 -39.42 -31.77 -6.63
C LEU B 204 -38.56 -30.69 -7.26
N LEU B 205 -37.56 -30.23 -6.50
CA LEU B 205 -36.62 -29.25 -7.00
C LEU B 205 -35.40 -29.29 -6.09
N GLU B 206 -34.42 -28.43 -6.40
CA GLU B 206 -33.18 -28.38 -5.62
C GLU B 206 -33.48 -28.40 -4.14
N CYS B 207 -34.22 -27.40 -3.67
CA CYS B 207 -34.75 -27.33 -2.32
C CYS B 207 -36.25 -27.11 -2.37
N LEU B 208 -36.91 -27.82 -3.28
CA LEU B 208 -38.29 -27.53 -3.66
C LEU B 208 -38.30 -26.06 -4.09
N THR B 209 -39.27 -25.27 -3.64
CA THR B 209 -39.23 -23.84 -3.92
C THR B 209 -38.12 -23.14 -3.15
N ARG B 210 -37.51 -23.80 -2.17
CA ARG B 210 -36.45 -23.20 -1.35
C ARG B 210 -36.95 -21.97 -0.61
N HIS B 211 -38.26 -21.74 -0.65
CA HIS B 211 -38.88 -20.55 -0.04
C HIS B 211 -38.17 -19.28 -0.48
N SER B 212 -37.66 -19.28 -1.72
CA SER B 212 -36.86 -18.18 -2.23
C SER B 212 -35.68 -17.89 -1.32
N PHE B 304 -47.63 -31.28 -4.13
CA PHE B 304 -48.39 -30.04 -4.01
C PHE B 304 -48.89 -29.57 -5.37
N ASN B 305 -50.07 -28.96 -5.39
CA ASN B 305 -50.70 -28.54 -6.63
C ASN B 305 -50.35 -27.12 -7.04
N VAL B 306 -49.79 -26.31 -6.14
CA VAL B 306 -49.41 -24.95 -6.49
C VAL B 306 -48.13 -25.00 -7.31
N SER B 307 -48.28 -25.00 -8.63
CA SER B 307 -47.13 -25.13 -9.52
C SER B 307 -46.17 -23.98 -9.31
N LEU B 308 -44.95 -24.31 -8.85
CA LEU B 308 -43.92 -23.29 -8.70
C LEU B 308 -43.74 -22.54 -10.00
N LEU B 309 -43.99 -23.21 -11.12
CA LEU B 309 -44.10 -22.52 -12.40
C LEU B 309 -45.17 -21.45 -12.27
N ASP B 310 -46.42 -21.86 -12.08
CA ASP B 310 -47.49 -20.89 -11.97
C ASP B 310 -47.29 -20.00 -10.77
N TRP B 311 -46.63 -20.52 -9.73
CA TRP B 311 -46.37 -19.74 -8.54
C TRP B 311 -45.59 -18.50 -8.92
N ILE B 312 -44.38 -18.70 -9.42
CA ILE B 312 -43.58 -17.57 -9.84
C ILE B 312 -44.32 -16.81 -10.93
N ASN B 313 -45.18 -17.52 -11.68
CA ASN B 313 -46.03 -16.81 -12.61
C ASN B 313 -46.94 -15.84 -11.90
N VAL B 314 -47.09 -16.00 -10.59
CA VAL B 314 -47.72 -15.00 -9.76
C VAL B 314 -46.70 -14.25 -8.92
N GLN B 315 -45.41 -14.34 -9.26
CA GLN B 315 -44.40 -13.75 -8.41
C GLN B 315 -44.37 -12.23 -8.47
N ASP B 316 -45.37 -11.59 -9.08
CA ASP B 316 -45.39 -10.14 -9.14
C ASP B 316 -46.83 -9.67 -9.08
N ARG B 317 -47.00 -8.36 -8.81
CA ARG B 317 -48.32 -7.86 -8.44
C ARG B 317 -49.27 -7.75 -9.62
N PRO B 318 -48.97 -6.98 -10.67
CA PRO B 318 -50.04 -6.53 -11.58
C PRO B 318 -50.10 -7.21 -12.94
N ASN B 319 -49.43 -8.34 -13.15
CA ASN B 319 -49.40 -8.95 -14.47
C ASN B 319 -50.18 -10.25 -14.47
N ASP B 320 -50.30 -10.86 -15.66
CA ASP B 320 -51.13 -12.03 -15.86
C ASP B 320 -50.31 -13.20 -16.37
N VAL B 321 -50.54 -14.37 -15.78
CA VAL B 321 -49.78 -15.60 -16.02
C VAL B 321 -50.26 -16.33 -17.27
N GLU B 322 -49.50 -17.32 -17.71
CA GLU B 322 -49.84 -18.14 -18.87
C GLU B 322 -50.10 -17.26 -20.09
N SER B 323 -49.12 -16.41 -20.40
CA SER B 323 -49.05 -15.55 -21.57
C SER B 323 -50.01 -14.37 -21.52
N LEU B 324 -50.78 -14.21 -20.44
CA LEU B 324 -51.68 -13.07 -20.27
C LEU B 324 -52.65 -12.95 -21.43
N VAL B 325 -53.32 -14.05 -21.78
CA VAL B 325 -54.10 -14.09 -23.02
C VAL B 325 -55.34 -13.21 -22.96
N ARG B 326 -55.92 -13.04 -21.76
CA ARG B 326 -57.05 -12.14 -21.63
C ARG B 326 -56.68 -10.74 -22.08
N LYS B 327 -55.44 -10.33 -21.81
CA LYS B 327 -54.96 -9.05 -22.32
C LYS B 327 -54.45 -9.17 -23.76
N CYS B 328 -53.96 -10.35 -24.14
CA CYS B 328 -53.33 -10.53 -25.45
C CYS B 328 -54.37 -10.43 -26.57
N PHE B 329 -55.46 -11.18 -26.46
CA PHE B 329 -56.51 -11.04 -27.45
C PHE B 329 -57.10 -9.63 -27.43
N ASP B 330 -57.13 -9.01 -26.26
CA ASP B 330 -57.66 -7.65 -26.14
C ASP B 330 -56.81 -6.67 -26.92
N SER B 331 -55.49 -6.72 -26.74
CA SER B 331 -54.61 -5.85 -27.51
C SER B 331 -54.66 -6.23 -28.99
N MET B 332 -54.86 -7.52 -29.29
CA MET B 332 -55.01 -7.95 -30.69
C MET B 332 -56.18 -7.21 -31.33
N SER B 333 -57.27 -7.11 -30.59
CA SER B 333 -58.37 -6.24 -31.01
C SER B 333 -57.91 -4.79 -31.10
N ARG B 334 -57.17 -4.34 -30.09
CA ARG B 334 -56.69 -2.96 -30.06
C ARG B 334 -55.83 -2.64 -31.27
N LEU B 335 -55.40 -3.66 -32.01
CA LEU B 335 -54.61 -3.52 -33.21
C LEU B 335 -55.26 -4.22 -34.41
N ASP B 336 -56.58 -4.12 -34.53
CA ASP B 336 -57.27 -4.76 -35.64
C ASP B 336 -56.97 -4.05 -36.96
N PRO B 337 -57.17 -4.74 -38.08
CA PRO B 337 -56.94 -4.08 -39.37
C PRO B 337 -57.78 -2.84 -39.54
N ARG B 338 -59.00 -2.84 -39.02
CA ARG B 338 -59.84 -1.67 -39.08
C ARG B 338 -59.17 -0.47 -38.44
N ILE B 339 -58.42 -0.69 -37.36
CA ILE B 339 -57.71 0.41 -36.73
C ILE B 339 -56.69 1.01 -37.68
N ILE B 340 -55.94 0.15 -38.35
CA ILE B 340 -55.00 0.62 -39.36
C ILE B 340 -55.73 1.45 -40.39
N ARG B 341 -56.87 0.96 -40.85
CA ARG B 341 -57.66 1.74 -41.80
C ARG B 341 -58.06 3.08 -41.23
N PRO B 342 -58.67 3.16 -40.05
CA PRO B 342 -58.88 4.48 -39.44
C PRO B 342 -57.58 5.22 -39.22
N PHE B 343 -56.54 4.49 -38.80
CA PHE B 343 -55.24 5.12 -38.64
C PHE B 343 -54.72 5.62 -39.98
N ILE B 344 -54.87 4.80 -41.02
CA ILE B 344 -54.39 5.21 -42.33
C ILE B 344 -55.11 6.48 -42.76
N ALA B 345 -56.41 6.53 -42.53
CA ALA B 345 -57.17 7.73 -42.87
C ALA B 345 -56.66 8.92 -42.07
N GLU B 346 -56.37 8.71 -40.80
CA GLU B 346 -55.80 9.78 -40.00
C GLU B 346 -54.52 10.27 -40.65
N CYS B 347 -53.69 9.35 -41.12
CA CYS B 347 -52.44 9.72 -41.75
C CYS B 347 -52.69 10.54 -43.00
N ARG B 348 -53.65 10.10 -43.80
CA ARG B 348 -53.98 10.82 -45.02
C ARG B 348 -54.42 12.23 -44.68
N GLN B 349 -55.27 12.35 -43.67
CA GLN B 349 -55.74 13.66 -43.25
C GLN B 349 -54.57 14.51 -42.79
N THR B 350 -53.65 13.91 -42.05
CA THR B 350 -52.49 14.63 -41.59
C THR B 350 -51.72 15.17 -42.77
N ILE B 351 -51.54 14.34 -43.79
CA ILE B 351 -50.93 14.83 -45.02
C ILE B 351 -51.72 16.02 -45.54
N ALA B 352 -53.06 15.88 -45.55
CA ALA B 352 -53.91 16.99 -45.91
C ALA B 352 -53.81 18.10 -44.89
N LYS B 353 -53.62 17.75 -43.62
CA LYS B 353 -53.45 18.78 -42.60
C LYS B 353 -52.25 19.65 -42.92
N LEU B 354 -51.34 19.17 -43.74
CA LEU B 354 -50.20 19.95 -44.19
C LEU B 354 -50.41 20.56 -45.57
N ASP B 355 -51.63 20.52 -46.11
CA ASP B 355 -51.86 21.00 -47.47
C ASP B 355 -51.28 22.40 -47.66
N ASN B 356 -51.45 23.25 -46.66
CA ASN B 356 -50.76 24.55 -46.57
C ASN B 356 -50.96 25.43 -47.79
N GLN B 357 -51.96 25.11 -48.61
CA GLN B 357 -52.19 25.89 -49.82
C GLN B 357 -52.47 27.35 -49.48
N ASN B 358 -53.29 27.58 -48.46
CA ASN B 358 -53.63 28.94 -48.08
C ASN B 358 -52.39 29.70 -47.62
N MET B 359 -51.52 29.04 -46.85
CA MET B 359 -50.36 29.73 -46.29
C MET B 359 -49.48 30.30 -47.39
N LYS B 360 -49.09 29.46 -48.34
CA LYS B 360 -48.25 29.92 -49.43
C LYS B 360 -48.97 30.94 -50.30
N ALA B 361 -50.25 30.70 -50.57
CA ALA B 361 -51.01 31.66 -51.37
C ALA B 361 -51.10 33.00 -50.65
N ILE B 362 -51.34 32.97 -49.34
CA ILE B 362 -51.35 34.21 -48.56
C ILE B 362 -50.01 34.91 -48.69
N LYS B 363 -48.92 34.14 -48.67
CA LYS B 363 -47.60 34.72 -48.85
C LYS B 363 -47.49 35.41 -50.20
N GLY B 364 -48.05 34.78 -51.23
CA GLY B 364 -48.05 35.40 -52.55
C GLY B 364 -48.67 36.77 -52.46
N LEU B 365 -49.85 36.84 -51.87
CA LEU B 365 -50.44 38.14 -51.57
C LEU B 365 -49.53 38.92 -50.65
N GLU B 366 -49.00 38.24 -49.62
CA GLU B 366 -48.06 38.91 -48.74
C GLU B 366 -46.86 39.40 -49.53
N ASP B 367 -46.36 38.58 -50.45
CA ASP B 367 -45.30 39.04 -51.33
C ASP B 367 -45.72 40.35 -51.98
N ARG B 368 -46.90 40.36 -52.57
CA ARG B 368 -47.46 41.62 -53.03
C ARG B 368 -47.64 42.58 -51.86
N LEU B 369 -48.22 42.07 -50.77
CA LEU B 369 -48.37 42.93 -49.61
C LEU B 369 -47.02 43.40 -49.11
N TYR B 370 -45.97 42.63 -49.36
CA TYR B 370 -44.65 43.15 -49.09
C TYR B 370 -44.34 44.31 -50.03
N ALA B 371 -44.65 44.13 -51.31
CA ALA B 371 -44.54 45.28 -52.20
C ALA B 371 -45.46 46.38 -51.74
N LEU B 372 -46.59 46.01 -51.14
CA LEU B 372 -47.42 47.02 -50.55
C LEU B 372 -46.66 47.75 -49.47
N ASP B 373 -45.89 47.02 -48.70
CA ASP B 373 -45.05 47.66 -47.70
C ASP B 373 -44.08 48.61 -48.37
N GLN B 374 -43.52 48.18 -49.48
CA GLN B 374 -42.62 49.04 -50.22
C GLN B 374 -43.34 50.31 -50.61
N MET B 375 -44.55 50.16 -51.11
CA MET B 375 -45.31 51.32 -51.50
C MET B 375 -45.56 52.21 -50.31
N ILE B 376 -45.88 51.61 -49.18
CA ILE B 376 -46.11 52.40 -47.99
C ILE B 376 -44.83 53.11 -47.61
N ALA B 377 -43.72 52.46 -47.81
CA ALA B 377 -42.45 53.12 -47.57
C ALA B 377 -42.36 54.34 -48.46
N SER B 378 -42.72 54.17 -49.71
CA SER B 378 -42.76 55.31 -50.61
C SER B 378 -43.70 56.35 -50.07
N CYS B 379 -44.76 55.89 -49.43
CA CYS B 379 -45.70 56.83 -48.85
C CYS B 379 -44.98 57.66 -47.81
N GLY B 380 -44.20 57.00 -46.98
CA GLY B 380 -43.41 57.71 -46.03
C GLY B 380 -42.43 58.63 -46.71
N ARG B 381 -41.96 58.22 -47.87
CA ARG B 381 -41.06 59.07 -48.61
C ARG B 381 -41.78 60.37 -48.94
N LEU B 382 -42.95 60.24 -49.52
CA LEU B 382 -43.75 61.42 -49.79
C LEU B 382 -44.04 62.17 -48.52
N VAL B 383 -44.10 61.45 -47.41
CA VAL B 383 -44.31 62.12 -46.15
C VAL B 383 -43.13 63.02 -45.87
N ASN B 384 -41.94 62.47 -46.00
CA ASN B 384 -40.75 63.27 -45.84
C ASN B 384 -40.78 64.43 -46.81
N GLU B 385 -41.36 64.19 -47.99
CA GLU B 385 -41.53 65.28 -48.92
C GLU B 385 -42.40 66.34 -48.30
N GLN B 386 -43.46 65.91 -47.64
CA GLN B 386 -44.31 66.84 -46.95
C GLN B 386 -43.51 67.56 -45.88
N LYS B 387 -42.55 66.88 -45.30
CA LYS B 387 -41.72 67.50 -44.30
C LYS B 387 -40.90 68.62 -44.92
N GLU B 388 -40.32 68.32 -46.07
CA GLU B 388 -39.62 69.35 -46.83
C GLU B 388 -40.56 70.51 -47.09
N LEU B 389 -41.82 70.18 -47.36
CA LEU B 389 -42.81 71.23 -47.51
C LEU B 389 -42.88 72.04 -46.23
N ALA B 390 -42.91 71.34 -45.10
CA ALA B 390 -42.83 72.03 -43.83
C ALA B 390 -41.51 72.75 -43.73
N GLN B 391 -40.43 72.10 -44.14
CA GLN B 391 -39.18 72.81 -44.29
C GLN B 391 -39.39 74.01 -45.20
N GLY B 392 -40.06 73.79 -46.33
CA GLY B 392 -40.48 74.92 -47.12
C GLY B 392 -41.43 75.81 -46.36
N PHE B 393 -42.36 75.20 -45.60
CA PHE B 393 -43.30 75.98 -44.83
C PHE B 393 -42.57 76.75 -43.73
N LEU B 394 -41.52 76.16 -43.18
CA LEU B 394 -40.75 76.88 -42.18
C LEU B 394 -40.22 78.19 -42.75
N ALA B 395 -39.78 78.16 -44.01
CA ALA B 395 -39.27 79.37 -44.65
C ALA B 395 -40.30 80.47 -44.64
N ASN B 396 -41.59 80.12 -44.65
CA ASN B 396 -42.64 81.14 -44.61
C ASN B 396 -42.60 81.92 -43.31
N GLN B 397 -42.63 81.21 -42.18
CA GLN B 397 -42.55 81.90 -40.90
C GLN B 397 -41.24 82.64 -40.76
N LYS B 398 -40.17 82.10 -41.37
CA LYS B 398 -38.89 82.80 -41.33
C LYS B 398 -38.98 84.14 -42.05
N ARG B 399 -39.32 84.12 -43.33
CA ARG B 399 -39.39 85.33 -44.13
C ARG B 399 -40.47 86.27 -43.62
N ALA B 400 -41.37 85.79 -42.78
CA ALA B 400 -42.34 86.67 -42.15
C ALA B 400 -41.68 87.69 -41.24
N GLU B 401 -40.41 87.50 -40.90
CA GLU B 401 -39.73 88.33 -39.92
C GLU B 401 -38.60 89.14 -40.57
N ASN B 402 -38.54 90.43 -40.24
CA ASN B 402 -37.38 91.29 -40.51
C ASN B 402 -37.03 91.38 -41.99
N LEU B 403 -38.02 91.16 -42.86
CA LEU B 403 -37.73 91.16 -44.28
C LEU B 403 -37.41 92.56 -44.80
N LYS B 404 -38.23 93.55 -44.43
CA LYS B 404 -38.08 94.91 -44.94
C LYS B 404 -38.14 94.94 -46.47
N ASP B 405 -39.30 94.55 -47.00
CA ASP B 405 -39.50 94.44 -48.44
C ASP B 405 -40.97 94.72 -48.75
N ALA B 406 -41.39 94.36 -49.97
CA ALA B 406 -42.71 94.70 -50.47
C ALA B 406 -43.77 93.70 -50.00
N SER B 407 -45.02 93.96 -50.38
CA SER B 407 -46.15 93.14 -49.96
C SER B 407 -46.12 91.74 -50.57
N VAL B 408 -45.23 91.50 -51.53
CA VAL B 408 -45.18 90.20 -52.20
C VAL B 408 -44.96 89.09 -51.19
N LEU B 409 -44.10 89.32 -50.20
CA LEU B 409 -43.89 88.33 -49.15
C LEU B 409 -45.20 87.94 -48.49
N PRO B 410 -46.06 88.87 -48.08
CA PRO B 410 -47.38 88.46 -47.61
C PRO B 410 -48.16 87.65 -48.64
N ASP B 411 -48.06 88.02 -49.92
CA ASP B 411 -48.78 87.30 -50.96
C ASP B 411 -48.20 85.90 -51.15
N LEU B 412 -46.88 85.78 -51.05
CA LEU B 412 -46.23 84.49 -51.25
C LEU B 412 -46.74 83.46 -50.26
N CYS B 413 -47.04 83.89 -49.03
CA CYS B 413 -47.59 82.97 -48.05
C CYS B 413 -48.93 82.42 -48.53
N LEU B 414 -49.78 83.29 -49.07
CA LEU B 414 -50.98 82.81 -49.73
C LEU B 414 -50.61 81.86 -50.85
N SER B 415 -49.63 82.25 -51.66
CA SER B 415 -49.07 81.31 -52.63
C SER B 415 -48.48 80.10 -51.92
N HIS B 416 -47.75 80.34 -50.84
CA HIS B 416 -47.26 79.23 -50.04
C HIS B 416 -48.40 78.43 -49.46
N ALA B 417 -49.49 79.11 -49.10
CA ALA B 417 -50.65 78.40 -48.60
C ALA B 417 -51.17 77.43 -49.64
N ASN B 418 -51.28 77.88 -50.88
CA ASN B 418 -51.73 76.98 -51.94
C ASN B 418 -50.72 75.87 -52.17
N GLN B 419 -49.44 76.20 -52.10
CA GLN B 419 -48.42 75.18 -52.29
C GLN B 419 -48.56 74.11 -51.24
N LEU B 420 -48.66 74.50 -49.98
CA LEU B 420 -48.87 73.56 -48.91
C LEU B 420 -50.19 72.85 -49.06
N MET B 421 -51.16 73.50 -49.68
CA MET B 421 -52.43 72.85 -49.91
C MET B 421 -52.28 71.69 -50.87
N ILE B 422 -51.60 71.93 -51.99
CA ILE B 422 -51.34 70.85 -52.92
C ILE B 422 -50.50 69.78 -52.25
N MET B 423 -49.58 70.22 -51.40
CA MET B 423 -48.79 69.29 -50.62
C MET B 423 -49.70 68.40 -49.79
N LEU B 424 -50.64 69.01 -49.08
CA LEU B 424 -51.57 68.25 -48.28
C LEU B 424 -52.48 67.42 -49.17
N GLN B 425 -52.67 67.79 -50.42
CA GLN B 425 -53.46 66.97 -51.31
C GLN B 425 -52.72 65.70 -51.64
N ASN B 426 -51.46 65.84 -52.01
CA ASN B 426 -50.61 64.67 -52.11
C ASN B 426 -50.67 63.88 -50.82
N HIS B 427 -50.66 64.59 -49.68
CA HIS B 427 -50.74 63.94 -48.39
C HIS B 427 -52.07 63.24 -48.22
N ARG B 428 -53.10 63.74 -48.86
CA ARG B 428 -54.39 63.09 -48.79
C ARG B 428 -54.28 61.74 -49.48
N LYS B 429 -53.78 61.73 -50.70
CA LYS B 429 -53.52 60.46 -51.35
C LYS B 429 -52.64 59.60 -50.49
N LEU B 430 -51.72 60.23 -49.76
CA LEU B 430 -50.80 59.50 -48.93
C LEU B 430 -51.52 58.77 -47.83
N LEU B 431 -52.13 59.52 -46.93
CA LEU B 431 -52.87 58.92 -45.84
C LEU B 431 -53.92 57.99 -46.38
N ASP B 432 -54.39 58.26 -47.60
CA ASP B 432 -55.34 57.39 -48.25
C ASP B 432 -54.75 56.00 -48.42
N ILE B 433 -53.68 55.91 -49.20
CA ILE B 433 -53.03 54.63 -49.37
C ILE B 433 -52.57 54.10 -48.03
N LYS B 434 -52.35 54.99 -47.09
CA LYS B 434 -51.90 54.59 -45.77
C LYS B 434 -52.95 53.74 -45.09
N GLN B 435 -54.09 54.34 -44.80
CA GLN B 435 -55.17 53.59 -44.23
C GLN B 435 -55.53 52.40 -45.12
N LYS B 436 -55.37 52.55 -46.43
CA LYS B 436 -55.62 51.41 -47.31
C LYS B 436 -54.71 50.27 -46.93
N CYS B 437 -53.45 50.57 -46.71
CA CYS B 437 -52.52 49.56 -46.28
C CYS B 437 -52.93 49.00 -44.95
N THR B 438 -53.36 49.86 -44.04
CA THR B 438 -53.80 49.40 -42.74
C THR B 438 -54.93 48.40 -42.89
N THR B 439 -55.85 48.71 -43.78
CA THR B 439 -56.96 47.81 -44.03
C THR B 439 -56.45 46.50 -44.57
N ALA B 440 -55.64 46.56 -45.61
CA ALA B 440 -55.08 45.34 -46.15
C ALA B 440 -54.33 44.58 -45.09
N LYS B 441 -53.76 45.31 -44.15
CA LYS B 441 -53.03 44.67 -43.07
C LYS B 441 -53.97 43.88 -42.20
N GLN B 442 -55.04 44.52 -41.79
CA GLN B 442 -56.06 43.82 -41.03
C GLN B 442 -56.54 42.62 -41.82
N GLU B 443 -56.67 42.79 -43.13
CA GLU B 443 -57.15 41.71 -43.95
C GLU B 443 -56.18 40.55 -43.94
N LEU B 444 -54.90 40.86 -44.06
CA LEU B 444 -53.89 39.83 -43.95
C LEU B 444 -54.00 39.16 -42.61
N ALA B 445 -54.20 39.96 -41.58
CA ALA B 445 -54.38 39.42 -40.25
C ALA B 445 -55.55 38.46 -40.23
N ASN B 446 -56.59 38.78 -40.99
CA ASN B 446 -57.77 37.94 -40.99
C ASN B 446 -57.50 36.64 -41.72
N ASN B 447 -56.87 36.75 -42.88
CA ASN B 447 -56.47 35.55 -43.60
C ASN B 447 -55.61 34.70 -42.70
N LEU B 448 -54.74 35.35 -41.94
CA LEU B 448 -53.92 34.65 -40.99
C LEU B 448 -54.76 34.06 -39.89
N HIS B 449 -55.87 34.72 -39.56
CA HIS B 449 -56.74 34.16 -38.54
C HIS B 449 -57.31 32.85 -39.01
N VAL B 450 -57.80 32.84 -40.23
CA VAL B 450 -58.26 31.60 -40.84
C VAL B 450 -57.14 30.59 -40.84
N ARG B 451 -55.95 31.04 -41.20
CA ARG B 451 -54.79 30.18 -41.20
C ARG B 451 -54.67 29.53 -39.84
N LEU B 452 -54.45 30.35 -38.83
CA LEU B 452 -54.21 29.87 -37.48
C LEU B 452 -55.31 28.93 -37.05
N LYS B 453 -56.53 29.22 -37.48
CA LYS B 453 -57.63 28.32 -37.18
C LYS B 453 -57.34 26.94 -37.72
N TRP B 454 -57.08 26.85 -39.03
CA TRP B 454 -56.83 25.55 -39.63
C TRP B 454 -55.59 24.92 -39.04
N CYS B 455 -54.59 25.75 -38.76
CA CYS B 455 -53.34 25.28 -38.21
C CYS B 455 -53.58 24.60 -36.87
N CYS B 456 -54.26 25.28 -35.96
CA CYS B 456 -54.56 24.69 -34.67
C CYS B 456 -55.42 23.46 -34.85
N PHE B 457 -56.36 23.52 -35.81
CA PHE B 457 -57.20 22.36 -36.07
C PHE B 457 -56.35 21.14 -36.31
N VAL B 458 -55.35 21.27 -37.18
CA VAL B 458 -54.38 20.19 -37.33
C VAL B 458 -53.69 19.94 -36.00
N MET B 459 -53.18 21.00 -35.40
CA MET B 459 -52.59 20.93 -34.07
C MET B 459 -53.57 20.38 -33.06
N LEU B 460 -54.85 20.35 -33.41
CA LEU B 460 -55.79 19.55 -32.67
C LEU B 460 -56.01 18.20 -33.34
N HIS B 461 -56.53 18.21 -34.57
CA HIS B 461 -56.96 16.97 -35.20
C HIS B 461 -55.80 16.02 -35.34
N ALA B 462 -54.71 16.50 -35.94
CA ALA B 462 -53.54 15.65 -36.07
C ALA B 462 -52.93 15.37 -34.71
N ASP B 463 -52.69 16.43 -33.93
CA ASP B 463 -51.92 16.26 -32.71
C ASP B 463 -52.60 15.31 -31.74
N GLN B 464 -53.91 15.42 -31.61
CA GLN B 464 -54.64 14.41 -30.86
C GLN B 464 -54.39 13.05 -31.47
N ASP B 465 -54.64 12.92 -32.77
CA ASP B 465 -54.35 11.67 -33.44
C ASP B 465 -52.87 11.34 -33.33
N GLY B 466 -52.01 12.35 -33.29
CA GLY B 466 -50.59 12.07 -33.21
C GLY B 466 -50.19 11.41 -31.91
N GLU B 467 -50.62 12.00 -30.80
CA GLU B 467 -50.34 11.36 -29.53
C GLU B 467 -51.01 10.00 -29.47
N LYS B 468 -52.19 9.88 -30.09
CA LYS B 468 -52.85 8.59 -30.15
C LYS B 468 -51.97 7.58 -30.84
N LEU B 469 -51.32 8.00 -31.92
CA LEU B 469 -50.40 7.12 -32.60
C LEU B 469 -49.23 6.76 -31.70
N GLN B 470 -48.71 7.74 -30.96
CA GLN B 470 -47.64 7.44 -30.03
C GLN B 470 -48.07 6.35 -29.07
N ALA B 471 -49.32 6.44 -28.62
CA ALA B 471 -49.88 5.40 -27.77
C ALA B 471 -49.90 4.08 -28.49
N LEU B 472 -50.38 4.08 -29.73
CA LEU B 472 -50.38 2.86 -30.50
C LEU B 472 -48.98 2.30 -30.61
N LEU B 473 -47.99 3.18 -30.66
CA LEU B 473 -46.61 2.75 -30.78
C LEU B 473 -46.18 2.01 -29.54
N ARG B 474 -46.41 2.62 -28.39
CA ARG B 474 -46.11 1.92 -27.15
C ARG B 474 -46.87 0.61 -27.09
N LEU B 475 -48.09 0.62 -27.62
CA LEU B 475 -48.90 -0.59 -27.61
C LEU B 475 -48.25 -1.67 -28.45
N VAL B 476 -47.68 -1.28 -29.57
CA VAL B 476 -46.99 -2.25 -30.41
C VAL B 476 -45.76 -2.77 -29.69
N ILE B 477 -45.05 -1.87 -29.02
CA ILE B 477 -43.91 -2.29 -28.23
C ILE B 477 -44.34 -3.34 -27.23
N GLU B 478 -45.50 -3.14 -26.64
CA GLU B 478 -46.06 -4.14 -25.74
C GLU B 478 -46.39 -5.42 -26.49
N LEU B 479 -47.06 -5.29 -27.63
CA LEU B 479 -47.46 -6.45 -28.41
C LEU B 479 -46.25 -7.31 -28.72
N LEU B 480 -45.09 -6.68 -28.84
CA LEU B 480 -43.86 -7.41 -29.04
C LEU B 480 -43.37 -8.02 -27.74
N GLU B 481 -43.13 -7.17 -26.73
CA GLU B 481 -42.41 -7.60 -25.54
C GLU B 481 -43.19 -8.68 -24.79
N ARG B 482 -44.50 -8.50 -24.66
CA ARG B 482 -45.32 -9.47 -23.96
C ARG B 482 -45.28 -10.81 -24.66
N VAL B 483 -45.44 -10.80 -25.97
CA VAL B 483 -45.34 -12.03 -26.74
C VAL B 483 -43.99 -12.68 -26.51
N LYS B 484 -42.94 -11.85 -26.48
CA LYS B 484 -41.61 -12.36 -26.24
C LYS B 484 -41.54 -13.07 -24.91
N ILE B 485 -42.06 -12.42 -23.86
CA ILE B 485 -42.02 -13.02 -22.55
C ILE B 485 -42.83 -14.32 -22.55
N VAL B 486 -43.92 -14.33 -23.29
CA VAL B 486 -44.74 -15.52 -23.36
C VAL B 486 -43.94 -16.67 -23.95
N GLU B 487 -43.28 -16.41 -25.07
CA GLU B 487 -42.43 -17.44 -25.66
C GLU B 487 -41.33 -17.83 -24.70
N ALA B 488 -40.86 -16.86 -23.91
CA ALA B 488 -39.79 -17.14 -22.96
C ALA B 488 -40.23 -18.16 -21.94
N LEU B 489 -41.37 -17.90 -21.31
CA LEU B 489 -41.91 -18.85 -20.35
C LEU B 489 -42.20 -20.18 -21.02
N SER B 490 -42.59 -20.13 -22.30
CA SER B 490 -42.84 -21.36 -23.04
C SER B 490 -41.59 -22.21 -23.10
N THR B 491 -40.48 -21.61 -23.52
CA THR B 491 -39.21 -22.31 -23.52
C THR B 491 -38.87 -22.76 -22.10
N VAL B 492 -39.20 -21.94 -21.11
CA VAL B 492 -38.91 -22.23 -19.71
C VAL B 492 -39.53 -23.58 -19.38
N PRO B 493 -40.74 -23.88 -19.87
CA PRO B 493 -41.34 -25.20 -19.60
C PRO B 493 -40.40 -26.30 -19.99
N GLN B 494 -39.63 -26.07 -21.04
CA GLN B 494 -38.49 -26.91 -21.33
C GLN B 494 -37.26 -26.43 -20.57
N MET B 495 -37.00 -25.12 -20.61
CA MET B 495 -35.71 -24.54 -20.27
C MET B 495 -35.30 -24.74 -18.82
N TYR B 496 -36.09 -24.20 -17.89
CA TYR B 496 -35.70 -24.27 -16.50
C TYR B 496 -35.60 -25.73 -16.04
N CYS B 497 -36.49 -26.58 -16.55
CA CYS B 497 -36.49 -27.99 -16.18
C CYS B 497 -35.21 -28.68 -16.63
N LEU B 498 -34.87 -28.51 -17.91
CA LEU B 498 -33.64 -29.12 -18.40
C LEU B 498 -32.43 -28.55 -17.68
N ALA B 499 -32.45 -27.25 -17.38
CA ALA B 499 -31.36 -26.64 -16.64
C ALA B 499 -31.19 -27.31 -15.29
N VAL B 500 -32.30 -27.54 -14.60
CA VAL B 500 -32.24 -28.18 -13.30
C VAL B 500 -31.70 -29.60 -13.43
N VAL B 501 -32.16 -30.34 -14.44
CA VAL B 501 -31.69 -31.70 -14.62
C VAL B 501 -30.19 -31.72 -14.86
N GLU B 502 -29.73 -30.80 -15.71
CA GLU B 502 -28.31 -30.70 -15.99
C GLU B 502 -27.53 -30.32 -14.73
N VAL B 503 -28.06 -29.41 -13.93
CA VAL B 503 -27.39 -29.01 -12.71
C VAL B 503 -27.25 -30.20 -11.78
N VAL B 504 -28.29 -31.03 -11.71
CA VAL B 504 -28.26 -32.20 -10.84
C VAL B 504 -27.19 -33.19 -11.30
N ARG B 505 -27.20 -33.52 -12.59
CA ARG B 505 -26.21 -34.48 -13.09
C ARG B 505 -24.81 -33.93 -12.91
N ARG B 506 -24.63 -32.64 -13.16
CA ARG B 506 -23.34 -32.00 -12.97
C ARG B 506 -22.92 -32.04 -11.52
N LYS B 507 -23.84 -31.78 -10.61
CA LYS B 507 -23.50 -31.80 -9.19
C LYS B 507 -23.06 -33.19 -8.76
N MET B 508 -23.77 -34.22 -9.22
CA MET B 508 -23.40 -35.59 -8.83
C MET B 508 -22.03 -35.96 -9.38
N PHE B 509 -21.83 -35.77 -10.68
CA PHE B 509 -20.52 -36.08 -11.25
C PHE B 509 -19.45 -35.18 -10.66
N ILE B 510 -19.83 -33.99 -10.20
CA ILE B 510 -18.89 -33.06 -9.60
C ILE B 510 -18.47 -33.56 -8.24
N LYS B 511 -19.39 -34.14 -7.47
CA LYS B 511 -19.02 -34.81 -6.24
C LYS B 511 -18.05 -35.94 -6.54
N HIS B 512 -18.34 -36.71 -7.58
CA HIS B 512 -17.44 -37.79 -7.97
C HIS B 512 -16.04 -37.26 -8.27
N TYR B 513 -15.97 -36.25 -9.12
CA TYR B 513 -14.69 -35.71 -9.54
C TYR B 513 -13.98 -35.00 -8.40
N ARG B 514 -14.74 -34.38 -7.50
CA ARG B 514 -14.13 -33.76 -6.33
C ARG B 514 -13.48 -34.82 -5.45
N GLU B 515 -14.17 -35.95 -5.27
CA GLU B 515 -13.57 -37.04 -4.53
C GLU B 515 -12.30 -37.53 -5.20
N TRP B 516 -12.34 -37.66 -6.53
CA TRP B 516 -11.16 -38.15 -7.25
C TRP B 516 -9.98 -37.18 -7.11
N ALA B 517 -10.25 -35.89 -7.33
CA ALA B 517 -9.20 -34.89 -7.25
C ALA B 517 -8.63 -34.81 -5.83
N GLY B 518 -9.49 -34.88 -4.83
CA GLY B 518 -9.01 -34.86 -3.46
C GLY B 518 -8.17 -36.07 -3.14
N ALA B 519 -8.56 -37.24 -3.63
CA ALA B 519 -7.77 -38.44 -3.40
C ALA B 519 -6.40 -38.32 -4.04
N LEU B 520 -6.35 -37.83 -5.27
CA LEU B 520 -5.06 -37.61 -5.91
C LEU B 520 -4.25 -36.58 -5.14
N VAL B 521 -4.91 -35.56 -4.60
CA VAL B 521 -4.22 -34.54 -3.83
C VAL B 521 -3.64 -35.14 -2.56
N LYS B 522 -4.37 -36.07 -1.96
CA LYS B 522 -3.87 -36.74 -0.76
C LYS B 522 -2.65 -37.59 -1.09
N ASP B 523 -2.70 -38.30 -2.22
CA ASP B 523 -1.52 -39.04 -2.64
C ASP B 523 -0.35 -38.09 -2.87
N GLY B 524 -0.62 -36.93 -3.45
CA GLY B 524 0.42 -35.94 -3.64
C GLY B 524 0.97 -35.44 -2.32
N LYS B 525 0.11 -35.23 -1.34
CA LYS B 525 0.57 -34.83 -0.02
C LYS B 525 1.44 -35.92 0.58
N ARG B 526 1.06 -37.18 0.38
CA ARG B 526 1.86 -38.28 0.90
C ARG B 526 3.26 -38.28 0.28
N LEU B 527 3.32 -38.15 -1.05
CA LEU B 527 4.62 -38.12 -1.70
C LEU B 527 5.39 -36.87 -1.30
N TYR B 528 4.69 -35.77 -1.04
CA TYR B 528 5.34 -34.55 -0.59
C TYR B 528 5.94 -34.75 0.79
N GLU B 529 5.24 -35.46 1.65
CA GLU B 529 5.79 -35.82 2.95
C GLU B 529 7.00 -36.71 2.77
N ALA B 530 6.95 -37.62 1.80
CA ALA B 530 8.11 -38.46 1.53
C ALA B 530 9.31 -37.62 1.11
N GLU B 531 9.07 -36.65 0.24
CA GLU B 531 10.14 -35.76 -0.21
C GLU B 531 10.69 -34.93 0.94
N LYS B 532 9.80 -34.39 1.77
CA LYS B 532 10.25 -33.62 2.92
C LYS B 532 11.03 -34.49 3.89
N SER B 533 10.64 -35.76 4.01
CA SER B 533 11.36 -36.69 4.87
C SER B 533 12.76 -36.94 4.34
N LYS B 534 12.88 -37.19 3.03
CA LYS B 534 14.20 -37.27 2.42
C LYS B 534 14.97 -36.00 2.69
N ARG B 535 14.30 -34.85 2.55
CA ARG B 535 14.92 -33.56 2.80
C ARG B 535 15.50 -33.47 4.19
N GLU B 536 14.71 -33.75 5.21
CA GLU B 536 15.18 -33.61 6.59
C GLU B 536 16.29 -34.62 6.89
N SER B 537 16.06 -35.89 6.54
CA SER B 537 17.04 -36.93 6.84
C SER B 537 18.37 -36.61 6.17
N PHE B 538 18.38 -36.56 4.84
CA PHE B 538 19.62 -36.31 4.13
C PHE B 538 20.09 -34.87 4.24
N GLY B 539 19.33 -33.99 4.91
CA GLY B 539 19.83 -32.65 5.15
C GLY B 539 20.60 -32.56 6.46
N LYS B 540 20.08 -33.23 7.49
CA LYS B 540 20.88 -33.44 8.69
C LYS B 540 22.14 -34.22 8.33
N LEU B 541 22.01 -35.21 7.46
CA LEU B 541 23.19 -35.86 6.90
C LEU B 541 24.01 -34.86 6.09
N PHE B 542 23.34 -33.97 5.35
CA PHE B 542 24.04 -32.93 4.61
C PHE B 542 24.66 -31.92 5.56
N ARG B 543 23.99 -31.63 6.66
CA ARG B 543 24.62 -30.85 7.70
C ARG B 543 25.86 -31.56 8.23
N LYS B 544 25.96 -32.87 7.99
CA LYS B 544 27.13 -33.66 8.34
C LYS B 544 27.97 -34.07 7.13
N SER B 545 27.65 -33.57 5.94
CA SER B 545 28.39 -33.94 4.74
C SER B 545 29.74 -33.21 4.73
N PHE B 546 30.44 -33.31 3.60
CA PHE B 546 31.78 -32.75 3.48
C PHE B 546 31.75 -31.50 2.62
N LEU B 547 31.78 -30.33 3.27
CA LEU B 547 31.85 -29.02 2.61
C LEU B 547 30.99 -28.97 1.36
N ARG B 548 29.76 -29.43 1.51
CA ARG B 548 28.90 -29.76 0.37
C ARG B 548 28.47 -28.55 -0.43
N ASN B 549 28.68 -27.33 0.09
CA ASN B 549 28.24 -26.14 -0.60
C ASN B 549 28.73 -26.15 -2.04
N ARG B 550 30.01 -26.39 -2.22
CA ARG B 550 30.52 -26.72 -3.54
C ARG B 550 30.49 -28.21 -3.81
N LEU B 551 30.30 -29.03 -2.78
CA LEU B 551 30.46 -30.46 -2.92
C LEU B 551 29.14 -31.22 -2.99
N PHE B 552 28.02 -30.53 -3.12
CA PHE B 552 26.75 -31.25 -3.29
C PHE B 552 25.70 -30.32 -3.87
N ARG B 553 24.63 -30.93 -4.37
CA ARG B 553 23.50 -30.24 -4.98
C ARG B 553 22.36 -31.23 -5.24
N GLY B 554 21.34 -30.79 -5.95
CA GLY B 554 20.25 -31.66 -6.33
C GLY B 554 19.23 -31.82 -5.20
N LEU B 555 19.59 -32.58 -4.18
CA LEU B 555 18.75 -32.65 -2.99
C LEU B 555 18.90 -31.42 -2.11
N ASP B 556 19.61 -30.38 -2.58
CA ASP B 556 19.75 -29.16 -1.80
C ASP B 556 18.39 -28.58 -1.47
N SER B 557 17.39 -28.88 -2.27
CA SER B 557 16.00 -28.55 -1.99
C SER B 557 15.16 -29.75 -2.44
N TRP B 558 13.85 -29.55 -2.53
CA TRP B 558 12.94 -30.63 -2.89
C TRP B 558 12.04 -30.19 -4.03
N PRO B 559 11.47 -31.15 -4.78
CA PRO B 559 10.61 -30.80 -5.91
C PRO B 559 9.35 -30.10 -5.44
N PRO B 560 8.54 -29.58 -6.36
CA PRO B 560 7.45 -28.69 -5.95
C PRO B 560 6.38 -29.42 -5.16
N SER B 561 6.37 -29.19 -3.86
CA SER B 561 5.28 -29.65 -3.02
C SER B 561 4.12 -28.67 -3.01
N PHE B 562 4.27 -27.55 -3.71
CA PHE B 562 3.17 -26.61 -3.85
C PHE B 562 2.02 -27.27 -4.60
N CYS B 563 0.81 -26.77 -4.35
CA CYS B 563 -0.41 -27.39 -4.85
C CYS B 563 -0.59 -28.80 -4.28
N THR B 564 -0.59 -28.91 -2.94
CA THR B 564 -0.77 -30.18 -2.26
C THR B 564 -2.03 -30.24 -1.42
N GLN B 565 -2.49 -29.10 -0.88
CA GLN B 565 -3.74 -29.08 -0.14
C GLN B 565 -4.87 -29.58 -1.02
N LYS B 566 -5.72 -30.44 -0.46
CA LYS B 566 -6.71 -31.14 -1.26
C LYS B 566 -7.70 -30.16 -1.88
N PRO B 567 -8.29 -30.52 -3.01
CA PRO B 567 -9.16 -29.58 -3.72
C PRO B 567 -10.45 -29.34 -2.97
N ARG B 568 -11.13 -28.27 -3.35
CA ARG B 568 -12.44 -27.95 -2.82
C ARG B 568 -13.49 -28.80 -3.55
N LYS B 569 -14.77 -28.47 -3.37
CA LYS B 569 -15.85 -29.26 -3.94
C LYS B 569 -16.22 -28.75 -5.32
N PHE B 570 -16.14 -29.64 -6.33
CA PHE B 570 -16.62 -29.30 -7.66
C PHE B 570 -18.11 -29.02 -7.59
N ASP B 571 -18.54 -27.92 -8.20
CA ASP B 571 -19.91 -27.42 -8.08
C ASP B 571 -20.25 -27.21 -6.60
N CYS B 572 -19.43 -26.43 -5.91
CA CYS B 572 -19.52 -26.33 -4.46
C CYS B 572 -20.85 -25.74 -4.02
N GLU B 573 -21.20 -24.57 -4.54
CA GLU B 573 -22.31 -23.79 -4.01
C GLU B 573 -23.65 -24.18 -4.60
N LEU B 574 -23.77 -25.40 -5.12
CA LEU B 574 -24.91 -25.77 -5.95
C LEU B 574 -26.22 -25.70 -5.17
N PRO B 575 -27.34 -25.42 -5.86
CA PRO B 575 -28.65 -25.51 -5.22
C PRO B 575 -28.91 -26.93 -4.75
N ASP B 576 -29.87 -27.06 -3.84
CA ASP B 576 -29.89 -28.20 -2.94
C ASP B 576 -30.08 -29.52 -3.70
N ILE B 577 -29.74 -30.61 -3.02
CA ILE B 577 -29.61 -31.91 -3.64
C ILE B 577 -30.96 -32.53 -4.00
N SER B 578 -32.05 -32.05 -3.40
CA SER B 578 -33.36 -32.58 -3.77
C SER B 578 -33.65 -32.34 -5.24
N LEU B 579 -32.80 -31.58 -5.91
CA LEU B 579 -32.82 -31.54 -7.36
C LEU B 579 -32.68 -32.95 -7.94
N LYS B 580 -31.93 -33.83 -7.28
CA LYS B 580 -31.87 -35.22 -7.72
C LYS B 580 -33.24 -35.86 -7.61
N ASP B 581 -33.94 -35.59 -6.52
CA ASP B 581 -35.33 -36.05 -6.40
C ASP B 581 -36.18 -35.44 -7.50
N LEU B 582 -35.91 -34.19 -7.86
CA LEU B 582 -36.63 -33.59 -8.98
C LEU B 582 -36.36 -34.34 -10.28
N GLN B 583 -35.12 -34.74 -10.49
CA GLN B 583 -34.77 -35.49 -11.69
C GLN B 583 -35.52 -36.81 -11.71
N PHE B 584 -35.60 -37.48 -10.57
CA PHE B 584 -36.41 -38.68 -10.48
C PHE B 584 -37.88 -38.37 -10.77
N LEU B 585 -38.37 -37.24 -10.26
CA LEU B 585 -39.77 -36.88 -10.39
C LEU B 585 -40.15 -36.43 -11.79
N GLN B 586 -39.14 -36.15 -12.63
CA GLN B 586 -39.37 -35.74 -14.00
C GLN B 586 -40.40 -36.64 -14.69
N SER B 587 -40.28 -37.95 -14.49
CA SER B 587 -41.27 -38.86 -15.06
C SER B 587 -42.65 -38.65 -14.47
N PHE B 588 -42.74 -38.41 -13.16
CA PHE B 588 -44.04 -38.19 -12.53
C PHE B 588 -44.69 -36.92 -13.04
N CYS B 589 -43.92 -36.03 -13.65
CA CYS B 589 -44.42 -34.79 -14.25
C CYS B 589 -43.95 -34.74 -15.70
N PRO B 590 -44.48 -35.62 -16.54
CA PRO B 590 -43.92 -35.79 -17.90
C PRO B 590 -44.48 -34.83 -18.93
N SER B 591 -45.09 -33.72 -18.49
CA SER B 591 -45.71 -32.78 -19.41
C SER B 591 -44.74 -32.33 -20.51
N GLU B 592 -43.46 -32.16 -20.17
CA GLU B 592 -42.41 -31.82 -21.12
C GLU B 592 -41.17 -32.68 -20.85
N VAL B 593 -41.38 -33.99 -20.76
CA VAL B 593 -40.37 -34.89 -20.21
C VAL B 593 -39.11 -34.88 -21.07
N GLN B 594 -39.26 -34.95 -22.38
CA GLN B 594 -38.10 -35.05 -23.26
C GLN B 594 -37.18 -33.85 -23.04
N PRO B 595 -37.71 -32.62 -23.14
CA PRO B 595 -36.85 -31.45 -22.99
C PRO B 595 -36.14 -31.38 -21.66
N PHE B 596 -36.82 -31.72 -20.56
CA PHE B 596 -36.17 -31.72 -19.27
C PHE B 596 -35.06 -32.75 -19.19
N LEU B 597 -35.26 -33.90 -19.82
CA LEU B 597 -34.26 -34.95 -19.85
C LEU B 597 -33.04 -34.49 -20.63
N HIS C 5 68.36 6.57 -2.22
CA HIS C 5 68.37 6.31 -3.65
C HIS C 5 69.79 6.05 -4.15
N THR C 6 70.11 4.76 -4.34
CA THR C 6 71.44 4.33 -4.72
C THR C 6 71.36 3.30 -5.84
N GLU C 7 70.51 3.57 -6.84
CA GLU C 7 70.28 2.59 -7.90
C GLU C 7 71.55 2.29 -8.68
N ILE C 8 72.48 3.23 -8.74
CA ILE C 8 73.74 3.02 -9.43
C ILE C 8 74.85 3.01 -8.40
N LEU C 9 74.54 2.55 -7.19
CA LEU C 9 75.49 2.55 -6.09
C LEU C 9 75.27 1.30 -5.24
N ARG C 10 75.91 1.26 -4.08
CA ARG C 10 75.98 0.04 -3.28
C ARG C 10 74.61 -0.39 -2.76
N GLY C 11 73.77 0.59 -2.38
CA GLY C 11 72.48 0.25 -1.81
C GLY C 11 71.63 -0.60 -2.71
N LEU C 12 71.84 -0.50 -4.03
CA LEU C 12 71.20 -1.38 -4.99
C LEU C 12 72.12 -2.46 -5.52
N ARG C 13 73.44 -2.24 -5.48
CA ARG C 13 74.38 -3.27 -5.91
C ARG C 13 74.30 -4.50 -5.02
N PHE C 14 73.98 -4.30 -3.75
CA PHE C 14 73.74 -5.43 -2.85
C PHE C 14 72.32 -5.95 -2.92
N THR C 15 71.41 -5.28 -3.65
CA THR C 15 70.03 -5.71 -3.72
C THR C 15 69.88 -7.07 -4.40
N LEU C 16 70.84 -7.45 -5.24
CA LEU C 16 70.82 -8.80 -5.79
C LEU C 16 70.87 -9.84 -4.69
N LEU C 17 71.58 -9.55 -3.59
CA LEU C 17 71.60 -10.46 -2.46
C LEU C 17 70.21 -10.63 -1.86
N PHE C 18 69.49 -9.52 -1.68
CA PHE C 18 68.14 -9.61 -1.16
C PHE C 18 67.24 -10.38 -2.11
N VAL C 19 67.42 -10.17 -3.41
CA VAL C 19 66.63 -10.91 -4.40
C VAL C 19 66.89 -12.40 -4.28
N GLN C 20 68.17 -12.78 -4.17
CA GLN C 20 68.51 -14.19 -4.03
C GLN C 20 67.93 -14.76 -2.74
N HIS C 21 67.94 -13.96 -1.67
CA HIS C 21 67.37 -14.42 -0.41
C HIS C 21 65.87 -14.66 -0.54
N VAL C 22 65.17 -13.74 -1.19
CA VAL C 22 63.73 -13.92 -1.39
C VAL C 22 63.49 -15.16 -2.23
N LEU C 23 64.34 -15.39 -3.23
CA LEU C 23 64.25 -16.61 -4.01
C LEU C 23 64.41 -17.83 -3.11
N GLU C 24 65.40 -17.81 -2.24
CA GLU C 24 65.62 -18.92 -1.33
C GLU C 24 64.42 -19.11 -0.42
N ILE C 25 63.71 -18.02 -0.09
CA ILE C 25 62.56 -18.08 0.81
C ILE C 25 61.58 -19.14 0.36
N ALA C 26 61.61 -19.49 -0.92
CA ALA C 26 60.88 -20.64 -1.42
C ALA C 26 61.78 -21.78 -1.87
N ALA C 27 62.91 -21.45 -2.48
CA ALA C 27 63.82 -22.46 -3.02
C ALA C 27 64.24 -23.43 -1.93
N LEU C 28 63.82 -24.69 -2.09
CA LEU C 28 64.02 -25.71 -1.08
C LEU C 28 63.50 -25.22 0.27
N LYS C 29 62.39 -24.47 0.24
CA LYS C 29 61.87 -23.81 1.42
C LYS C 29 60.34 -23.91 1.48
N GLY C 30 59.80 -25.11 1.28
CA GLY C 30 58.38 -25.33 1.42
C GLY C 30 57.92 -25.50 2.85
N SER C 31 57.21 -24.52 3.40
CA SER C 31 56.77 -24.58 4.77
C SER C 31 55.54 -25.48 4.91
N ALA C 32 55.29 -25.92 6.13
CA ALA C 32 54.15 -26.78 6.40
C ALA C 32 53.88 -26.81 7.90
N SER C 33 52.63 -27.12 8.25
CA SER C 33 52.25 -27.26 9.65
C SER C 33 52.91 -28.47 10.31
N GLU C 34 53.30 -29.47 9.53
CA GLU C 34 54.01 -30.63 10.07
C GLU C 34 55.36 -30.28 10.66
N ALA C 35 55.79 -29.02 10.56
CA ALA C 35 57.05 -28.60 11.15
C ALA C 35 57.03 -28.84 12.66
N ALA C 36 58.14 -29.38 13.17
CA ALA C 36 58.20 -29.73 14.59
C ALA C 36 58.55 -28.53 15.45
N GLY C 37 59.74 -27.97 15.26
CA GLY C 37 60.15 -26.79 16.01
C GLY C 37 60.31 -27.07 17.49
N GLY C 38 60.52 -25.98 18.23
CA GLY C 38 60.55 -26.03 19.67
C GLY C 38 61.72 -26.79 20.23
N PRO C 39 61.71 -27.02 21.55
CA PRO C 39 62.80 -27.80 22.16
C PRO C 39 62.94 -29.19 21.58
N GLU C 40 61.83 -29.83 21.22
CA GLU C 40 61.82 -31.14 20.58
C GLU C 40 60.39 -31.37 20.10
N TYR C 41 60.13 -32.58 19.60
CA TYR C 41 58.78 -32.96 19.20
C TYR C 41 58.71 -34.47 19.11
N GLN C 42 57.56 -35.02 19.51
CA GLN C 42 57.38 -36.47 19.44
C GLN C 42 57.38 -36.93 17.98
N LEU C 43 58.29 -37.85 17.66
CA LEU C 43 58.38 -38.41 16.32
C LEU C 43 57.47 -39.61 16.13
N GLN C 44 56.71 -39.99 17.17
CA GLN C 44 55.82 -41.15 17.08
C GLN C 44 54.77 -40.99 15.98
N GLU C 45 54.46 -39.76 15.60
CA GLU C 45 53.53 -39.51 14.50
C GLU C 45 54.16 -38.61 13.43
N SER C 46 55.44 -38.29 13.54
CA SER C 46 56.08 -37.39 12.57
C SER C 46 56.03 -37.97 11.17
N VAL C 47 56.00 -39.29 11.05
CA VAL C 47 55.95 -39.92 9.72
C VAL C 47 54.68 -39.54 8.99
N VAL C 48 53.53 -39.66 9.67
CA VAL C 48 52.26 -39.30 9.04
C VAL C 48 52.21 -37.80 8.76
N ALA C 49 52.83 -37.00 9.63
CA ALA C 49 52.87 -35.56 9.41
C ALA C 49 53.62 -35.21 8.13
N ASP C 50 54.81 -35.80 7.96
CA ASP C 50 55.54 -35.62 6.72
C ASP C 50 54.77 -36.19 5.54
N GLN C 51 54.00 -37.27 5.76
CA GLN C 51 53.16 -37.81 4.70
C GLN C 51 52.13 -36.80 4.23
N ILE C 52 51.46 -36.15 5.19
CA ILE C 52 50.49 -35.12 4.84
C ILE C 52 51.19 -33.97 4.15
N SER C 53 52.39 -33.62 4.60
CA SER C 53 53.13 -32.54 3.98
C SER C 53 53.46 -32.86 2.53
N LEU C 54 54.05 -34.02 2.27
CA LEU C 54 54.55 -34.37 0.96
C LEU C 54 53.50 -35.00 0.05
N LEU C 55 52.27 -35.16 0.52
CA LEU C 55 51.19 -35.59 -0.37
C LEU C 55 50.97 -34.59 -1.48
N SER C 56 51.47 -33.37 -1.33
CA SER C 56 51.44 -32.32 -2.34
C SER C 56 52.85 -31.79 -2.59
N ARG C 57 53.79 -32.72 -2.80
CA ARG C 57 55.19 -32.36 -2.94
C ARG C 57 55.42 -31.46 -4.15
N GLU C 58 54.73 -31.72 -5.26
CA GLU C 58 54.87 -30.85 -6.42
C GLU C 58 53.89 -29.68 -6.40
N TRP C 59 52.85 -29.71 -5.57
CA TRP C 59 51.90 -28.60 -5.53
C TRP C 59 52.53 -27.36 -4.92
N GLY C 60 53.17 -27.51 -3.77
CA GLY C 60 53.96 -26.43 -3.23
C GLY C 60 55.06 -26.03 -4.19
N PHE C 61 55.61 -26.99 -4.93
CA PHE C 61 56.62 -26.68 -5.93
C PHE C 61 56.05 -25.77 -7.01
N ALA C 62 54.83 -26.03 -7.44
CA ALA C 62 54.21 -25.16 -8.43
C ALA C 62 53.94 -23.78 -7.84
N GLU C 63 53.46 -23.74 -6.61
CA GLU C 63 53.30 -22.45 -5.93
C GLU C 63 54.62 -21.71 -5.92
N GLN C 64 55.70 -22.43 -5.67
CA GLN C 64 57.03 -21.84 -5.67
C GLN C 64 57.41 -21.34 -7.05
N LEU C 65 57.07 -22.11 -8.08
CA LEU C 65 57.33 -21.67 -9.44
C LEU C 65 56.65 -20.33 -9.71
N VAL C 66 55.38 -20.24 -9.29
CA VAL C 66 54.64 -19.00 -9.46
C VAL C 66 55.34 -17.86 -8.73
N LEU C 67 55.76 -18.13 -7.49
CA LEU C 67 56.45 -17.10 -6.72
C LEU C 67 57.73 -16.65 -7.41
N TYR C 68 58.52 -17.60 -7.88
CA TYR C 68 59.80 -17.28 -8.52
C TYR C 68 59.58 -16.49 -9.79
N LEU C 69 58.43 -16.68 -10.44
CA LEU C 69 58.11 -15.88 -11.61
C LEU C 69 58.14 -14.38 -11.29
N LYS C 70 57.76 -14.02 -10.06
CA LYS C 70 57.70 -12.62 -9.68
C LYS C 70 59.05 -11.94 -9.79
N VAL C 71 60.14 -12.69 -9.63
CA VAL C 71 61.48 -12.13 -9.76
C VAL C 71 62.01 -12.43 -11.15
N ALA C 72 61.58 -13.54 -11.74
CA ALA C 72 62.11 -13.96 -13.03
C ALA C 72 61.64 -13.04 -14.16
N GLU C 73 60.43 -12.48 -14.04
CA GLU C 73 59.95 -11.55 -15.06
C GLU C 73 60.90 -10.37 -15.19
N LEU C 74 61.36 -9.83 -14.06
CA LEU C 74 62.36 -8.76 -14.07
C LEU C 74 63.75 -9.28 -14.40
N LEU C 75 64.05 -10.53 -14.05
CA LEU C 75 65.37 -11.09 -14.32
C LEU C 75 65.60 -11.23 -15.82
N SER C 76 64.55 -11.49 -16.59
CA SER C 76 64.70 -11.54 -18.04
C SER C 76 65.22 -10.20 -18.57
N SER C 77 64.61 -9.11 -18.14
CA SER C 77 65.08 -7.79 -18.56
C SER C 77 66.45 -7.47 -17.98
N GLY C 78 66.75 -7.97 -16.78
CA GLY C 78 68.09 -7.80 -16.24
C GLY C 78 69.13 -8.46 -17.11
N LEU C 79 68.83 -9.66 -17.61
CA LEU C 79 69.71 -10.31 -18.58
C LEU C 79 69.81 -9.47 -19.84
N GLN C 80 68.70 -8.93 -20.31
CA GLN C 80 68.72 -8.06 -21.47
C GLN C 80 69.64 -6.86 -21.24
N SER C 81 69.63 -6.32 -20.03
CA SER C 81 70.40 -5.14 -19.67
C SER C 81 71.81 -5.47 -19.19
N ALA C 82 72.16 -6.75 -19.10
CA ALA C 82 73.51 -7.12 -18.69
C ALA C 82 74.57 -6.49 -19.58
N ILE C 83 74.22 -6.16 -20.81
CA ILE C 83 75.10 -5.41 -21.70
C ILE C 83 74.73 -3.93 -21.63
N ASP C 84 75.73 -3.06 -21.76
CA ASP C 84 75.53 -1.62 -21.81
C ASP C 84 74.84 -1.11 -20.54
N GLN C 85 75.53 -1.28 -19.41
CA GLN C 85 75.04 -0.83 -18.12
C GLN C 85 75.79 0.40 -17.65
N ILE C 86 75.10 1.22 -16.83
CA ILE C 86 75.67 2.47 -16.35
C ILE C 86 75.48 2.53 -14.85
N ARG C 87 76.58 2.79 -14.15
CA ARG C 87 76.55 2.99 -12.71
C ARG C 87 77.73 3.87 -12.33
N ALA C 88 77.59 4.56 -11.20
CA ALA C 88 78.61 5.51 -10.78
C ALA C 88 78.96 5.38 -9.31
N GLY C 89 78.62 4.26 -8.67
CA GLY C 89 79.06 4.03 -7.31
C GLY C 89 80.57 4.07 -7.21
N LYS C 90 81.06 4.58 -6.10
CA LYS C 90 82.48 4.80 -5.89
C LYS C 90 83.07 3.68 -5.03
N LEU C 91 84.35 3.84 -4.69
CA LEU C 91 85.09 2.89 -3.85
C LEU C 91 85.13 1.50 -4.48
N CYS C 92 85.44 1.43 -5.78
CA CYS C 92 85.52 0.16 -6.49
C CYS C 92 86.50 0.30 -7.65
N LEU C 93 87.02 -0.85 -8.09
CA LEU C 93 87.96 -0.90 -9.19
C LEU C 93 87.50 -1.91 -10.23
N SER C 94 87.59 -1.52 -11.50
CA SER C 94 87.22 -2.37 -12.63
C SER C 94 85.78 -2.87 -12.51
N SER C 95 84.88 -2.00 -12.03
CA SER C 95 83.46 -2.31 -11.88
C SER C 95 83.24 -3.56 -11.02
N THR C 96 84.02 -3.69 -9.96
CA THR C 96 83.83 -4.81 -9.04
C THR C 96 82.49 -4.72 -8.33
N VAL C 97 82.07 -3.50 -7.99
CA VAL C 97 80.75 -3.34 -7.40
C VAL C 97 79.68 -3.72 -8.40
N LYS C 98 79.87 -3.36 -9.67
CA LYS C 98 78.97 -3.83 -10.70
C LYS C 98 78.93 -5.35 -10.71
N GLN C 99 80.10 -5.97 -10.59
CA GLN C 99 80.16 -7.42 -10.48
C GLN C 99 79.43 -7.91 -9.24
N VAL C 100 79.37 -7.08 -8.20
CA VAL C 100 78.75 -7.51 -6.95
C VAL C 100 77.28 -7.85 -7.17
N VAL C 101 76.58 -7.09 -8.03
CA VAL C 101 75.22 -7.46 -8.39
C VAL C 101 75.19 -8.41 -9.59
N ARG C 102 76.15 -8.29 -10.49
CA ARG C 102 76.09 -9.05 -11.74
C ARG C 102 76.38 -10.52 -11.53
N ARG C 103 77.17 -10.88 -10.52
CA ARG C 103 77.45 -12.30 -10.27
C ARG C 103 76.17 -13.02 -9.86
N LEU C 104 75.41 -12.42 -8.95
CA LEU C 104 74.11 -12.97 -8.60
C LEU C 104 73.18 -12.92 -9.80
N ASN C 105 73.23 -11.83 -10.57
CA ASN C 105 72.43 -11.73 -11.77
C ASN C 105 72.77 -12.83 -12.77
N GLU C 106 74.00 -13.33 -12.73
CA GLU C 106 74.44 -14.34 -13.68
C GLU C 106 73.64 -15.62 -13.57
N LEU C 107 72.91 -15.79 -12.46
CA LEU C 107 72.05 -16.94 -12.26
C LEU C 107 70.60 -16.67 -12.65
N TYR C 108 70.32 -15.55 -13.33
CA TYR C 108 68.94 -15.25 -13.69
C TYR C 108 68.40 -16.23 -14.73
N LYS C 109 69.25 -16.73 -15.62
CA LYS C 109 68.81 -17.73 -16.57
C LYS C 109 68.35 -18.99 -15.84
N ALA C 110 69.19 -19.49 -14.94
CA ALA C 110 68.76 -20.62 -14.12
C ALA C 110 67.59 -20.26 -13.23
N SER C 111 67.43 -18.98 -12.90
CA SER C 111 66.28 -18.55 -12.12
C SER C 111 65.00 -18.73 -12.91
N VAL C 112 65.01 -18.33 -14.18
CA VAL C 112 63.88 -18.61 -15.05
C VAL C 112 63.72 -20.12 -15.20
N VAL C 113 64.83 -20.84 -15.30
CA VAL C 113 64.78 -22.29 -15.46
C VAL C 113 64.06 -22.92 -14.29
N SER C 114 64.36 -22.48 -13.07
CA SER C 114 63.73 -23.05 -11.88
C SER C 114 62.30 -22.56 -11.71
N CYS C 115 62.06 -21.27 -11.98
CA CYS C 115 60.71 -20.75 -11.93
C CYS C 115 59.80 -21.51 -12.88
N GLN C 116 60.38 -22.10 -13.91
CA GLN C 116 59.61 -23.00 -14.76
C GLN C 116 59.59 -24.41 -14.18
N GLY C 117 60.75 -24.97 -13.88
CA GLY C 117 60.85 -26.38 -13.54
C GLY C 117 60.20 -26.75 -12.24
N LEU C 118 59.91 -25.78 -11.38
CA LEU C 118 59.22 -26.09 -10.15
C LEU C 118 57.79 -26.55 -10.41
N SER C 119 57.30 -26.38 -11.64
CA SER C 119 56.03 -26.95 -12.05
C SER C 119 56.01 -27.55 -13.46
N LEU C 120 57.08 -27.42 -14.24
CA LEU C 120 57.00 -27.73 -15.67
C LEU C 120 57.01 -29.23 -15.96
N ARG C 121 57.73 -30.02 -15.15
CA ARG C 121 58.01 -31.40 -15.51
C ARG C 121 56.73 -32.20 -15.75
N LEU C 122 55.80 -32.15 -14.80
CA LEU C 122 54.52 -32.85 -14.92
C LEU C 122 53.50 -31.96 -15.63
N GLN C 123 53.81 -31.67 -16.89
CA GLN C 123 52.95 -30.77 -17.67
C GLN C 123 51.55 -31.33 -17.83
N ARG C 124 51.44 -32.64 -18.10
CA ARG C 124 50.12 -33.24 -18.27
C ARG C 124 49.31 -33.13 -17.00
N PHE C 125 49.95 -33.37 -15.84
CA PHE C 125 49.28 -33.13 -14.58
C PHE C 125 48.93 -31.66 -14.42
N PHE C 126 49.83 -30.78 -14.84
CA PHE C 126 49.55 -29.34 -14.77
C PHE C 126 48.33 -28.97 -15.58
N LEU C 127 48.04 -29.74 -16.64
CA LEU C 127 46.82 -29.48 -17.41
C LEU C 127 45.58 -29.65 -16.53
N ASP C 128 45.54 -30.72 -15.75
CA ASP C 128 44.43 -30.91 -14.82
C ASP C 128 44.39 -29.79 -13.79
N LYS C 129 45.55 -29.41 -13.28
CA LYS C 129 45.63 -28.22 -12.44
C LYS C 129 45.17 -26.99 -13.22
N GLN C 130 45.64 -26.86 -14.45
CA GLN C 130 45.12 -25.80 -15.32
C GLN C 130 43.64 -26.00 -15.55
N ARG C 131 43.22 -27.24 -15.78
CA ARG C 131 41.79 -27.54 -15.83
C ARG C 131 41.11 -27.09 -14.56
N LEU C 132 41.75 -27.33 -13.41
CA LEU C 132 41.30 -26.67 -12.20
C LEU C 132 41.53 -25.16 -12.31
N LEU C 133 42.74 -24.75 -12.67
CA LEU C 133 43.09 -23.33 -12.71
C LEU C 133 42.28 -22.55 -13.73
N ASP C 134 41.64 -23.22 -14.69
CA ASP C 134 40.92 -22.52 -15.74
C ASP C 134 39.80 -21.65 -15.17
N ARG C 135 38.96 -22.22 -14.32
CA ARG C 135 37.96 -21.44 -13.63
C ARG C 135 38.32 -21.16 -12.20
N ILE C 136 39.43 -21.71 -11.72
CA ILE C 136 39.93 -21.38 -10.39
C ILE C 136 40.51 -19.98 -10.44
N HIS C 137 40.11 -19.15 -9.47
CA HIS C 137 40.70 -17.84 -9.36
C HIS C 137 42.21 -17.96 -9.18
N SER C 138 42.94 -17.09 -9.85
CA SER C 138 44.38 -17.12 -9.73
C SER C 138 44.80 -16.74 -8.31
N ILE C 139 46.04 -17.10 -7.97
CA ILE C 139 46.64 -16.75 -6.68
C ILE C 139 48.13 -16.59 -6.86
N THR C 140 48.63 -15.37 -6.65
CA THR C 140 50.06 -15.10 -6.75
C THR C 140 50.72 -15.70 -5.52
N ALA C 141 51.18 -16.95 -5.65
CA ALA C 141 51.65 -17.76 -4.53
C ALA C 141 52.82 -17.14 -3.79
N GLU C 142 53.35 -16.03 -4.33
CA GLU C 142 54.43 -15.32 -3.66
C GLU C 142 53.99 -14.68 -2.35
N ARG C 143 52.69 -14.63 -2.07
CA ARG C 143 52.22 -14.05 -0.82
C ARG C 143 52.71 -14.83 0.39
N LEU C 144 53.19 -16.06 0.21
CA LEU C 144 53.73 -16.84 1.31
C LEU C 144 54.92 -16.17 1.98
N ILE C 145 55.45 -15.08 1.42
CA ILE C 145 56.50 -14.33 2.09
C ILE C 145 55.95 -13.69 3.36
N PHE C 146 54.74 -13.14 3.30
CA PHE C 146 54.10 -12.62 4.51
C PHE C 146 53.88 -13.73 5.52
N SER C 147 53.52 -14.92 5.05
CA SER C 147 53.38 -16.07 5.93
C SER C 147 54.71 -16.41 6.59
N HIS C 148 55.80 -16.32 5.83
CA HIS C 148 57.13 -16.56 6.39
C HIS C 148 57.47 -15.55 7.48
N ALA C 149 57.18 -14.27 7.24
CA ALA C 149 57.44 -13.25 8.25
C ALA C 149 56.61 -13.49 9.50
N VAL C 150 55.34 -13.86 9.31
CA VAL C 150 54.47 -14.14 10.44
C VAL C 150 54.99 -15.33 11.24
N GLN C 151 55.37 -16.40 10.54
CA GLN C 151 55.90 -17.57 11.23
C GLN C 151 57.22 -17.24 11.93
N MET C 152 58.00 -16.33 11.37
CA MET C 152 59.25 -15.93 12.01
C MET C 152 58.98 -15.21 13.32
N VAL C 153 58.10 -14.21 13.28
CA VAL C 153 57.73 -13.52 14.51
C VAL C 153 57.13 -14.51 15.50
N GLN C 154 56.32 -15.45 15.00
CA GLN C 154 55.65 -16.41 15.85
C GLN C 154 56.64 -17.33 16.55
N SER C 155 57.62 -17.82 15.80
CA SER C 155 58.68 -18.62 16.41
C SER C 155 59.39 -17.81 17.48
N ALA C 156 59.84 -16.61 17.09
CA ALA C 156 60.63 -15.77 18.00
C ALA C 156 59.87 -15.45 19.28
N ALA C 157 58.55 -15.39 19.22
CA ALA C 157 57.77 -15.04 20.40
C ALA C 157 57.28 -16.24 21.19
N LEU C 158 56.96 -17.37 20.51
CA LEU C 158 56.22 -18.44 21.16
C LEU C 158 56.75 -19.82 20.81
N ASP C 159 58.01 -19.97 20.44
CA ASP C 159 58.58 -21.29 20.33
C ASP C 159 58.74 -21.90 21.71
N GLU C 160 58.78 -23.22 21.78
CA GLU C 160 59.03 -23.90 23.04
C GLU C 160 60.29 -23.33 23.68
N MET C 161 60.26 -23.25 25.01
CA MET C 161 61.30 -22.53 25.74
C MET C 161 62.61 -23.31 25.67
N PHE C 162 63.61 -22.80 26.41
CA PHE C 162 64.96 -23.34 26.55
C PHE C 162 65.86 -23.05 25.35
N GLN C 163 65.38 -22.29 24.37
CA GLN C 163 66.25 -21.88 23.28
C GLN C 163 67.26 -20.86 23.79
N HIS C 164 68.15 -20.41 22.91
CA HIS C 164 69.18 -19.46 23.29
C HIS C 164 68.62 -18.03 23.30
N ARG C 165 69.46 -17.07 23.70
CA ARG C 165 69.04 -15.68 23.82
C ARG C 165 69.02 -14.96 22.47
N GLU C 166 69.92 -15.32 21.55
CA GLU C 166 69.92 -14.68 20.24
C GLU C 166 68.64 -14.95 19.49
N GLY C 167 68.13 -16.17 19.57
CA GLY C 167 66.79 -16.48 19.09
C GLY C 167 66.57 -16.29 17.62
N CYS C 168 67.56 -16.62 16.78
CA CYS C 168 67.41 -16.52 15.33
C CYS C 168 66.94 -15.14 14.91
N VAL C 169 67.45 -14.12 15.59
CA VAL C 169 67.12 -12.72 15.32
C VAL C 169 67.46 -12.37 13.88
N PRO C 170 68.58 -12.86 13.35
CA PRO C 170 68.89 -12.59 11.95
C PRO C 170 67.85 -13.13 10.98
N ARG C 171 67.20 -14.24 11.31
CA ARG C 171 66.14 -14.76 10.44
C ARG C 171 65.00 -13.75 10.34
N TYR C 172 64.58 -13.20 11.49
CA TYR C 172 63.52 -12.21 11.48
C TYR C 172 63.99 -10.90 10.83
N HIS C 173 65.27 -10.57 10.97
CA HIS C 173 65.79 -9.39 10.27
C HIS C 173 65.71 -9.57 8.76
N LYS C 174 66.08 -10.76 8.27
CA LYS C 174 65.94 -11.05 6.85
C LYS C 174 64.49 -10.98 6.42
N ALA C 175 63.59 -11.48 7.26
CA ALA C 175 62.16 -11.36 6.96
C ALA C 175 61.76 -9.89 6.83
N LEU C 176 62.23 -9.07 7.75
CA LEU C 176 61.99 -7.63 7.66
C LEU C 176 62.54 -7.06 6.36
N LEU C 177 63.65 -7.61 5.88
CA LEU C 177 64.26 -7.17 4.63
C LEU C 177 63.45 -7.55 3.40
N LEU C 178 62.22 -8.05 3.55
CA LEU C 178 61.43 -8.45 2.40
C LEU C 178 61.07 -7.26 1.51
N LEU C 179 61.07 -6.04 2.07
CA LEU C 179 60.67 -4.85 1.34
C LEU C 179 61.51 -4.61 0.09
N GLU C 180 62.59 -5.38 -0.06
CA GLU C 180 63.44 -5.31 -1.24
C GLU C 180 62.89 -6.09 -2.42
N GLY C 181 61.63 -6.53 -2.40
CA GLY C 181 61.08 -7.20 -3.55
C GLY C 181 60.07 -8.31 -3.34
N LEU C 182 59.82 -8.70 -2.09
CA LEU C 182 58.85 -9.77 -1.85
C LEU C 182 57.44 -9.39 -2.26
N GLN C 183 57.16 -8.10 -2.45
CA GLN C 183 55.85 -7.63 -2.85
C GLN C 183 55.71 -7.48 -4.37
N HIS C 184 56.48 -8.23 -5.15
CA HIS C 184 56.41 -8.12 -6.60
C HIS C 184 55.14 -8.74 -7.15
N MET C 185 54.52 -9.66 -6.41
CA MET C 185 53.35 -10.39 -6.89
C MET C 185 52.10 -9.54 -6.72
N LEU C 186 50.93 -10.15 -6.90
CA LEU C 186 49.66 -9.44 -6.89
C LEU C 186 48.92 -9.64 -5.57
N SER C 187 48.29 -8.57 -5.11
CA SER C 187 47.58 -8.53 -3.83
C SER C 187 46.61 -7.35 -3.90
N ASP C 188 46.05 -6.97 -2.75
CA ASP C 188 45.06 -5.90 -2.68
C ASP C 188 45.77 -4.54 -2.67
N GLN C 189 45.01 -3.48 -2.34
CA GLN C 189 45.55 -2.13 -2.45
C GLN C 189 46.72 -1.90 -1.51
N ALA C 190 46.65 -2.45 -0.29
CA ALA C 190 47.72 -2.27 0.69
C ALA C 190 48.10 -3.57 1.40
N ASP C 191 47.88 -4.71 0.76
CA ASP C 191 48.32 -5.98 1.35
C ASP C 191 49.83 -6.05 1.44
N ILE C 192 50.53 -5.41 0.51
CA ILE C 192 51.99 -5.31 0.60
C ILE C 192 52.37 -4.52 1.83
N GLU C 193 51.65 -3.43 2.12
CA GLU C 193 51.90 -2.68 3.34
C GLU C 193 51.60 -3.52 4.57
N ASN C 194 50.56 -4.35 4.50
CA ASN C 194 50.26 -5.25 5.61
C ASN C 194 51.39 -6.24 5.84
N VAL C 195 51.93 -6.82 4.76
CA VAL C 195 53.05 -7.74 4.89
C VAL C 195 54.27 -7.01 5.44
N THR C 196 54.44 -5.74 5.06
CA THR C 196 55.53 -4.94 5.60
C THR C 196 55.36 -4.70 7.09
N LYS C 197 54.12 -4.48 7.54
CA LYS C 197 53.87 -4.33 8.97
C LYS C 197 54.17 -5.63 9.71
N CYS C 198 53.82 -6.77 9.09
CA CYS C 198 54.21 -8.06 9.65
C CYS C 198 55.73 -8.16 9.75
N LYS C 199 56.42 -7.68 8.72
CA LYS C 199 57.88 -7.66 8.75
C LYS C 199 58.39 -6.76 9.87
N LEU C 200 57.72 -5.63 10.11
CA LEU C 200 58.13 -4.74 11.19
C LEU C 200 57.96 -5.41 12.55
N CYS C 201 56.86 -6.13 12.74
CA CYS C 201 56.67 -6.89 13.97
C CYS C 201 57.74 -7.96 14.12
N ILE C 202 58.08 -8.64 13.03
CA ILE C 202 59.13 -9.67 13.08
C ILE C 202 60.48 -9.05 13.43
N GLU C 203 60.76 -7.85 12.90
CA GLU C 203 62.00 -7.16 13.24
C GLU C 203 62.03 -6.77 14.70
N ARG C 204 60.89 -6.31 15.23
CA ARG C 204 60.79 -6.04 16.66
C ARG C 204 61.09 -7.30 17.46
N ARG C 205 60.54 -8.44 17.03
CA ARG C 205 60.84 -9.70 17.71
C ARG C 205 62.33 -10.04 17.62
N LEU C 206 62.94 -9.79 16.47
CA LEU C 206 64.37 -10.05 16.31
C LEU C 206 65.18 -9.22 17.29
N SER C 207 64.82 -7.94 17.42
CA SER C 207 65.42 -7.11 18.45
C SER C 207 65.18 -7.70 19.83
N ALA C 208 64.00 -8.28 20.05
CA ALA C 208 63.74 -9.01 21.28
C ALA C 208 64.41 -10.37 21.29
N LEU C 209 64.60 -10.97 20.12
CA LEU C 209 65.24 -12.28 20.03
C LEU C 209 66.67 -12.22 20.53
N HIS D 5 -78.59 13.33 8.76
CA HIS D 5 -78.20 12.66 7.53
C HIS D 5 -76.73 12.85 7.25
N THR D 6 -76.26 12.30 6.12
CA THR D 6 -74.85 12.36 5.73
C THR D 6 -73.97 11.89 6.88
N GLU D 7 -74.38 10.81 7.53
CA GLU D 7 -73.77 10.34 8.75
C GLU D 7 -72.75 9.25 8.46
N ILE D 8 -72.24 8.62 9.53
CA ILE D 8 -71.30 7.52 9.38
C ILE D 8 -71.96 6.37 8.65
N LEU D 9 -73.25 6.13 8.91
CA LEU D 9 -73.98 5.09 8.19
C LEU D 9 -74.07 5.40 6.70
N ARG D 10 -74.29 6.66 6.35
CA ARG D 10 -74.36 7.03 4.93
C ARG D 10 -73.01 6.85 4.25
N GLY D 11 -71.94 7.31 4.89
CA GLY D 11 -70.61 7.08 4.35
C GLY D 11 -70.31 5.60 4.20
N LEU D 12 -70.77 4.80 5.17
CA LEU D 12 -70.62 3.36 5.09
C LEU D 12 -71.40 2.78 3.92
N ARG D 13 -72.60 3.29 3.66
CA ARG D 13 -73.37 2.81 2.53
C ARG D 13 -72.69 3.15 1.21
N PHE D 14 -72.09 4.34 1.12
CA PHE D 14 -71.35 4.70 -0.09
C PHE D 14 -70.15 3.77 -0.28
N THR D 15 -69.35 3.61 0.77
CA THR D 15 -68.22 2.69 0.68
C THR D 15 -68.69 1.26 0.46
N LEU D 16 -69.92 0.94 0.86
CA LEU D 16 -70.47 -0.39 0.66
C LEU D 16 -70.86 -0.60 -0.79
N LEU D 17 -71.37 0.44 -1.44
CA LEU D 17 -71.56 0.38 -2.88
C LEU D 17 -70.23 0.18 -3.58
N PHE D 18 -69.20 0.90 -3.13
CA PHE D 18 -67.87 0.71 -3.69
C PHE D 18 -67.38 -0.72 -3.47
N VAL D 19 -67.62 -1.25 -2.28
CA VAL D 19 -67.19 -2.60 -1.96
C VAL D 19 -67.96 -3.60 -2.81
N GLN D 20 -69.24 -3.33 -3.04
CA GLN D 20 -70.02 -4.19 -3.91
C GLN D 20 -69.46 -4.17 -5.32
N HIS D 21 -69.04 -3.01 -5.80
CA HIS D 21 -68.47 -2.93 -7.14
C HIS D 21 -67.16 -3.70 -7.22
N VAL D 22 -66.30 -3.51 -6.24
CA VAL D 22 -65.05 -4.25 -6.20
C VAL D 22 -65.33 -5.74 -6.09
N LEU D 23 -66.36 -6.10 -5.33
CA LEU D 23 -66.73 -7.50 -5.18
C LEU D 23 -67.30 -8.05 -6.46
N GLU D 24 -67.92 -7.21 -7.28
CA GLU D 24 -68.37 -7.67 -8.59
C GLU D 24 -67.18 -7.94 -9.49
N ILE D 25 -66.17 -7.06 -9.44
CA ILE D 25 -64.93 -7.36 -10.14
C ILE D 25 -64.36 -8.67 -9.66
N ALA D 26 -64.41 -8.88 -8.35
CA ALA D 26 -63.97 -10.15 -7.78
C ALA D 26 -64.82 -11.31 -8.29
N ALA D 27 -66.13 -11.09 -8.43
CA ALA D 27 -67.02 -12.15 -8.88
C ALA D 27 -66.67 -12.56 -10.30
N LEU D 28 -66.40 -11.59 -11.16
CA LEU D 28 -65.87 -11.90 -12.48
C LEU D 28 -64.57 -12.68 -12.34
N LYS D 29 -63.75 -12.31 -11.37
CA LYS D 29 -62.51 -13.05 -11.14
C LYS D 29 -62.77 -14.47 -10.68
N GLY D 30 -63.93 -14.74 -10.09
CA GLY D 30 -64.23 -16.06 -9.57
C GLY D 30 -64.53 -17.06 -10.66
N SER D 31 -63.58 -17.23 -11.59
CA SER D 31 -63.76 -18.09 -12.76
C SER D 31 -65.00 -17.67 -13.55
N ALA D 32 -65.20 -16.35 -13.68
CA ALA D 32 -66.39 -15.84 -14.35
C ALA D 32 -66.11 -14.66 -15.26
N SER D 33 -64.84 -14.32 -15.51
CA SER D 33 -64.53 -13.19 -16.37
C SER D 33 -64.93 -13.48 -17.81
N GLU D 34 -65.54 -12.48 -18.46
CA GLU D 34 -66.01 -12.62 -19.83
C GLU D 34 -66.43 -11.25 -20.33
N ALA D 35 -66.84 -11.21 -21.60
CA ALA D 35 -67.34 -10.00 -22.24
C ALA D 35 -66.31 -8.87 -22.26
N ALA D 36 -65.04 -9.22 -22.26
CA ALA D 36 -63.97 -8.24 -22.39
C ALA D 36 -63.51 -8.04 -23.83
N GLY D 37 -63.95 -8.89 -24.75
CA GLY D 37 -63.50 -8.77 -26.13
C GLY D 37 -64.02 -7.52 -26.81
N GLY D 38 -65.29 -7.18 -26.60
CA GLY D 38 -65.89 -6.03 -27.21
C GLY D 38 -65.98 -6.15 -28.73
N PRO D 39 -65.19 -5.36 -29.44
CA PRO D 39 -65.19 -5.43 -30.91
C PRO D 39 -64.66 -6.75 -31.42
N GLU D 40 -64.70 -6.94 -32.75
CA GLU D 40 -64.13 -8.13 -33.35
C GLU D 40 -62.65 -8.23 -32.99
N TYR D 41 -62.22 -9.43 -32.59
CA TYR D 41 -60.90 -9.60 -32.00
C TYR D 41 -60.32 -10.93 -32.45
N GLN D 42 -59.27 -11.36 -31.75
CA GLN D 42 -58.63 -12.65 -31.98
C GLN D 42 -59.54 -13.72 -31.38
N LEU D 43 -60.53 -14.13 -32.18
CA LEU D 43 -61.52 -15.09 -31.72
C LEU D 43 -60.90 -16.45 -31.39
N GLN D 44 -59.67 -16.70 -31.84
CA GLN D 44 -58.99 -17.95 -31.54
C GLN D 44 -58.81 -18.15 -30.04
N GLU D 45 -58.94 -17.08 -29.26
CA GLU D 45 -58.84 -17.15 -27.81
C GLU D 45 -59.80 -18.17 -27.21
N SER D 46 -60.73 -18.70 -28.00
CA SER D 46 -61.78 -19.59 -27.50
C SER D 46 -61.21 -20.73 -26.67
N VAL D 47 -60.11 -21.33 -27.12
CA VAL D 47 -59.44 -22.37 -26.36
C VAL D 47 -58.17 -21.84 -25.70
N VAL D 48 -57.40 -21.04 -26.44
CA VAL D 48 -56.12 -20.57 -25.93
C VAL D 48 -56.32 -19.74 -24.68
N ALA D 49 -57.01 -18.61 -24.80
CA ALA D 49 -57.20 -17.75 -23.64
C ALA D 49 -58.02 -18.44 -22.56
N ASP D 50 -58.93 -19.33 -22.95
CA ASP D 50 -59.71 -20.06 -21.97
C ASP D 50 -58.79 -20.85 -21.06
N GLN D 51 -57.91 -21.66 -21.64
CA GLN D 51 -56.94 -22.39 -20.83
C GLN D 51 -56.04 -21.42 -20.07
N ILE D 52 -55.63 -20.34 -20.74
CA ILE D 52 -54.64 -19.44 -20.14
C ILE D 52 -55.16 -18.81 -18.86
N SER D 53 -56.39 -18.34 -18.87
CA SER D 53 -56.96 -17.66 -17.72
C SER D 53 -57.85 -18.55 -16.87
N LEU D 54 -57.98 -19.84 -17.20
CA LEU D 54 -58.82 -20.71 -16.39
C LEU D 54 -58.12 -21.96 -15.86
N LEU D 55 -57.30 -22.61 -16.69
CA LEU D 55 -56.88 -23.97 -16.42
C LEU D 55 -56.17 -24.11 -15.08
N SER D 56 -55.41 -23.09 -14.70
CA SER D 56 -54.77 -23.11 -13.39
C SER D 56 -54.88 -21.76 -12.68
N ARG D 57 -56.01 -21.06 -12.81
CA ARG D 57 -56.13 -19.69 -12.32
C ARG D 57 -56.88 -19.57 -10.99
N GLU D 58 -56.86 -20.63 -10.16
CA GLU D 58 -57.60 -20.56 -8.90
C GLU D 58 -57.02 -19.54 -7.93
N TRP D 59 -55.79 -19.07 -8.16
CA TRP D 59 -55.22 -18.06 -7.28
C TRP D 59 -56.08 -16.81 -7.28
N GLY D 60 -56.56 -16.41 -8.44
CA GLY D 60 -57.46 -15.27 -8.50
C GLY D 60 -58.78 -15.52 -7.79
N PHE D 61 -59.35 -16.72 -7.97
CA PHE D 61 -60.61 -17.04 -7.31
C PHE D 61 -60.43 -16.97 -5.80
N ALA D 62 -59.30 -17.48 -5.31
CA ALA D 62 -59.00 -17.39 -3.89
C ALA D 62 -58.84 -15.93 -3.46
N GLU D 63 -58.16 -15.13 -4.27
CA GLU D 63 -58.03 -13.71 -3.97
C GLU D 63 -59.40 -13.07 -3.86
N GLN D 64 -60.32 -13.48 -4.73
CA GLN D 64 -61.67 -12.92 -4.70
C GLN D 64 -62.43 -13.35 -3.46
N LEU D 65 -62.28 -14.61 -3.04
CA LEU D 65 -62.97 -15.06 -1.84
C LEU D 65 -62.43 -14.33 -0.60
N VAL D 66 -61.10 -14.18 -0.52
CA VAL D 66 -60.52 -13.42 0.57
C VAL D 66 -60.97 -11.97 0.49
N LEU D 67 -61.16 -11.45 -0.73
CA LEU D 67 -61.69 -10.11 -0.88
C LEU D 67 -63.11 -10.02 -0.34
N TYR D 68 -63.92 -11.04 -0.57
CA TYR D 68 -65.25 -11.08 0.01
C TYR D 68 -65.17 -11.08 1.53
N LEU D 69 -64.23 -11.83 2.08
CA LEU D 69 -63.99 -11.80 3.52
C LEU D 69 -63.64 -10.39 3.98
N LYS D 70 -62.75 -9.72 3.25
CA LYS D 70 -62.33 -8.37 3.62
C LYS D 70 -63.50 -7.40 3.55
N VAL D 71 -64.37 -7.58 2.56
CA VAL D 71 -65.54 -6.72 2.44
C VAL D 71 -66.45 -6.90 3.65
N ALA D 72 -66.71 -8.15 4.02
CA ALA D 72 -67.56 -8.39 5.18
C ALA D 72 -66.95 -7.79 6.43
N GLU D 73 -65.65 -7.96 6.61
CA GLU D 73 -64.97 -7.41 7.78
C GLU D 73 -65.04 -5.89 7.79
N LEU D 74 -64.85 -5.26 6.62
CA LEU D 74 -64.91 -3.81 6.54
C LEU D 74 -66.32 -3.31 6.85
N LEU D 75 -67.33 -4.03 6.37
CA LEU D 75 -68.71 -3.67 6.70
C LEU D 75 -68.94 -3.75 8.20
N SER D 76 -68.45 -4.82 8.82
CA SER D 76 -68.57 -4.96 10.27
C SER D 76 -67.83 -3.85 11.00
N SER D 77 -66.65 -3.48 10.50
CA SER D 77 -65.84 -2.45 11.15
C SER D 77 -66.53 -1.09 11.07
N GLY D 78 -67.05 -0.75 9.90
CA GLY D 78 -67.81 0.49 9.79
C GLY D 78 -69.06 0.47 10.64
N LEU D 79 -69.73 -0.68 10.72
CA LEU D 79 -70.95 -0.79 11.51
C LEU D 79 -70.67 -0.58 12.99
N GLN D 80 -69.59 -1.17 13.50
CA GLN D 80 -69.31 -1.09 14.94
C GLN D 80 -69.18 0.34 15.42
N SER D 81 -68.87 1.26 14.50
CA SER D 81 -68.83 2.68 14.82
C SER D 81 -70.14 3.38 14.50
N ALA D 82 -70.65 3.18 13.28
CA ALA D 82 -71.82 3.93 12.84
C ALA D 82 -73.06 3.58 13.66
N ILE D 83 -73.30 2.28 13.87
CA ILE D 83 -74.47 1.88 14.63
C ILE D 83 -74.35 2.29 16.09
N ASP D 84 -73.13 2.22 16.63
CA ASP D 84 -72.90 2.66 18.00
C ASP D 84 -73.24 4.14 18.15
N GLN D 85 -72.83 4.95 17.17
CA GLN D 85 -73.20 6.36 17.19
C GLN D 85 -74.70 6.55 17.04
N ILE D 86 -75.31 5.79 16.13
CA ILE D 86 -76.74 5.97 15.85
C ILE D 86 -77.57 5.66 17.09
N ARG D 87 -77.24 4.57 17.76
CA ARG D 87 -77.86 4.28 19.05
C ARG D 87 -77.55 5.37 20.06
N ALA D 88 -76.29 5.82 20.09
CA ALA D 88 -75.97 7.01 20.86
C ALA D 88 -76.69 8.22 20.31
N GLY D 89 -76.87 8.29 19.00
CA GLY D 89 -77.70 9.33 18.40
C GLY D 89 -77.07 10.70 18.27
N LYS D 90 -75.77 10.78 18.01
CA LYS D 90 -75.11 12.08 17.87
C LYS D 90 -75.46 12.77 16.55
N LEU D 91 -76.15 12.09 15.64
CA LEU D 91 -76.45 12.62 14.32
C LEU D 91 -77.85 13.24 14.30
N CYS D 92 -78.31 13.60 13.10
CA CYS D 92 -79.60 14.23 12.93
C CYS D 92 -80.75 13.24 13.05
N LEU D 93 -80.57 12.00 12.57
CA LEU D 93 -81.63 10.99 12.57
C LEU D 93 -82.86 11.49 11.82
N SER D 94 -82.66 12.31 10.80
CA SER D 94 -83.74 12.84 9.99
C SER D 94 -84.00 12.02 8.74
N SER D 95 -83.27 10.91 8.56
CA SER D 95 -83.36 10.11 7.35
C SER D 95 -83.39 8.63 7.72
N THR D 96 -83.71 7.80 6.73
CA THR D 96 -83.97 6.38 6.93
C THR D 96 -82.92 5.48 6.27
N VAL D 97 -81.64 5.85 6.35
CA VAL D 97 -80.59 5.01 5.79
C VAL D 97 -80.37 3.73 6.58
N LYS D 98 -81.12 3.52 7.66
CA LYS D 98 -80.86 2.38 8.53
C LYS D 98 -81.19 1.04 7.86
N GLN D 99 -82.32 0.98 7.14
CA GLN D 99 -82.67 -0.26 6.45
C GLN D 99 -81.66 -0.60 5.38
N VAL D 100 -81.17 0.43 4.66
CA VAL D 100 -80.14 0.19 3.67
C VAL D 100 -78.85 -0.29 4.33
N VAL D 101 -78.52 0.29 5.49
CA VAL D 101 -77.35 -0.18 6.23
C VAL D 101 -77.53 -1.62 6.64
N ARG D 102 -78.75 -2.00 7.01
CA ARG D 102 -79.04 -3.38 7.34
C ARG D 102 -78.87 -4.28 6.13
N ARG D 103 -79.30 -3.79 4.96
CA ARG D 103 -79.10 -4.55 3.73
C ARG D 103 -77.62 -4.76 3.46
N LEU D 104 -76.81 -3.72 3.67
CA LEU D 104 -75.37 -3.85 3.52
C LEU D 104 -74.81 -4.87 4.51
N ASN D 105 -75.35 -4.86 5.74
CA ASN D 105 -74.90 -5.83 6.72
C ASN D 105 -75.21 -7.26 6.28
N GLU D 106 -76.41 -7.48 5.75
CA GLU D 106 -76.76 -8.80 5.24
C GLU D 106 -75.85 -9.19 4.08
N LEU D 107 -75.50 -8.21 3.25
CA LEU D 107 -74.54 -8.46 2.18
C LEU D 107 -73.21 -8.89 2.75
N TYR D 108 -72.77 -8.24 3.83
CA TYR D 108 -71.54 -8.65 4.48
C TYR D 108 -71.65 -10.08 4.99
N LYS D 109 -72.80 -10.41 5.57
CA LYS D 109 -73.02 -11.78 6.02
C LYS D 109 -72.85 -12.76 4.88
N ALA D 110 -73.47 -12.45 3.74
CA ALA D 110 -73.36 -13.32 2.59
C ALA D 110 -71.92 -13.41 2.11
N SER D 111 -71.20 -12.28 2.11
CA SER D 111 -69.82 -12.28 1.64
C SER D 111 -68.94 -13.14 2.54
N VAL D 112 -69.15 -13.04 3.85
CA VAL D 112 -68.39 -13.87 4.78
C VAL D 112 -68.75 -15.32 4.57
N VAL D 113 -70.01 -15.60 4.29
CA VAL D 113 -70.43 -16.97 4.02
C VAL D 113 -69.69 -17.50 2.79
N SER D 114 -69.58 -16.67 1.76
CA SER D 114 -68.84 -17.06 0.56
C SER D 114 -67.38 -17.32 0.89
N CYS D 115 -66.78 -16.44 1.70
CA CYS D 115 -65.38 -16.60 2.07
C CYS D 115 -65.17 -17.91 2.81
N GLN D 116 -66.07 -18.24 3.74
CA GLN D 116 -65.92 -19.46 4.52
C GLN D 116 -66.15 -20.69 3.66
N GLY D 117 -67.21 -20.67 2.85
CA GLY D 117 -67.47 -21.80 1.97
C GLY D 117 -66.33 -22.05 1.01
N LEU D 118 -65.70 -20.97 0.54
CA LEU D 118 -64.49 -21.13 -0.26
C LEU D 118 -63.36 -21.71 0.58
N SER D 119 -63.18 -21.18 1.80
CA SER D 119 -62.08 -21.63 2.65
C SER D 119 -62.17 -23.12 2.94
N LEU D 120 -63.38 -23.68 2.90
CA LEU D 120 -63.55 -25.10 3.17
C LEU D 120 -62.60 -25.96 2.35
N ARG D 121 -62.45 -25.64 1.06
CA ARG D 121 -61.47 -26.31 0.22
C ARG D 121 -60.19 -25.51 0.05
N LEU D 122 -60.27 -24.18 0.23
CA LEU D 122 -59.08 -23.34 0.12
C LEU D 122 -58.06 -23.68 1.18
N GLN D 123 -58.48 -24.37 2.25
CA GLN D 123 -57.52 -24.84 3.23
C GLN D 123 -56.53 -25.83 2.59
N ARG D 124 -57.05 -26.87 1.93
CA ARG D 124 -56.17 -27.80 1.24
C ARG D 124 -55.50 -27.11 0.06
N PHE D 125 -56.19 -26.18 -0.58
CA PHE D 125 -55.58 -25.42 -1.67
C PHE D 125 -54.32 -24.71 -1.19
N PHE D 126 -54.44 -23.96 -0.09
CA PHE D 126 -53.27 -23.31 0.50
C PHE D 126 -52.29 -24.35 1.02
N LEU D 127 -52.78 -25.52 1.40
CA LEU D 127 -51.89 -26.60 1.80
C LEU D 127 -50.99 -27.02 0.65
N ASP D 128 -51.48 -26.91 -0.58
CA ASP D 128 -50.63 -27.13 -1.74
C ASP D 128 -49.53 -26.07 -1.79
N LYS D 129 -48.30 -26.45 -1.47
CA LYS D 129 -47.16 -25.52 -1.44
C LYS D 129 -47.42 -24.36 -0.47
N GLN D 130 -47.71 -24.71 0.78
CA GLN D 130 -48.03 -23.69 1.77
C GLN D 130 -46.84 -22.77 2.02
N ARG D 131 -45.63 -23.34 2.10
CA ARG D 131 -44.45 -22.49 2.19
C ARG D 131 -44.39 -21.56 1.00
N LEU D 132 -44.70 -22.08 -0.18
CA LEU D 132 -44.79 -21.24 -1.36
C LEU D 132 -45.91 -20.23 -1.20
N LEU D 133 -47.05 -20.64 -0.64
CA LEU D 133 -48.12 -19.70 -0.36
C LEU D 133 -47.62 -18.56 0.50
N ASP D 134 -46.69 -18.85 1.39
CA ASP D 134 -46.05 -17.81 2.19
C ASP D 134 -45.06 -17.06 1.33
N ARG D 135 -44.26 -16.21 1.99
CA ARG D 135 -43.24 -15.40 1.34
C ARG D 135 -43.83 -14.42 0.35
N ILE D 136 -45.14 -14.20 0.40
CA ILE D 136 -45.75 -13.18 -0.44
C ILE D 136 -45.20 -11.81 -0.11
N HIS D 137 -44.82 -11.58 1.14
CA HIS D 137 -44.40 -10.25 1.61
C HIS D 137 -45.55 -9.30 1.27
N SER D 138 -45.30 -8.22 0.53
CA SER D 138 -46.37 -7.30 0.17
C SER D 138 -47.50 -8.04 -0.56
N ILE D 139 -48.73 -7.65 -0.24
CA ILE D 139 -49.91 -8.22 -0.89
C ILE D 139 -51.08 -7.28 -0.62
N THR D 140 -52.08 -7.34 -1.49
CA THR D 140 -53.31 -6.57 -1.28
C THR D 140 -54.41 -7.24 -2.10
N ALA D 141 -55.38 -7.85 -1.42
CA ALA D 141 -56.43 -8.60 -2.11
C ALA D 141 -57.19 -7.70 -3.09
N GLU D 142 -57.36 -6.44 -2.74
CA GLU D 142 -57.97 -5.49 -3.67
C GLU D 142 -57.19 -5.43 -4.97
N ARG D 143 -55.87 -5.25 -4.87
CA ARG D 143 -55.05 -5.12 -6.07
C ARG D 143 -55.13 -6.37 -6.94
N LEU D 144 -55.35 -7.53 -6.32
CA LEU D 144 -55.31 -8.80 -7.05
C LEU D 144 -56.20 -8.77 -8.28
N ILE D 145 -57.43 -8.28 -8.13
CA ILE D 145 -58.29 -8.09 -9.28
C ILE D 145 -58.35 -6.64 -9.73
N PHE D 146 -57.78 -5.70 -8.94
CA PHE D 146 -57.73 -4.32 -9.39
C PHE D 146 -56.87 -4.19 -10.62
N SER D 147 -55.80 -4.99 -10.71
CA SER D 147 -54.99 -5.01 -11.92
C SER D 147 -55.81 -5.46 -13.12
N HIS D 148 -56.61 -6.51 -12.95
CA HIS D 148 -57.46 -6.99 -14.04
C HIS D 148 -58.48 -5.94 -14.44
N ALA D 149 -59.09 -5.29 -13.44
CA ALA D 149 -60.08 -4.26 -13.73
C ALA D 149 -59.45 -3.08 -14.45
N VAL D 150 -58.24 -2.69 -14.04
CA VAL D 150 -57.54 -1.60 -14.70
C VAL D 150 -57.20 -1.99 -16.13
N GLN D 151 -56.82 -3.25 -16.35
CA GLN D 151 -56.56 -3.72 -17.70
C GLN D 151 -57.84 -3.66 -18.56
N MET D 152 -58.97 -4.06 -17.99
CA MET D 152 -60.23 -3.98 -18.72
C MET D 152 -60.58 -2.54 -19.06
N VAL D 153 -60.38 -1.64 -18.09
CA VAL D 153 -60.60 -0.21 -18.34
C VAL D 153 -59.68 0.27 -19.43
N GLN D 154 -58.45 -0.24 -19.44
CA GLN D 154 -57.50 0.13 -20.49
C GLN D 154 -57.99 -0.33 -21.86
N SER D 155 -58.53 -1.54 -21.95
CA SER D 155 -59.07 -2.01 -23.22
C SER D 155 -60.24 -1.13 -23.66
N ALA D 156 -61.13 -0.80 -22.73
CA ALA D 156 -62.26 0.06 -23.05
C ALA D 156 -61.76 1.41 -23.55
N ALA D 157 -60.79 1.99 -22.87
CA ALA D 157 -60.28 3.30 -23.26
C ALA D 157 -59.48 3.23 -24.55
N LEU D 158 -58.86 2.09 -24.85
CA LEU D 158 -58.23 1.91 -26.15
C LEU D 158 -59.28 1.94 -27.24
N ASP D 159 -60.42 1.29 -27.00
CA ASP D 159 -61.54 1.41 -27.91
C ASP D 159 -62.07 2.84 -27.95
N GLU D 160 -61.90 3.58 -26.86
CA GLU D 160 -62.52 4.90 -26.73
C GLU D 160 -61.73 5.98 -27.45
N MET D 161 -60.48 6.19 -27.04
CA MET D 161 -59.66 7.24 -27.61
C MET D 161 -59.47 7.07 -29.11
N PHE D 162 -59.67 5.85 -29.61
CA PHE D 162 -59.72 5.59 -31.04
C PHE D 162 -61.16 5.41 -31.53
N GLN D 163 -62.15 5.59 -30.66
CA GLN D 163 -63.57 5.52 -30.97
C GLN D 163 -64.02 4.14 -31.44
N HIS D 164 -63.27 3.09 -31.13
CA HIS D 164 -63.71 1.74 -31.47
C HIS D 164 -64.94 1.31 -30.68
N ARG D 165 -65.30 2.06 -29.64
CA ARG D 165 -66.49 1.77 -28.86
C ARG D 165 -66.93 3.06 -28.18
N GLU D 166 -67.99 2.96 -27.38
CA GLU D 166 -68.51 4.09 -26.61
C GLU D 166 -68.97 3.60 -25.25
N GLY D 167 -68.99 4.52 -24.28
CA GLY D 167 -69.34 4.19 -22.91
C GLY D 167 -69.42 5.41 -22.03
N CYS D 168 -68.85 5.32 -20.83
CA CYS D 168 -68.86 6.45 -19.91
C CYS D 168 -67.63 6.38 -19.01
N VAL D 169 -67.26 7.53 -18.46
CA VAL D 169 -66.22 7.62 -17.45
C VAL D 169 -66.63 6.67 -16.32
N PRO D 170 -67.90 6.60 -15.99
CA PRO D 170 -68.35 5.71 -14.92
C PRO D 170 -68.02 4.25 -15.18
N ARG D 171 -67.91 3.84 -16.45
CA ARG D 171 -67.59 2.46 -16.76
C ARG D 171 -66.29 2.04 -16.10
N TYR D 172 -65.28 2.91 -16.17
CA TYR D 172 -64.06 2.69 -15.41
C TYR D 172 -64.21 3.11 -13.96
N HIS D 173 -65.06 4.11 -13.70
CA HIS D 173 -65.21 4.58 -12.33
C HIS D 173 -65.66 3.46 -11.40
N LYS D 174 -66.45 2.52 -11.93
CA LYS D 174 -66.98 1.39 -11.17
C LYS D 174 -65.92 0.71 -10.32
N ALA D 175 -64.66 0.80 -10.74
CA ALA D 175 -63.54 0.31 -9.96
C ALA D 175 -62.61 1.44 -9.52
N LEU D 176 -62.30 2.37 -10.41
CA LEU D 176 -61.36 3.43 -10.06
C LEU D 176 -61.90 4.32 -8.95
N LEU D 177 -63.11 4.84 -9.12
CA LEU D 177 -63.73 5.63 -8.08
C LEU D 177 -64.10 4.77 -6.88
N LEU D 178 -64.30 3.47 -7.08
CA LEU D 178 -64.46 2.56 -5.95
C LEU D 178 -63.22 2.61 -5.07
N LEU D 179 -62.04 2.58 -5.69
CA LEU D 179 -60.81 2.75 -4.95
C LEU D 179 -60.70 4.16 -4.37
N GLU D 180 -61.14 5.16 -5.13
CA GLU D 180 -61.10 6.54 -4.65
C GLU D 180 -61.86 6.69 -3.34
N GLY D 181 -63.09 6.20 -3.32
CA GLY D 181 -63.81 6.07 -2.07
C GLY D 181 -63.19 5.02 -1.18
N LEU D 182 -63.48 5.12 0.11
CA LEU D 182 -62.82 4.28 1.12
C LEU D 182 -61.31 4.40 0.99
N GLN D 183 -60.84 5.63 0.80
CA GLN D 183 -59.42 5.87 0.53
C GLN D 183 -58.53 5.53 1.72
N HIS D 184 -59.10 5.41 2.92
CA HIS D 184 -58.28 5.01 4.07
C HIS D 184 -57.62 3.66 3.81
N MET D 185 -58.30 2.76 3.08
CA MET D 185 -57.68 1.52 2.66
C MET D 185 -56.51 1.74 1.71
N LEU D 186 -56.41 2.92 1.11
CA LEU D 186 -55.25 3.29 0.29
C LEU D 186 -54.58 4.55 0.81
N SER D 187 -54.84 4.93 2.06
CA SER D 187 -54.25 6.10 2.68
C SER D 187 -53.17 5.65 3.64
N ASP D 188 -51.99 6.29 3.56
CA ASP D 188 -50.83 5.95 4.38
C ASP D 188 -50.40 4.51 4.13
N GLN D 189 -50.02 4.24 2.88
CA GLN D 189 -49.57 2.92 2.47
C GLN D 189 -48.51 3.06 1.39
N ALA D 190 -47.77 1.96 1.17
CA ALA D 190 -46.67 1.99 0.20
C ALA D 190 -47.18 2.31 -1.20
N ASP D 191 -48.28 1.69 -1.60
CA ASP D 191 -48.89 1.91 -2.91
C ASP D 191 -50.11 2.80 -2.81
N ILE D 192 -50.02 3.87 -2.03
CA ILE D 192 -51.16 4.76 -1.76
C ILE D 192 -51.71 5.32 -3.06
N GLU D 193 -52.98 5.75 -3.04
CA GLU D 193 -53.67 6.29 -4.21
C GLU D 193 -53.75 5.23 -5.31
N ASN D 194 -54.39 4.10 -4.97
CA ASN D 194 -54.34 2.92 -5.82
C ASN D 194 -54.93 3.18 -7.20
N VAL D 195 -55.86 4.11 -7.32
CA VAL D 195 -56.49 4.38 -8.61
C VAL D 195 -56.47 5.87 -8.92
N THR D 196 -55.50 6.59 -8.36
CA THR D 196 -55.46 8.03 -8.55
C THR D 196 -55.32 8.39 -10.02
N LYS D 197 -54.53 7.63 -10.76
CA LYS D 197 -54.30 7.94 -12.18
C LYS D 197 -55.56 7.73 -13.01
N CYS D 198 -56.22 6.58 -12.83
CA CYS D 198 -57.47 6.36 -13.53
C CYS D 198 -58.51 7.39 -13.14
N LYS D 199 -58.50 7.82 -11.87
CA LYS D 199 -59.44 8.85 -11.43
C LYS D 199 -59.16 10.17 -12.11
N LEU D 200 -57.89 10.55 -12.22
CA LEU D 200 -57.54 11.76 -12.92
C LEU D 200 -57.94 11.68 -14.38
N CYS D 201 -57.75 10.51 -15.01
CA CYS D 201 -58.18 10.33 -16.40
C CYS D 201 -59.68 10.51 -16.52
N ILE D 202 -60.44 9.91 -15.59
CA ILE D 202 -61.89 9.98 -15.63
C ILE D 202 -62.38 11.40 -15.38
N GLU D 203 -61.62 12.19 -14.62
CA GLU D 203 -62.00 13.59 -14.41
C GLU D 203 -62.17 14.31 -15.73
N ARG D 204 -61.15 14.23 -16.59
CA ARG D 204 -61.26 14.81 -17.92
C ARG D 204 -62.29 14.06 -18.76
N ARG D 205 -62.28 12.73 -18.69
CA ARG D 205 -63.14 11.93 -19.55
C ARG D 205 -64.62 12.09 -19.23
N LEU D 206 -64.94 12.71 -18.09
CA LEU D 206 -66.34 12.89 -17.72
C LEU D 206 -67.10 13.66 -18.79
N SER D 207 -66.44 14.63 -19.42
CA SER D 207 -67.11 15.43 -20.45
C SER D 207 -67.48 14.58 -21.65
N ALA D 208 -66.56 13.72 -22.12
CA ALA D 208 -66.88 12.84 -23.24
C ALA D 208 -67.96 11.85 -22.85
N LEU D 209 -67.99 11.42 -21.60
CA LEU D 209 -69.03 10.55 -21.09
C LEU D 209 -70.39 11.23 -21.19
N ASP E 100 57.54 -5.85 22.60
CA ASP E 100 57.67 -7.09 23.35
C ASP E 100 57.33 -8.30 22.50
N LEU E 101 57.88 -9.47 22.87
CA LEU E 101 57.44 -10.70 22.23
C LEU E 101 55.95 -10.89 22.42
N GLY E 102 55.44 -10.55 23.61
CA GLY E 102 54.00 -10.48 23.81
C GLY E 102 53.35 -9.42 22.93
N THR E 103 54.01 -8.26 22.80
CA THR E 103 53.51 -7.25 21.88
C THR E 103 53.57 -7.75 20.44
N PHE E 104 54.60 -8.52 20.10
CA PHE E 104 54.67 -9.10 18.76
C PHE E 104 53.51 -10.05 18.50
N TYR E 105 53.20 -10.92 19.46
CA TYR E 105 52.07 -11.82 19.29
C TYR E 105 50.75 -11.04 19.29
N ARG E 106 50.70 -9.92 20.00
CA ARG E 106 49.52 -9.06 19.93
C ARG E 106 49.35 -8.49 18.53
N GLU E 107 50.46 -8.09 17.91
CA GLU E 107 50.41 -7.66 16.51
C GLU E 107 49.93 -8.79 15.61
N PHE E 108 50.43 -10.00 15.85
CA PHE E 108 49.94 -11.20 15.17
C PHE E 108 50.37 -12.41 15.98
N GLN E 109 49.39 -13.13 16.53
CA GLN E 109 49.70 -14.36 17.25
C GLN E 109 49.99 -15.50 16.28
N ASN E 110 49.06 -15.76 15.37
CA ASN E 110 49.24 -16.70 14.28
C ASN E 110 48.22 -16.43 13.20
N PRO E 111 48.27 -15.26 12.54
CA PRO E 111 47.38 -15.03 11.41
C PRO E 111 47.65 -16.04 10.32
N PRO E 112 46.61 -16.50 9.62
CA PRO E 112 46.78 -17.61 8.68
C PRO E 112 47.21 -17.16 7.30
N GLN E 113 47.71 -18.11 6.52
CA GLN E 113 48.21 -17.83 5.18
C GLN E 113 47.06 -17.58 4.22
N LEU E 114 47.27 -16.62 3.33
CA LEU E 114 46.26 -16.23 2.35
C LEU E 114 46.67 -16.61 0.94
N SER E 125 40.05 -18.89 -13.43
CA SER E 125 40.70 -18.03 -14.41
C SER E 125 42.19 -17.95 -14.11
N MET E 126 42.68 -18.96 -13.39
CA MET E 126 44.11 -19.02 -13.10
C MET E 126 44.92 -19.60 -14.25
N ALA E 127 44.29 -20.27 -15.20
CA ALA E 127 45.04 -20.85 -16.31
C ALA E 127 45.58 -19.79 -17.28
N GLU E 128 45.09 -18.56 -17.19
CA GLU E 128 45.51 -17.50 -18.10
C GLU E 128 45.84 -16.19 -17.41
N ASP E 129 45.60 -16.06 -16.11
CA ASP E 129 45.87 -14.78 -15.44
C ASP E 129 47.33 -14.39 -15.54
N LEU E 130 48.23 -15.37 -15.66
CA LEU E 130 49.65 -15.10 -15.88
C LEU E 130 50.26 -16.08 -16.87
N ASP E 131 49.48 -16.53 -17.84
CA ASP E 131 49.89 -17.63 -18.71
C ASP E 131 51.03 -17.26 -19.65
N SER E 132 51.39 -16.00 -19.75
CA SER E 132 52.40 -15.59 -20.73
C SER E 132 53.81 -16.02 -20.35
N LEU E 133 53.95 -16.90 -19.36
CA LEU E 133 55.27 -17.28 -18.83
C LEU E 133 56.24 -17.74 -19.90
N PRO E 134 55.85 -18.59 -20.86
CA PRO E 134 56.83 -19.04 -21.86
C PRO E 134 57.45 -17.90 -22.65
N GLU E 135 56.73 -16.78 -22.79
CA GLU E 135 57.26 -15.65 -23.56
C GLU E 135 58.53 -15.09 -22.91
N LYS E 136 58.40 -14.55 -21.69
CA LYS E 136 59.57 -14.05 -20.99
C LYS E 136 60.58 -15.15 -20.74
N LEU E 137 60.12 -16.39 -20.60
CA LEU E 137 61.04 -17.52 -20.44
C LEU E 137 61.98 -17.63 -21.62
N ALA E 138 61.44 -17.67 -22.83
CA ALA E 138 62.27 -17.74 -24.02
C ALA E 138 63.09 -16.46 -24.20
N VAL E 139 62.51 -15.32 -23.80
CA VAL E 139 63.25 -14.07 -23.89
C VAL E 139 64.52 -14.15 -23.06
N HIS E 140 64.41 -14.67 -21.84
CA HIS E 140 65.59 -14.83 -20.99
C HIS E 140 66.52 -15.90 -21.53
N GLU E 141 65.96 -16.99 -22.07
CA GLU E 141 66.80 -18.06 -22.61
C GLU E 141 67.65 -17.56 -23.76
N LYS E 142 67.14 -16.59 -24.52
CA LYS E 142 67.95 -15.96 -25.56
C LYS E 142 68.89 -14.91 -24.97
N ASN E 143 68.44 -14.19 -23.94
CA ASN E 143 69.19 -13.05 -23.41
C ASN E 143 70.40 -13.47 -22.60
N VAL E 144 70.40 -14.68 -22.03
CA VAL E 144 71.51 -15.10 -21.18
C VAL E 144 72.84 -15.12 -21.92
N ARG E 145 72.82 -14.93 -23.24
CA ARG E 145 74.04 -15.02 -24.04
C ARG E 145 75.07 -13.97 -23.63
N GLU E 146 74.62 -12.81 -23.17
CA GLU E 146 75.55 -11.76 -22.78
C GLU E 146 76.43 -12.22 -21.63
N PHE E 147 75.81 -12.80 -20.59
CA PHE E 147 76.60 -13.32 -19.48
C PHE E 147 77.35 -14.59 -19.90
N ASP E 148 76.75 -15.38 -20.79
CA ASP E 148 77.43 -16.58 -21.27
C ASP E 148 78.73 -16.22 -21.95
N ALA E 149 78.76 -15.09 -22.65
CA ALA E 149 80.00 -14.63 -23.28
C ALA E 149 80.88 -13.91 -22.27
N PHE E 150 80.45 -12.74 -21.80
CA PHE E 150 81.13 -11.98 -20.75
C PHE E 150 82.64 -11.96 -20.94
N VAL E 151 83.08 -11.38 -22.06
CA VAL E 151 84.50 -11.37 -22.39
C VAL E 151 85.31 -10.62 -21.36
N GLU E 152 84.75 -9.58 -20.74
CA GLU E 152 85.43 -8.86 -19.67
C GLU E 152 84.39 -8.34 -18.69
N THR E 153 84.67 -8.50 -17.40
CA THR E 153 83.73 -8.11 -16.37
C THR E 153 83.60 -6.59 -16.30
N LEU E 154 82.39 -6.13 -16.02
CA LEU E 154 82.12 -4.70 -15.94
C LEU E 154 80.84 -4.43 -15.16
N ASP F 100 -57.96 14.92 -24.59
CA ASP F 100 -57.52 15.46 -23.31
C ASP F 100 -57.05 14.34 -22.39
N LEU F 101 -57.92 13.36 -22.19
CA LEU F 101 -57.61 12.26 -21.29
C LEU F 101 -56.43 11.43 -21.77
N GLY F 102 -56.09 11.50 -23.05
CA GLY F 102 -54.98 10.72 -23.56
C GLY F 102 -53.65 11.11 -22.94
N THR F 103 -53.49 12.38 -22.59
CA THR F 103 -52.26 12.82 -21.94
C THR F 103 -51.97 11.99 -20.71
N PHE F 104 -53.01 11.75 -19.90
CA PHE F 104 -52.87 10.84 -18.77
C PHE F 104 -52.80 9.39 -19.23
N TYR F 105 -53.58 9.02 -20.25
CA TYR F 105 -53.60 7.64 -20.72
C TYR F 105 -52.21 7.17 -21.07
N ARG F 106 -51.36 8.11 -21.50
CA ARG F 106 -49.94 7.81 -21.63
C ARG F 106 -49.35 7.38 -20.30
N GLU F 107 -49.67 8.09 -19.22
CA GLU F 107 -49.09 7.77 -17.92
C GLU F 107 -49.62 6.44 -17.40
N PHE F 108 -50.93 6.21 -17.53
CA PHE F 108 -51.55 4.97 -17.07
C PHE F 108 -51.29 3.87 -18.11
N GLN F 109 -50.13 3.22 -17.97
CA GLN F 109 -49.78 2.08 -18.80
C GLN F 109 -49.88 0.77 -18.04
N ASN F 110 -49.20 0.69 -16.90
CA ASN F 110 -49.15 -0.50 -16.07
C ASN F 110 -49.40 -0.11 -14.62
N PRO F 111 -49.87 -1.05 -13.80
CA PRO F 111 -50.27 -0.68 -12.45
C PRO F 111 -49.11 -0.83 -11.47
N PRO F 112 -49.00 0.08 -10.50
CA PRO F 112 -47.98 -0.09 -9.46
C PRO F 112 -48.28 -1.30 -8.57
N GLN F 113 -47.22 -1.91 -8.08
CA GLN F 113 -47.35 -3.12 -7.28
C GLN F 113 -47.84 -2.78 -5.88
N LEU F 114 -47.89 -3.79 -5.03
CA LEU F 114 -48.31 -3.60 -3.64
C LEU F 114 -47.32 -2.74 -2.88
N SER F 125 -45.61 -13.66 3.09
CA SER F 125 -46.08 -14.58 4.12
C SER F 125 -47.58 -14.76 4.03
N MET F 126 -48.08 -14.98 2.81
CA MET F 126 -49.52 -15.07 2.61
C MET F 126 -50.09 -16.30 3.30
N ALA F 127 -49.34 -17.40 3.32
CA ALA F 127 -49.83 -18.62 3.97
C ALA F 127 -50.05 -18.41 5.46
N GLU F 128 -49.11 -17.73 6.13
CA GLU F 128 -49.26 -17.52 7.56
C GLU F 128 -50.45 -16.64 7.87
N ASP F 129 -50.61 -15.54 7.13
CA ASP F 129 -51.78 -14.69 7.32
C ASP F 129 -53.06 -15.44 7.04
N LEU F 130 -53.06 -16.28 6.00
CA LEU F 130 -54.24 -17.08 5.69
C LEU F 130 -54.57 -18.03 6.84
N ASP F 131 -53.56 -18.67 7.41
CA ASP F 131 -53.79 -19.56 8.54
C ASP F 131 -54.36 -18.80 9.72
N SER F 132 -53.83 -17.60 9.99
CA SER F 132 -54.30 -16.79 11.11
C SER F 132 -55.65 -16.16 10.86
N LEU F 133 -56.09 -16.10 9.60
CA LEU F 133 -57.32 -15.40 9.26
C LEU F 133 -58.55 -15.91 10.00
N PRO F 134 -58.73 -17.22 10.22
CA PRO F 134 -60.02 -17.71 10.75
C PRO F 134 -60.47 -16.99 11.99
N GLU F 135 -59.55 -16.51 12.81
CA GLU F 135 -59.93 -15.73 13.99
C GLU F 135 -60.63 -14.44 13.58
N LYS F 136 -60.01 -13.67 12.68
CA LYS F 136 -60.64 -12.44 12.21
C LYS F 136 -61.94 -12.74 11.49
N LEU F 137 -62.02 -13.89 10.82
CA LEU F 137 -63.25 -14.26 10.13
C LEU F 137 -64.38 -14.49 11.11
N ALA F 138 -64.15 -15.32 12.12
CA ALA F 138 -65.18 -15.56 13.13
C ALA F 138 -65.48 -14.27 13.89
N VAL F 139 -64.48 -13.41 14.03
CA VAL F 139 -64.73 -12.11 14.66
C VAL F 139 -65.69 -11.30 13.82
N HIS F 140 -65.52 -11.33 12.50
CA HIS F 140 -66.47 -10.68 11.61
C HIS F 140 -67.84 -11.30 11.75
N GLU F 141 -67.91 -12.62 11.91
CA GLU F 141 -69.18 -13.28 12.13
C GLU F 141 -69.87 -12.75 13.37
N LYS F 142 -69.11 -12.62 14.46
CA LYS F 142 -69.69 -12.15 15.72
C LYS F 142 -70.12 -10.69 15.61
N ASN F 143 -69.30 -9.85 15.00
CA ASN F 143 -69.68 -8.46 14.80
C ASN F 143 -70.93 -8.37 13.95
N VAL F 144 -71.08 -9.29 13.00
CA VAL F 144 -72.29 -9.34 12.20
C VAL F 144 -73.48 -9.74 13.04
N ARG F 145 -73.29 -10.68 13.96
CA ARG F 145 -74.37 -11.04 14.86
C ARG F 145 -74.79 -9.85 15.70
N GLU F 146 -73.81 -9.10 16.20
CA GLU F 146 -74.12 -7.90 16.98
C GLU F 146 -74.83 -6.86 16.12
N PHE F 147 -74.40 -6.73 14.86
CA PHE F 147 -75.05 -5.80 13.96
C PHE F 147 -76.49 -6.21 13.71
N ASP F 148 -76.73 -7.51 13.56
CA ASP F 148 -78.10 -7.99 13.41
C ASP F 148 -78.92 -7.66 14.65
N ALA F 149 -78.31 -7.80 15.83
CA ALA F 149 -78.99 -7.42 17.06
C ALA F 149 -79.39 -5.95 17.03
N PHE F 150 -78.46 -5.09 16.67
CA PHE F 150 -78.75 -3.65 16.63
C PHE F 150 -79.82 -3.35 15.59
N VAL F 151 -79.77 -4.03 14.45
CA VAL F 151 -80.73 -3.79 13.38
C VAL F 151 -82.12 -4.18 13.83
N GLU F 152 -82.24 -5.32 14.51
CA GLU F 152 -83.52 -5.70 15.07
C GLU F 152 -83.98 -4.67 16.09
N THR F 153 -83.05 -4.18 16.91
CA THR F 153 -83.36 -3.02 17.74
C THR F 153 -83.71 -1.83 16.87
N LEU F 154 -82.99 -1.63 15.78
CA LEU F 154 -83.31 -0.58 14.84
C LEU F 154 -84.58 -0.90 14.07
#